data_1T03
#
_entry.id   1T03
#
_cell.length_a   166.780
_cell.length_b   166.780
_cell.length_c   221.130
_cell.angle_alpha   90.00
_cell.angle_beta   90.00
_cell.angle_gamma   120.00
#
_symmetry.space_group_name_H-M   'P 32 1 2'
#
loop_
_entity.id
_entity.type
_entity.pdbx_description
1 polymer 'Synthetic oligonucleotide template'
2 polymer 'Synthetic oligonucleotide primer'
3 polymer 'POL polyprotein'
4 polymer 'POL polyprotein'
5 polymer 'monoclonal antibody light chain'
6 polymer 'monoclonal antibody heavy chain'
7 non-polymer 'MAGNESIUM ION'
#
loop_
_entity_poly.entity_id
_entity_poly.type
_entity_poly.pdbx_seq_one_letter_code
_entity_poly.pdbx_strand_id
1 'polydeoxyribonucleotide'
;(DA)(DT)(DG)(DC)(DA)(DT)(DG)(DG)(DC)(DG)(DC)(DC)(DC)(DG)(DA)(DA)(DC)(DA)(DG)(DG)
(DG)(DA)(DC)(DT)(DG)(DT)(DG)
;
T
2 'polydeoxyribonucleotide'
;(DA)(DC)(DA)(DG)(DT)(DC)(DC)(DC)(DT)(DG)(DT)(DT)(DC)(DG)(DG)(MRG)(DC)(DG)(DC)
(DC)(TFO)
;
P
3 'polypeptide(L)'
;PISPIETVPVKLKPGMDGPKVKQWPLTEEKIKALVEICTEMEKEGKISKIGPENPYNTPVFAIKKKDSTKWRKLVDFREL
NKRTQDFWEVQLGIPHPAGLKKKKSVTVLDVGDAYFSVPLDEDFRKYTAFTIPSINNETPGIRYQYNVLPQGWKGSPAIF
QSSMTKILEPFKKQNPDIVIYQYMDDLYVGSDLEIGQHRTKIEELRQHLLRWGLTTPDKKHQKEPPFLWMGYELHPDKWT
VQPIVLPEKDSWTVNDICKLVGKLNWASQIYPGIKVRQLSKLLRGTKALTEVIPLTEEAELELAENREILKEPVHGVYYD
PSKDLIAEIQKQGQGQWTYQIYQEPFKNLKTGKYARMRGAHTNDVKQLTEAVQKITTESIVIWGKTPKFKLPIQKETWET
WWTEYWQATWIPEWEFVNTPPLVKLWYQLEKEPIVGAETFYVDGAANRETKLGKAGYVTNKGRQKVVPLTNTTNQKTELQ
AIYLALQDSGLEVNIVTDSQYALGIIQAQPDKSESELVNQIIEQLIKKEKVYLAWVPAHKGIGGNEQVDKLVSAGIRK
;
A
4 'polypeptide(L)'
;PISPIETVPVKLKPGMDGPKVKQWPLTEEKIKALVEICTEMEKEGKISKIGPENPYNTPVFAIKKKDSTKWRKLVDFREL
NKRTQDFWEVQLGIPHPAGLKKKKSVTVLDVGDAYFSVPLDEDFRKYTAFTIPSINNETPGIRYQYNVLPQGWKGSPAIF
QSSMTKILEPFKKQNPDIVIYQYMDDLYVGSDLEIGQHRTKIEELRQHLLRWGLTTPDKKHQKEPPFLWMGYELHPDKWT
VQPIVLPEKDSWTVNDIQKLVGKLNWASQIYPGIKVRQLSKLLRGTKALTEVIPLTEEAELELAENREILKEPVHGVYYD
PSKDLIAEIQKQGQGQWTYQIYQEPFKNLKTGKYARMRGAHTNDVKQLTEAVQKITTESIVIWGKTPKFKLPIQKETWET
WWTEYWQATWIPEWEFVNTPPLVKLWYQLGGHHHHHH
;
B
5 'polypeptide(L)'
;DIQMTQTTSSLSASLGDRVTISCSASQDISSYLNWYQQKPEGTVKLLIYYTSSLHSGVPSRFSGSGSGTDYSLTISNLEP
EDIATYYCQQYSKFPWTFGGGTKLEIKRADAAPTVSIFPPSSEQLTSGGASVVCFLNNFYPKDINVKWKIDGSERQNGVL
NSWTDQDSKDSTYSMSSTLTLTKDEYERHNSYTCEATHKTSTSPIVKSFNR
;
L
6 'polypeptide(L)'
;QITLKESGPGIVQPSQPFRLTCTFSGFSLSTSGIGVTWIRQPSGKGLEWLATIWWDDDNRYNPSLKSRLTVSKDTSNNQA
FLNMMTVETADTAIYYCAQSAITSVTDSAMDHWGQGTSVTVSSAKTTPPSVYPLAPGSAAQTNSMVTLGCLVKGYFPEPV
TVTWNSGSLSSGVHTFPAVLQSDLYTLSSSVTVPSSTWPSETVTCNVAHPASSTKVDKKIVPADC
;
H
#
loop_
_chem_comp.id
_chem_comp.type
_chem_comp.name
_chem_comp.formula
DA DNA linking 2'-DEOXYADENOSINE-5'-MONOPHOSPHATE 'C10 H14 N5 O6 P'
DC DNA linking 2'-DEOXYCYTIDINE-5'-MONOPHOSPHATE 'C9 H14 N3 O7 P'
DG DNA linking 2'-DEOXYGUANOSINE-5'-MONOPHOSPHATE 'C10 H14 N5 O7 P'
DT DNA linking THYMIDINE-5'-MONOPHOSPHATE 'C10 H15 N2 O8 P'
MG non-polymer 'MAGNESIUM ION' 'Mg 2'
MRG DNA linking N2-(3-MERCAPTOPROPYL)-2'-DEOXYGUANOSINE-5'-MONOPHOSPHATE 'C13 H20 N5 O7 P S'
TFO DNA linking '[2-(6-AMINO-9H-PURIN-9-YL)-1-METHYLETHOXY]METHYLPHOSPHONIC ACID' 'C9 H14 N5 O4 P'
#
# COMPACT_ATOMS: atom_id res chain seq x y z
P MRG B 16 -28.97 20.30 32.33
OP1 MRG B 16 -29.80 20.86 33.43
OP2 MRG B 16 -27.83 21.08 31.79
O5' MRG B 16 -28.42 18.89 32.85
N9 MRG B 16 -26.39 15.47 31.87
C4 MRG B 16 -25.64 14.53 31.24
N3 MRG B 16 -25.44 13.26 31.67
C2 MRG B 16 -24.66 12.58 30.86
N1 MRG B 16 -24.12 13.11 29.71
C6 MRG B 16 -24.30 14.41 29.25
O6 MRG B 16 -23.76 14.79 28.20
C5 MRG B 16 -25.14 15.14 30.12
N7 MRG B 16 -25.58 16.46 30.05
C8 MRG B 16 -26.32 16.61 31.11
N2 MRG B 16 -24.37 11.31 31.13
C2' MRG B 16 -26.39 15.78 34.34
C5' MRG B 16 -29.22 18.11 33.74
C4' MRG B 16 -28.48 16.87 34.17
O4' MRG B 16 -28.36 15.96 33.04
C1' MRG B 16 -27.12 15.27 33.11
C3' MRG B 16 -27.05 17.11 34.61
O3' MRG B 16 -26.98 17.17 36.03
P TFO B 21 -6.26 19.26 37.06
P TFO B 21 -6.39 19.10 37.47
OP2 TFO B 21 -6.78 20.48 36.36
OP2 TFO B 21 -5.36 18.77 38.56
OP1 TFO B 21 -4.88 18.94 37.30
OP1 TFO B 21 -7.66 19.82 37.88
C9' TFO B 21 -6.66 19.56 38.63
C9' TFO B 21 -5.54 20.26 36.23
O9' TFO B 21 -5.43 19.67 39.51
O9' TFO B 21 -6.59 21.02 35.59
C8' TFO B 21 -5.90 22.22 39.46
C8' TFO B 21 -5.86 23.17 36.59
C7' TFO B 21 -5.61 20.75 40.33
C7' TFO B 21 -6.28 22.39 35.31
C6' TFO B 21 -4.37 20.86 41.17
C6' TFO B 21 -7.53 22.99 34.71
N9 TFO B 21 -3.15 20.31 41.53
N9 TFO B 21 -8.83 22.80 35.33
C4 TFO B 21 -2.50 20.96 42.48
C4 TFO B 21 -10.08 23.24 34.99
N3 TFO B 21 -3.02 22.06 42.92
N3 TFO B 21 -10.41 24.02 33.94
C2 TFO B 21 -2.32 22.56 43.88
C2 TFO B 21 -11.73 24.27 33.94
N1 TFO B 21 -1.22 22.01 44.39
N1 TFO B 21 -12.68 23.86 34.81
C6 TFO B 21 -0.74 20.83 43.94
C6 TFO B 21 -12.30 23.09 35.86
N6 TFO B 21 0.34 20.31 44.60
N6 TFO B 21 -13.23 22.68 36.74
C5 TFO B 21 -1.43 20.25 42.84
C5 TFO B 21 -10.93 22.75 35.97
N7 TFO B 21 -1.31 19.10 42.07
N7 TFO B 21 -10.23 22.00 36.90
C8 TFO B 21 -2.37 19.16 41.23
C8 TFO B 21 -8.99 22.06 36.48
N PRO C 1 2.65 40.09 39.39
CA PRO C 1 3.34 40.49 38.13
C PRO C 1 2.48 40.18 36.91
N ILE C 2 2.46 41.10 35.95
CA ILE C 2 1.68 40.92 34.73
C ILE C 2 2.64 40.55 33.59
N SER C 3 2.12 39.88 32.57
CA SER C 3 2.95 39.45 31.44
C SER C 3 3.22 40.39 30.29
N PRO C 4 4.43 40.32 29.75
CA PRO C 4 4.87 41.14 28.63
C PRO C 4 4.46 40.44 27.36
N ILE C 5 3.50 39.51 27.47
CA ILE C 5 3.05 38.75 26.30
C ILE C 5 2.11 39.59 25.45
N GLU C 6 2.14 39.40 24.13
CA GLU C 6 1.26 40.17 23.28
C GLU C 6 -0.16 39.80 23.70
N THR C 7 -1.12 40.70 23.51
CA THR C 7 -2.49 40.42 23.89
C THR C 7 -3.32 39.94 22.71
N VAL C 8 -3.91 38.75 22.84
CA VAL C 8 -4.76 38.21 21.77
C VAL C 8 -6.02 39.03 21.58
N PRO C 9 -6.26 39.48 20.36
CA PRO C 9 -7.44 40.30 20.09
C PRO C 9 -8.79 39.57 20.01
N VAL C 10 -9.77 40.04 20.78
CA VAL C 10 -11.07 39.42 20.76
C VAL C 10 -12.14 40.44 20.38
N LYS C 11 -13.07 40.02 19.52
CA LYS C 11 -14.16 40.89 19.09
C LYS C 11 -15.46 40.35 19.68
N LEU C 12 -16.56 41.09 19.51
CA LEU C 12 -17.83 40.61 20.03
C LEU C 12 -18.53 39.90 18.89
N LYS C 13 -19.43 38.97 19.20
CA LYS C 13 -20.13 38.29 18.13
C LYS C 13 -20.62 39.35 17.11
N PRO C 14 -20.51 39.06 15.82
CA PRO C 14 -20.92 39.97 14.75
C PRO C 14 -22.21 40.76 14.92
N GLY C 15 -22.06 42.08 14.95
CA GLY C 15 -23.21 42.96 15.06
C GLY C 15 -23.77 43.24 16.43
N MET C 16 -23.30 42.50 17.43
CA MET C 16 -23.79 42.72 18.79
C MET C 16 -23.06 43.89 19.48
N ASP C 17 -23.39 44.11 20.75
CA ASP C 17 -22.76 45.19 21.51
C ASP C 17 -22.58 44.74 22.94
N GLY C 18 -21.72 45.44 23.66
CA GLY C 18 -21.41 45.04 25.02
C GLY C 18 -22.59 44.80 25.91
N PRO C 19 -22.35 44.17 27.05
CA PRO C 19 -23.40 43.87 28.02
C PRO C 19 -23.65 45.06 28.96
N LYS C 20 -24.90 45.52 29.02
CA LYS C 20 -25.29 46.63 29.89
C LYS C 20 -26.36 46.12 30.83
N VAL C 21 -25.93 45.33 31.81
CA VAL C 21 -26.81 44.69 32.78
C VAL C 21 -26.74 45.28 34.19
N LYS C 22 -27.86 45.85 34.64
CA LYS C 22 -28.00 46.48 35.95
C LYS C 22 -27.43 45.70 37.12
N GLN C 23 -26.97 46.45 38.12
CA GLN C 23 -26.41 45.87 39.34
C GLN C 23 -27.50 45.80 40.41
N TRP C 24 -27.45 44.78 41.24
CA TRP C 24 -28.44 44.64 42.29
C TRP C 24 -27.86 45.21 43.58
N PRO C 25 -28.69 45.91 44.37
CA PRO C 25 -28.15 46.47 45.61
C PRO C 25 -27.67 45.35 46.51
N LEU C 26 -26.75 45.68 47.42
CA LEU C 26 -26.20 44.68 48.33
C LEU C 26 -26.05 45.26 49.73
N THR C 27 -25.65 44.42 50.68
CA THR C 27 -25.48 44.85 52.06
C THR C 27 -24.20 45.64 52.28
N GLU C 28 -24.26 46.56 53.23
CA GLU C 28 -23.12 47.40 53.58
C GLU C 28 -21.99 46.44 53.84
N GLU C 29 -22.35 45.31 54.42
CA GLU C 29 -21.40 44.27 54.73
C GLU C 29 -20.76 43.79 53.44
N LYS C 30 -21.59 43.34 52.52
CA LYS C 30 -21.12 42.82 51.24
C LYS C 30 -20.30 43.84 50.49
N ILE C 31 -20.85 45.04 50.34
CA ILE C 31 -20.18 46.11 49.63
C ILE C 31 -18.81 46.42 50.23
N LYS C 32 -18.79 46.96 51.45
CA LYS C 32 -17.52 47.29 52.08
C LYS C 32 -16.58 46.10 52.02
N ALA C 33 -17.15 44.93 51.74
CA ALA C 33 -16.37 43.70 51.64
C ALA C 33 -15.73 43.68 50.26
N LEU C 34 -16.58 43.78 49.24
CA LEU C 34 -16.15 43.79 47.86
C LEU C 34 -15.09 44.86 47.69
N VAL C 35 -15.29 46.01 48.30
CA VAL C 35 -14.31 47.08 48.18
C VAL C 35 -12.92 46.65 48.63
N GLU C 36 -12.84 45.86 49.70
CA GLU C 36 -11.56 45.38 50.20
C GLU C 36 -10.81 44.72 49.05
N ILE C 37 -11.38 43.61 48.60
CA ILE C 37 -10.82 42.81 47.53
C ILE C 37 -10.68 43.54 46.20
N CYS C 38 -11.73 44.25 45.81
CA CYS C 38 -11.69 45.01 44.56
C CYS C 38 -10.61 46.08 44.58
N THR C 39 -10.23 46.54 45.77
CA THR C 39 -9.20 47.56 45.90
C THR C 39 -7.88 46.88 45.67
N GLU C 40 -7.69 45.78 46.36
CA GLU C 40 -6.47 45.00 46.28
C GLU C 40 -6.12 44.71 44.84
N MET C 41 -7.12 44.26 44.10
CA MET C 41 -6.93 43.91 42.71
C MET C 41 -6.52 45.12 41.91
N GLU C 42 -7.08 46.28 42.26
CA GLU C 42 -6.75 47.50 41.57
C GLU C 42 -5.29 47.85 41.77
N LYS C 43 -4.77 47.51 42.94
CA LYS C 43 -3.39 47.81 43.23
C LYS C 43 -2.49 46.82 42.50
N GLU C 44 -2.95 45.58 42.40
CA GLU C 44 -2.18 44.56 41.73
C GLU C 44 -2.27 44.65 40.21
N GLY C 45 -2.85 45.74 39.71
CA GLY C 45 -3.00 45.93 38.27
C GLY C 45 -4.01 45.03 37.59
N LYS C 46 -4.63 44.14 38.36
CA LYS C 46 -5.60 43.21 37.80
C LYS C 46 -6.79 43.93 37.19
N ILE C 47 -7.16 45.07 37.74
CA ILE C 47 -8.29 45.81 37.20
C ILE C 47 -7.98 47.29 37.27
N SER C 48 -8.78 48.10 36.61
CA SER C 48 -8.57 49.53 36.63
C SER C 48 -9.89 50.21 36.81
N LYS C 49 -9.83 51.49 37.14
CA LYS C 49 -11.05 52.26 37.34
C LYS C 49 -11.37 52.93 36.01
N ILE C 50 -12.59 52.74 35.53
CA ILE C 50 -13.01 53.30 34.26
C ILE C 50 -13.71 54.63 34.42
N GLY C 51 -13.82 55.35 33.30
CA GLY C 51 -14.48 56.63 33.29
C GLY C 51 -16.00 56.52 33.19
N PRO C 52 -16.71 57.65 33.13
CA PRO C 52 -18.16 57.61 33.02
C PRO C 52 -18.70 57.32 31.65
N GLU C 53 -17.92 57.56 30.61
CA GLU C 53 -18.46 57.28 29.29
C GLU C 53 -18.75 55.78 29.07
N ASN C 54 -18.13 54.91 29.86
CA ASN C 54 -18.34 53.48 29.67
C ASN C 54 -19.76 53.14 30.03
N PRO C 55 -20.57 52.77 29.04
CA PRO C 55 -21.96 52.44 29.28
C PRO C 55 -22.17 51.00 29.68
N TYR C 56 -21.15 50.19 29.54
CA TYR C 56 -21.34 48.78 29.85
C TYR C 56 -21.25 48.44 31.31
N ASN C 57 -21.98 47.39 31.71
CA ASN C 57 -21.92 46.88 33.07
C ASN C 57 -22.42 45.46 33.13
N THR C 58 -21.76 44.65 33.97
CA THR C 58 -22.16 43.28 34.20
C THR C 58 -22.29 43.13 35.73
N PRO C 59 -23.31 42.39 36.19
CA PRO C 59 -23.57 42.16 37.62
C PRO C 59 -22.39 41.57 38.35
N VAL C 60 -22.27 41.93 39.62
CA VAL C 60 -21.19 41.42 40.44
C VAL C 60 -21.56 41.41 41.91
N PHE C 61 -21.76 40.23 42.46
CA PHE C 61 -22.08 40.13 43.87
C PHE C 61 -20.93 39.46 44.61
N ALA C 62 -21.12 39.17 45.89
CA ALA C 62 -20.06 38.56 46.67
C ALA C 62 -20.55 37.40 47.52
N ILE C 63 -19.62 36.53 47.89
CA ILE C 63 -19.96 35.36 48.68
C ILE C 63 -18.82 34.95 49.61
N LYS C 64 -19.17 34.32 50.73
CA LYS C 64 -18.21 33.88 51.73
C LYS C 64 -18.01 32.35 51.81
N LYS C 65 -16.75 31.94 51.90
CA LYS C 65 -16.41 30.52 52.00
C LYS C 65 -16.57 30.09 53.45
N LYS C 66 -17.62 29.32 53.72
CA LYS C 66 -17.93 28.84 55.07
C LYS C 66 -16.72 28.49 55.93
N ASP C 67 -15.62 28.09 55.30
CA ASP C 67 -14.40 27.74 56.03
C ASP C 67 -13.82 28.92 56.83
N SER C 68 -12.84 29.60 56.25
CA SER C 68 -12.19 30.74 56.90
C SER C 68 -13.22 31.83 57.18
N THR C 69 -14.31 31.81 56.41
CA THR C 69 -15.40 32.78 56.52
C THR C 69 -15.00 34.10 55.83
N LYS C 70 -14.12 33.96 54.84
CA LYS C 70 -13.60 35.08 54.05
C LYS C 70 -14.57 35.39 52.92
N TRP C 71 -14.27 36.40 52.12
CA TRP C 71 -15.15 36.76 51.02
C TRP C 71 -14.48 36.69 49.65
N ARG C 72 -15.31 36.53 48.62
CA ARG C 72 -14.80 36.45 47.26
C ARG C 72 -15.69 37.21 46.29
N LYS C 73 -15.08 37.81 45.29
CA LYS C 73 -15.82 38.59 44.29
C LYS C 73 -16.24 37.76 43.09
N LEU C 74 -17.50 37.36 43.07
CA LEU C 74 -17.98 36.58 41.94
C LEU C 74 -18.67 37.50 40.94
N VAL C 75 -18.28 37.40 39.68
CA VAL C 75 -18.88 38.21 38.64
C VAL C 75 -19.70 37.32 37.70
N ASP C 76 -20.95 37.70 37.44
CA ASP C 76 -21.80 36.91 36.55
C ASP C 76 -21.60 37.37 35.12
N PHE C 77 -20.57 36.83 34.46
CA PHE C 77 -20.29 37.22 33.09
C PHE C 77 -21.21 36.56 32.08
N ARG C 78 -22.26 35.95 32.59
CA ARG C 78 -23.25 35.26 31.76
C ARG C 78 -23.52 36.00 30.45
N GLU C 79 -23.96 37.26 30.54
CA GLU C 79 -24.30 38.04 29.35
C GLU C 79 -23.15 38.38 28.39
N LEU C 80 -21.97 38.64 28.93
CA LEU C 80 -20.85 38.97 28.07
C LEU C 80 -20.60 37.78 27.17
N ASN C 81 -20.50 36.61 27.81
CA ASN C 81 -20.25 35.38 27.08
C ASN C 81 -21.28 35.20 25.98
N LYS C 82 -22.48 35.69 26.19
CA LYS C 82 -23.48 35.57 25.16
C LYS C 82 -23.07 36.48 24.01
N ARG C 83 -22.20 37.44 24.30
CA ARG C 83 -21.79 38.38 23.26
C ARG C 83 -20.30 38.32 22.86
N THR C 84 -19.55 37.43 23.49
CA THR C 84 -18.15 37.28 23.15
C THR C 84 -17.96 36.36 21.94
N GLN C 85 -17.25 36.82 20.92
CA GLN C 85 -16.99 35.98 19.74
C GLN C 85 -16.67 34.53 20.14
N ASP C 86 -16.89 33.61 19.23
CA ASP C 86 -16.60 32.22 19.53
C ASP C 86 -15.15 31.98 19.23
N PHE C 87 -14.50 31.14 20.01
CA PHE C 87 -13.09 30.85 19.76
C PHE C 87 -13.02 29.45 19.22
N TRP C 88 -11.93 29.12 18.54
CA TRP C 88 -11.78 27.75 18.08
C TRP C 88 -10.97 27.16 19.22
N GLU C 89 -11.64 26.44 20.12
CA GLU C 89 -10.95 25.88 21.25
C GLU C 89 -9.82 24.98 20.80
N VAL C 90 -8.67 25.14 21.44
CA VAL C 90 -7.49 24.38 21.10
C VAL C 90 -7.30 23.11 21.94
N GLN C 91 -7.74 23.12 23.19
CA GLN C 91 -7.60 21.91 24.00
C GLN C 91 -8.44 20.83 23.31
N LEU C 92 -7.81 19.76 22.88
CA LEU C 92 -8.55 18.70 22.18
C LEU C 92 -8.38 17.28 22.74
N GLY C 93 -8.86 17.07 23.97
CA GLY C 93 -8.77 15.75 24.58
C GLY C 93 -7.76 15.75 25.71
N ILE C 94 -8.08 15.12 26.83
CA ILE C 94 -7.13 15.09 27.96
C ILE C 94 -6.03 14.05 27.81
N PRO C 95 -4.80 14.42 28.18
CA PRO C 95 -3.73 13.45 28.05
C PRO C 95 -3.94 12.30 29.04
N HIS C 96 -3.39 11.13 28.70
CA HIS C 96 -3.53 9.94 29.51
C HIS C 96 -2.16 9.37 29.87
N PRO C 97 -1.99 8.87 31.09
CA PRO C 97 -0.72 8.30 31.58
C PRO C 97 -0.21 7.15 30.74
N ALA C 98 -1.13 6.43 30.14
CA ALA C 98 -0.76 5.32 29.29
C ALA C 98 0.23 5.82 28.26
N GLY C 99 0.03 7.06 27.83
CA GLY C 99 0.90 7.64 26.82
C GLY C 99 2.22 8.17 27.33
N LEU C 100 2.48 8.03 28.63
CA LEU C 100 3.72 8.53 29.16
C LEU C 100 4.82 7.48 29.00
N LYS C 101 6.06 7.93 28.78
CA LYS C 101 7.17 7.00 28.64
C LYS C 101 7.94 7.04 29.95
N LYS C 102 8.58 5.94 30.30
CA LYS C 102 9.34 5.87 31.55
C LYS C 102 10.54 6.82 31.55
N LYS C 103 10.45 7.88 32.34
CA LYS C 103 11.54 8.84 32.42
C LYS C 103 12.29 8.77 33.74
N LYS C 104 13.58 9.05 33.67
CA LYS C 104 14.44 9.04 34.84
C LYS C 104 13.89 9.97 35.91
N SER C 105 13.99 11.26 35.64
CA SER C 105 13.54 12.29 36.58
C SER C 105 12.26 12.98 36.11
N VAL C 106 11.37 13.24 37.05
CA VAL C 106 10.09 13.87 36.77
C VAL C 106 9.70 14.95 37.75
N THR C 107 9.03 15.99 37.23
CA THR C 107 8.58 17.11 38.05
C THR C 107 7.20 17.53 37.61
N VAL C 108 6.46 18.10 38.53
CA VAL C 108 5.13 18.60 38.22
C VAL C 108 4.95 19.99 38.79
N LEU C 109 4.44 20.89 37.96
CA LEU C 109 4.27 22.27 38.38
C LEU C 109 2.86 22.78 38.20
N ASP C 110 2.61 23.92 38.82
CA ASP C 110 1.33 24.59 38.73
C ASP C 110 1.61 26.07 38.83
N VAL C 111 0.97 26.82 37.96
CA VAL C 111 1.18 28.25 37.95
C VAL C 111 0.15 28.94 38.82
N GLY C 112 0.58 30.03 39.45
CA GLY C 112 -0.31 30.79 40.31
C GLY C 112 -0.94 31.95 39.56
N ASP C 113 -2.16 32.29 39.97
CA ASP C 113 -2.89 33.41 39.36
C ASP C 113 -2.83 33.28 37.85
N ALA C 114 -3.00 32.06 37.38
CA ALA C 114 -2.93 31.79 35.95
C ALA C 114 -3.62 32.88 35.15
N TYR C 115 -4.95 32.83 35.16
CA TYR C 115 -5.73 33.79 34.41
C TYR C 115 -5.40 35.22 34.77
N PHE C 116 -5.47 35.55 36.06
CA PHE C 116 -5.15 36.90 36.52
C PHE C 116 -3.75 37.35 36.14
N SER C 117 -3.04 36.57 35.33
CA SER C 117 -1.70 36.98 34.95
C SER C 117 -1.52 37.26 33.47
N VAL C 118 -2.55 36.98 32.68
CA VAL C 118 -2.46 37.29 31.27
C VAL C 118 -3.31 38.51 30.94
N PRO C 119 -2.70 39.49 30.28
CA PRO C 119 -3.30 40.74 29.86
C PRO C 119 -4.54 40.46 29.05
N LEU C 120 -5.50 41.38 29.09
CA LEU C 120 -6.70 41.20 28.31
C LEU C 120 -6.60 42.26 27.23
N ASP C 121 -6.93 41.87 26.01
CA ASP C 121 -6.88 42.80 24.88
C ASP C 121 -7.33 44.20 25.32
N GLU C 122 -6.48 45.19 25.11
CA GLU C 122 -6.80 46.57 25.47
C GLU C 122 -8.19 46.96 24.99
N ASP C 123 -8.43 46.85 23.68
CA ASP C 123 -9.71 47.23 23.09
C ASP C 123 -10.95 46.43 23.49
N PHE C 124 -10.86 45.60 24.52
CA PHE C 124 -12.01 44.79 24.92
C PHE C 124 -12.42 45.03 26.37
N ARG C 125 -11.46 45.38 27.20
CA ARG C 125 -11.71 45.61 28.62
C ARG C 125 -13.00 46.35 28.92
N LYS C 126 -13.22 47.45 28.23
CA LYS C 126 -14.44 48.23 28.45
C LYS C 126 -15.66 47.34 28.60
N TYR C 127 -15.64 46.18 27.97
CA TYR C 127 -16.79 45.33 28.10
C TYR C 127 -16.77 44.55 29.41
N THR C 128 -15.62 44.46 30.06
CA THR C 128 -15.54 43.74 31.33
C THR C 128 -15.97 44.66 32.46
N ALA C 129 -16.43 45.86 32.09
CA ALA C 129 -16.87 46.85 33.06
C ALA C 129 -17.85 46.29 34.08
N PHE C 130 -17.81 46.84 35.28
CA PHE C 130 -18.72 46.41 36.32
C PHE C 130 -18.76 47.44 37.43
N THR C 131 -19.90 47.51 38.11
CA THR C 131 -20.11 48.46 39.19
C THR C 131 -20.19 47.77 40.52
N ILE C 132 -19.64 48.41 41.55
CA ILE C 132 -19.70 47.87 42.91
C ILE C 132 -20.48 48.95 43.65
N PRO C 133 -21.81 48.79 43.72
CA PRO C 133 -22.74 49.73 44.35
C PRO C 133 -22.31 50.41 45.62
N SER C 134 -22.77 51.64 45.78
CA SER C 134 -22.47 52.44 46.95
C SER C 134 -23.43 52.03 48.04
N ILE C 135 -22.97 52.16 49.28
CA ILE C 135 -23.77 51.79 50.44
C ILE C 135 -25.25 52.17 50.33
N ASN C 136 -25.54 53.38 49.84
CA ASN C 136 -26.93 53.83 49.73
C ASN C 136 -27.28 54.48 48.39
N ASN C 137 -28.31 55.32 48.42
CA ASN C 137 -28.80 56.03 47.23
C ASN C 137 -27.81 57.12 46.78
N GLU C 138 -26.69 57.24 47.50
CA GLU C 138 -25.68 58.25 47.18
C GLU C 138 -25.12 58.12 45.76
N THR C 139 -23.96 58.73 45.55
CA THR C 139 -23.29 58.71 44.28
C THR C 139 -23.12 57.30 43.76
N PRO C 140 -23.24 57.09 42.44
CA PRO C 140 -23.09 55.76 41.86
C PRO C 140 -21.92 55.01 42.48
N GLY C 141 -21.91 53.69 42.30
CA GLY C 141 -20.85 52.90 42.88
C GLY C 141 -19.50 53.22 42.30
N ILE C 142 -18.55 52.32 42.53
CA ILE C 142 -17.22 52.49 42.00
C ILE C 142 -17.16 51.70 40.69
N ARG C 143 -16.64 52.32 39.63
CA ARG C 143 -16.55 51.63 38.35
C ARG C 143 -15.21 50.97 38.10
N TYR C 144 -15.26 49.70 37.74
CA TYR C 144 -14.05 48.94 37.47
C TYR C 144 -14.15 48.17 36.16
N GLN C 145 -12.99 48.00 35.55
CA GLN C 145 -12.81 47.29 34.29
C GLN C 145 -11.68 46.30 34.50
N TYR C 146 -11.75 45.20 33.78
CA TYR C 146 -10.73 44.16 33.89
C TYR C 146 -9.54 44.44 32.98
N ASN C 147 -8.36 44.01 33.43
CA ASN C 147 -7.14 44.18 32.62
C ASN C 147 -6.49 42.85 32.31
N VAL C 148 -6.89 41.81 33.03
CA VAL C 148 -6.36 40.48 32.84
C VAL C 148 -7.51 39.53 32.55
N LEU C 149 -7.19 38.36 32.03
CA LEU C 149 -8.22 37.38 31.73
C LEU C 149 -9.18 37.21 32.92
N PRO C 150 -10.39 37.78 32.80
CA PRO C 150 -11.38 37.66 33.87
C PRO C 150 -11.76 36.20 33.97
N GLN C 151 -11.87 35.69 35.19
CA GLN C 151 -12.24 34.30 35.42
C GLN C 151 -13.73 34.17 35.16
N GLY C 152 -14.14 33.17 34.38
CA GLY C 152 -15.54 33.00 34.08
C GLY C 152 -15.97 33.58 32.75
N TRP C 153 -15.00 34.07 31.99
CA TRP C 153 -15.30 34.66 30.70
C TRP C 153 -15.02 33.64 29.61
N LYS C 154 -15.83 33.66 28.58
CA LYS C 154 -15.69 32.69 27.51
C LYS C 154 -14.29 32.53 26.95
N GLY C 155 -13.70 33.62 26.49
CA GLY C 155 -12.38 33.49 25.89
C GLY C 155 -11.26 33.16 26.86
N SER C 156 -11.48 33.50 28.12
CA SER C 156 -10.45 33.28 29.10
C SER C 156 -9.65 31.98 28.99
N PRO C 157 -10.32 30.84 29.01
CA PRO C 157 -9.61 29.56 28.92
C PRO C 157 -8.67 29.44 27.75
N ALA C 158 -9.24 29.46 26.56
CA ALA C 158 -8.47 29.32 25.33
C ALA C 158 -7.33 30.35 25.16
N ILE C 159 -7.57 31.58 25.57
CA ILE C 159 -6.55 32.59 25.44
C ILE C 159 -5.36 32.27 26.35
N PHE C 160 -5.59 32.07 27.64
CA PHE C 160 -4.47 31.73 28.50
C PHE C 160 -3.70 30.49 28.01
N GLN C 161 -4.35 29.59 27.27
CA GLN C 161 -3.63 28.41 26.82
C GLN C 161 -2.58 28.80 25.82
N SER C 162 -2.99 29.52 24.79
CA SER C 162 -2.07 29.97 23.77
C SER C 162 -0.91 30.73 24.44
N SER C 163 -1.25 31.60 25.38
CA SER C 163 -0.24 32.36 26.10
C SER C 163 0.82 31.41 26.68
N MET C 164 0.37 30.41 27.44
CA MET C 164 1.28 29.45 28.08
C MET C 164 2.05 28.67 27.04
N THR C 165 1.40 28.42 25.90
CA THR C 165 2.07 27.70 24.83
C THR C 165 3.13 28.56 24.18
N LYS C 166 2.77 29.77 23.74
CA LYS C 166 3.73 30.67 23.11
C LYS C 166 4.91 30.93 24.02
N ILE C 167 4.64 30.96 25.31
CA ILE C 167 5.70 31.17 26.28
C ILE C 167 6.64 29.98 26.35
N LEU C 168 6.10 28.78 26.38
CA LEU C 168 6.94 27.61 26.46
C LEU C 168 7.76 27.32 25.21
N GLU C 169 7.26 27.75 24.04
CA GLU C 169 7.93 27.47 22.77
C GLU C 169 9.45 27.64 22.72
N PRO C 170 9.98 28.77 23.24
CA PRO C 170 11.43 28.95 23.23
C PRO C 170 12.15 27.87 23.99
N PHE C 171 11.67 27.66 25.20
CA PHE C 171 12.27 26.68 26.09
C PHE C 171 12.32 25.29 25.48
N LYS C 172 11.24 24.89 24.86
CA LYS C 172 11.24 23.56 24.26
C LYS C 172 12.37 23.43 23.23
N LYS C 173 12.28 24.16 22.11
CA LYS C 173 13.31 24.09 21.08
C LYS C 173 14.72 24.13 21.68
N GLN C 174 14.85 24.65 22.90
CA GLN C 174 16.16 24.71 23.54
C GLN C 174 16.54 23.36 24.13
N ASN C 175 15.58 22.66 24.71
CA ASN C 175 15.85 21.36 25.31
C ASN C 175 14.86 20.35 24.74
N PRO C 176 14.91 20.10 23.43
CA PRO C 176 14.01 19.16 22.76
C PRO C 176 13.95 17.73 23.31
N ASP C 177 14.75 17.46 24.34
CA ASP C 177 14.73 16.13 24.93
C ASP C 177 14.20 16.11 26.35
N ILE C 178 13.23 16.99 26.61
CA ILE C 178 12.57 17.08 27.90
C ILE C 178 11.12 17.23 27.50
N VAL C 179 10.25 16.40 28.07
CA VAL C 179 8.84 16.49 27.75
C VAL C 179 8.14 17.37 28.73
N ILE C 180 7.28 18.23 28.20
CA ILE C 180 6.53 19.16 29.04
C ILE C 180 5.06 18.99 28.73
N TYR C 181 4.40 18.12 29.47
CA TYR C 181 2.98 17.90 29.26
C TYR C 181 2.19 19.04 29.89
N GLN C 182 1.78 20.00 29.07
CA GLN C 182 1.04 21.14 29.61
C GLN C 182 -0.46 21.01 29.42
N TYR C 183 -1.20 21.19 30.51
CA TYR C 183 -2.65 21.13 30.46
C TYR C 183 -3.17 22.27 31.30
N MET C 184 -3.73 23.27 30.63
CA MET C 184 -4.24 24.43 31.33
C MET C 184 -3.07 25.08 32.04
N ASP C 185 -3.18 25.27 33.35
CA ASP C 185 -2.11 25.88 34.13
C ASP C 185 -1.38 24.83 34.96
N ASP C 186 -1.06 23.70 34.35
CA ASP C 186 -0.39 22.63 35.04
C ASP C 186 0.64 22.03 34.11
N LEU C 187 1.84 21.75 34.63
CA LEU C 187 2.88 21.18 33.78
C LEU C 187 3.57 19.93 34.31
N TYR C 188 3.65 18.93 33.45
CA TYR C 188 4.33 17.68 33.78
C TYR C 188 5.64 17.74 33.01
N VAL C 189 6.73 17.95 33.73
CA VAL C 189 8.02 18.02 33.08
C VAL C 189 8.79 16.82 33.52
N GLY C 190 9.41 16.14 32.55
CA GLY C 190 10.21 14.96 32.84
C GLY C 190 11.35 14.80 31.85
N SER C 191 12.33 13.98 32.20
CA SER C 191 13.48 13.76 31.32
C SER C 191 14.37 12.66 31.87
N ASP C 192 15.23 12.13 31.00
CA ASP C 192 16.15 11.06 31.38
C ASP C 192 17.50 11.63 31.84
N LEU C 193 17.42 12.70 32.61
CA LEU C 193 18.62 13.35 33.14
C LEU C 193 18.81 12.96 34.59
N GLU C 194 20.00 13.25 35.13
CA GLU C 194 20.32 12.95 36.52
C GLU C 194 19.59 13.93 37.42
N ILE C 195 19.19 13.49 38.61
CA ILE C 195 18.46 14.34 39.55
C ILE C 195 19.08 15.72 39.74
N GLY C 196 20.30 15.89 39.26
CA GLY C 196 20.98 17.17 39.40
C GLY C 196 20.83 18.09 38.19
N GLN C 197 21.28 17.61 37.03
CA GLN C 197 21.19 18.39 35.81
C GLN C 197 19.72 18.72 35.46
N HIS C 198 18.83 17.86 35.95
CA HIS C 198 17.39 17.98 35.76
C HIS C 198 16.93 19.16 36.60
N ARG C 199 17.14 19.05 37.91
CA ARG C 199 16.76 20.09 38.85
C ARG C 199 17.29 21.43 38.35
N THR C 200 18.50 21.40 37.77
CA THR C 200 19.13 22.60 37.25
C THR C 200 18.38 23.08 36.00
N LYS C 201 17.58 22.19 35.43
CA LYS C 201 16.81 22.54 34.24
C LYS C 201 15.44 23.08 34.68
N ILE C 202 14.77 22.33 35.55
CA ILE C 202 13.47 22.75 36.06
C ILE C 202 13.61 24.20 36.50
N GLU C 203 14.65 24.47 37.27
CA GLU C 203 14.91 25.82 37.74
C GLU C 203 14.95 26.70 36.51
N GLU C 204 15.90 26.43 35.61
CA GLU C 204 16.05 27.20 34.39
C GLU C 204 14.70 27.50 33.74
N LEU C 205 13.74 26.60 33.93
CA LEU C 205 12.40 26.77 33.37
C LEU C 205 11.49 27.63 34.26
N ARG C 206 11.56 27.44 35.57
CA ARG C 206 10.73 28.24 36.47
C ARG C 206 11.07 29.72 36.33
N GLN C 207 12.37 30.00 36.20
CA GLN C 207 12.83 31.37 36.07
C GLN C 207 12.22 31.96 34.82
N HIS C 208 12.19 31.15 33.76
CA HIS C 208 11.65 31.62 32.50
C HIS C 208 10.20 32.09 32.59
N LEU C 209 9.31 31.23 33.08
CA LEU C 209 7.92 31.62 33.21
C LEU C 209 7.86 32.80 34.17
N LEU C 210 8.64 32.70 35.23
CA LEU C 210 8.69 33.78 36.21
C LEU C 210 8.99 35.08 35.49
N ARG C 211 10.09 35.09 34.75
CA ARG C 211 10.47 36.27 34.01
C ARG C 211 9.32 36.66 33.06
N TRP C 212 8.44 35.70 32.77
CA TRP C 212 7.31 35.98 31.89
C TRP C 212 5.96 36.15 32.53
N GLY C 213 5.94 36.43 33.82
CA GLY C 213 4.69 36.65 34.52
C GLY C 213 4.09 35.41 35.12
N LEU C 214 4.57 34.24 34.69
CA LEU C 214 4.02 33.01 35.24
C LEU C 214 4.70 32.58 36.55
N THR C 215 4.01 32.84 37.66
CA THR C 215 4.52 32.49 38.97
C THR C 215 4.36 30.99 39.20
N THR C 216 5.48 30.34 39.55
CA THR C 216 5.45 28.91 39.81
C THR C 216 5.61 28.69 41.30
N PRO C 217 4.51 28.86 42.05
CA PRO C 217 4.46 28.71 43.51
C PRO C 217 5.10 27.43 44.01
N ASP C 218 5.30 27.39 45.33
CA ASP C 218 5.92 26.25 45.99
C ASP C 218 4.91 25.15 46.31
N LYS C 219 4.06 24.87 45.34
CA LYS C 219 3.04 23.83 45.44
C LYS C 219 3.33 22.90 44.27
N LYS C 220 4.62 22.71 44.01
CA LYS C 220 5.06 21.85 42.93
C LYS C 220 5.64 20.55 43.48
N HIS C 221 5.49 19.47 42.72
CA HIS C 221 5.98 18.16 43.13
C HIS C 221 7.43 17.96 42.70
N GLN C 222 8.30 17.72 43.67
CA GLN C 222 9.71 17.46 43.41
C GLN C 222 10.14 16.28 44.27
N LYS C 223 10.83 15.32 43.66
CA LYS C 223 11.30 14.12 44.37
C LYS C 223 10.16 13.65 45.28
N GLU C 224 8.93 13.86 44.82
CA GLU C 224 7.76 13.52 45.62
C GLU C 224 6.80 12.49 45.08
N PRO C 225 7.28 11.52 44.27
CA PRO C 225 6.28 10.56 43.80
C PRO C 225 5.59 9.98 45.02
N PRO C 226 4.29 9.67 44.93
CA PRO C 226 3.39 9.81 43.78
C PRO C 226 3.14 11.24 43.31
N PHE C 227 3.07 11.39 41.98
CA PHE C 227 2.80 12.68 41.38
C PHE C 227 1.31 12.73 41.11
N LEU C 228 0.65 13.80 41.56
CA LEU C 228 -0.79 13.96 41.39
C LEU C 228 -1.08 14.67 40.07
N TRP C 229 -1.05 13.91 39.00
CA TRP C 229 -1.25 14.43 37.67
C TRP C 229 -2.57 14.03 36.99
N MET C 230 -3.32 15.03 36.55
CA MET C 230 -4.59 14.80 35.84
C MET C 230 -5.59 13.89 36.52
N GLY C 231 -5.53 13.81 37.85
CA GLY C 231 -6.47 12.96 38.57
C GLY C 231 -5.95 11.56 38.84
N TYR C 232 -4.65 11.37 38.59
CA TYR C 232 -4.00 10.09 38.79
C TYR C 232 -2.88 10.22 39.81
N GLU C 233 -2.02 9.22 39.85
CA GLU C 233 -0.85 9.19 40.72
C GLU C 233 0.21 8.54 39.87
N LEU C 234 1.35 9.18 39.73
CA LEU C 234 2.40 8.62 38.90
C LEU C 234 3.50 8.01 39.74
N HIS C 235 3.74 6.71 39.54
CA HIS C 235 4.80 6.00 40.25
C HIS C 235 5.92 5.73 39.26
N PRO C 236 7.17 5.85 39.69
CA PRO C 236 8.31 5.61 38.81
C PRO C 236 8.15 4.40 37.89
N ASP C 237 7.51 3.36 38.40
CA ASP C 237 7.32 2.14 37.63
C ASP C 237 5.89 1.92 37.16
N LYS C 238 4.93 2.45 37.91
CA LYS C 238 3.51 2.30 37.56
C LYS C 238 2.67 3.53 37.85
N TRP C 239 1.36 3.42 37.64
CA TRP C 239 0.47 4.53 37.88
C TRP C 239 -0.93 4.06 38.25
N THR C 240 -1.54 4.76 39.21
CA THR C 240 -2.87 4.42 39.68
C THR C 240 -3.84 5.57 39.55
N VAL C 241 -5.12 5.23 39.44
CA VAL C 241 -6.14 6.25 39.34
C VAL C 241 -6.50 6.65 40.76
N GLN C 242 -6.58 7.95 41.02
CA GLN C 242 -6.90 8.42 42.36
C GLN C 242 -8.20 7.76 42.84
N PRO C 243 -8.16 7.17 44.04
CA PRO C 243 -9.31 6.49 44.64
C PRO C 243 -10.69 7.03 44.27
N ILE C 244 -11.61 6.10 44.03
CA ILE C 244 -12.97 6.41 43.66
C ILE C 244 -13.94 6.01 44.77
N VAL C 245 -14.46 7.01 45.47
CA VAL C 245 -15.41 6.79 46.57
C VAL C 245 -16.85 6.89 46.06
N LEU C 246 -17.30 5.86 45.36
CA LEU C 246 -18.65 5.81 44.81
C LEU C 246 -19.77 5.94 45.83
N PRO C 247 -20.79 6.76 45.52
CA PRO C 247 -21.93 6.97 46.42
C PRO C 247 -22.63 5.64 46.69
N GLU C 248 -22.76 5.28 47.96
CA GLU C 248 -23.40 4.02 48.36
C GLU C 248 -24.66 4.25 49.20
N LYS C 249 -25.26 5.43 49.05
CA LYS C 249 -26.46 5.83 49.79
C LYS C 249 -27.61 4.80 49.84
N ASP C 250 -28.54 5.05 50.77
CA ASP C 250 -29.70 4.19 51.01
C ASP C 250 -30.86 4.40 50.03
N SER C 251 -31.27 5.66 49.88
CA SER C 251 -32.35 6.03 48.98
C SER C 251 -31.77 6.45 47.64
N TRP C 252 -32.20 5.77 46.58
CA TRP C 252 -31.68 6.06 45.24
C TRP C 252 -32.63 6.80 44.31
N THR C 253 -32.18 7.96 43.84
CA THR C 253 -32.93 8.79 42.91
C THR C 253 -32.13 8.81 41.60
N VAL C 254 -32.83 9.03 40.50
CA VAL C 254 -32.23 9.09 39.18
C VAL C 254 -30.92 9.86 39.13
N ASN C 255 -30.92 11.03 39.76
CA ASN C 255 -29.74 11.89 39.77
C ASN C 255 -28.53 11.20 40.38
N ASP C 256 -28.69 10.69 41.61
CA ASP C 256 -27.60 10.01 42.29
C ASP C 256 -27.04 8.86 41.45
N ILE C 257 -27.85 8.35 40.53
CA ILE C 257 -27.40 7.26 39.67
C ILE C 257 -26.33 7.76 38.71
N CYS C 258 -26.58 8.91 38.10
CA CYS C 258 -25.65 9.52 37.17
C CYS C 258 -24.26 9.67 37.80
N LYS C 259 -24.23 10.01 39.08
CA LYS C 259 -22.96 10.19 39.81
C LYS C 259 -22.24 8.86 39.97
N LEU C 260 -23.00 7.77 39.89
CA LEU C 260 -22.39 6.45 40.02
C LEU C 260 -21.95 5.98 38.66
N VAL C 261 -22.93 5.77 37.78
CA VAL C 261 -22.65 5.31 36.42
C VAL C 261 -21.44 6.04 35.86
N GLY C 262 -21.47 7.37 35.92
CA GLY C 262 -20.36 8.16 35.41
C GLY C 262 -19.04 7.71 36.02
N LYS C 263 -18.92 7.77 37.34
CA LYS C 263 -17.71 7.33 38.01
C LYS C 263 -17.33 5.97 37.49
N LEU C 264 -18.30 5.07 37.45
CA LEU C 264 -18.06 3.72 36.96
C LEU C 264 -17.27 3.81 35.65
N ASN C 265 -17.78 4.60 34.70
CA ASN C 265 -17.10 4.79 33.43
C ASN C 265 -15.67 5.20 33.72
N TRP C 266 -15.54 6.28 34.49
CA TRP C 266 -14.23 6.79 34.87
C TRP C 266 -13.30 5.69 35.33
N ALA C 267 -13.87 4.65 35.94
CA ALA C 267 -13.08 3.52 36.45
C ALA C 267 -12.81 2.52 35.34
N SER C 268 -13.75 2.44 34.40
CA SER C 268 -13.66 1.54 33.27
C SER C 268 -12.34 1.64 32.53
N GLN C 269 -11.58 2.70 32.79
CA GLN C 269 -10.31 2.88 32.09
C GLN C 269 -9.19 1.99 32.58
N ILE C 270 -9.16 1.70 33.87
CA ILE C 270 -8.09 0.86 34.38
C ILE C 270 -8.62 -0.46 34.94
N TYR C 271 -9.80 -0.43 35.54
CA TYR C 271 -10.41 -1.63 36.12
C TYR C 271 -10.98 -2.56 35.07
N PRO C 272 -10.30 -3.69 34.84
CA PRO C 272 -10.69 -4.72 33.87
C PRO C 272 -12.18 -5.03 33.86
N GLY C 273 -12.79 -4.94 32.69
CA GLY C 273 -14.20 -5.23 32.53
C GLY C 273 -15.13 -4.70 33.61
N ILE C 274 -15.99 -3.77 33.22
CA ILE C 274 -16.96 -3.19 34.15
C ILE C 274 -18.30 -3.12 33.41
N LYS C 275 -19.33 -3.70 34.03
CA LYS C 275 -20.66 -3.69 33.42
C LYS C 275 -21.50 -2.58 34.07
N VAL C 276 -22.10 -1.74 33.23
CA VAL C 276 -22.93 -0.66 33.76
C VAL C 276 -24.25 -0.57 32.99
N ARG C 277 -24.29 -1.21 31.82
CA ARG C 277 -25.50 -1.25 30.98
C ARG C 277 -26.68 -1.69 31.86
N GLN C 278 -26.34 -2.49 32.88
CA GLN C 278 -27.31 -3.01 33.82
C GLN C 278 -28.13 -1.88 34.44
N LEU C 279 -27.52 -1.14 35.36
CA LEU C 279 -28.22 -0.04 36.03
C LEU C 279 -28.33 1.22 35.17
N SER C 280 -27.93 1.11 33.91
CA SER C 280 -28.01 2.25 33.00
C SER C 280 -29.48 2.49 32.70
N LYS C 281 -30.16 1.47 32.18
CA LYS C 281 -31.57 1.58 31.84
C LYS C 281 -32.43 2.06 33.00
N LEU C 282 -31.83 2.29 34.17
CA LEU C 282 -32.59 2.79 35.30
C LEU C 282 -32.91 4.24 35.02
N LEU C 283 -32.16 4.83 34.11
CA LEU C 283 -32.33 6.23 33.73
C LEU C 283 -33.23 6.40 32.49
N ARG C 284 -33.27 5.34 31.68
CA ARG C 284 -34.05 5.33 30.46
C ARG C 284 -35.43 5.96 30.62
N GLY C 285 -36.04 6.27 29.49
CA GLY C 285 -37.36 6.86 29.50
C GLY C 285 -37.35 8.30 29.98
N THR C 286 -38.33 9.07 29.50
CA THR C 286 -38.48 10.47 29.86
C THR C 286 -38.72 10.57 31.38
N LYS C 287 -37.65 10.72 32.14
CA LYS C 287 -37.75 10.81 33.60
C LYS C 287 -37.59 12.24 34.13
N ALA C 288 -37.51 12.37 35.45
CA ALA C 288 -37.37 13.66 36.12
C ALA C 288 -35.89 13.89 36.45
N LEU C 289 -35.60 14.33 37.66
CA LEU C 289 -34.21 14.56 38.03
C LEU C 289 -33.97 14.37 39.53
N THR C 290 -35.03 14.52 40.33
CA THR C 290 -34.97 14.36 41.78
C THR C 290 -35.83 13.14 42.13
N GLU C 291 -36.65 12.73 41.17
CA GLU C 291 -37.54 11.61 41.34
C GLU C 291 -36.78 10.38 41.84
N VAL C 292 -37.32 9.74 42.88
CA VAL C 292 -36.71 8.55 43.45
C VAL C 292 -36.85 7.41 42.42
N ILE C 293 -36.12 6.32 42.63
CA ILE C 293 -36.19 5.22 41.69
C ILE C 293 -35.76 3.90 42.36
N PRO C 294 -36.51 2.80 42.13
CA PRO C 294 -36.23 1.47 42.70
C PRO C 294 -35.02 0.75 42.10
N LEU C 295 -34.19 0.18 42.98
CA LEU C 295 -32.98 -0.52 42.54
C LEU C 295 -33.23 -1.96 42.14
N THR C 296 -33.55 -2.16 40.86
CA THR C 296 -33.81 -3.50 40.31
C THR C 296 -32.66 -4.44 40.69
N GLU C 297 -32.92 -5.75 40.69
CA GLU C 297 -31.90 -6.74 41.03
C GLU C 297 -30.97 -6.99 39.83
N GLU C 298 -31.51 -6.87 38.61
CA GLU C 298 -30.70 -7.06 37.41
C GLU C 298 -29.62 -5.98 37.50
N ALA C 299 -30.04 -4.82 37.98
CA ALA C 299 -29.15 -3.68 38.17
C ALA C 299 -28.34 -3.86 39.46
N GLU C 300 -28.98 -4.46 40.46
CA GLU C 300 -28.33 -4.73 41.74
C GLU C 300 -27.22 -5.75 41.53
N LEU C 301 -27.20 -6.35 40.35
CA LEU C 301 -26.20 -7.36 39.98
C LEU C 301 -24.95 -6.66 39.45
N GLU C 302 -25.14 -5.54 38.76
CA GLU C 302 -24.02 -4.78 38.22
C GLU C 302 -23.24 -4.23 39.39
N LEU C 303 -23.93 -3.58 40.32
CA LEU C 303 -23.28 -3.02 41.50
C LEU C 303 -22.48 -4.10 42.24
N ALA C 304 -23.06 -5.29 42.35
CA ALA C 304 -22.40 -6.40 43.03
C ALA C 304 -21.05 -6.72 42.40
N GLU C 305 -21.06 -7.04 41.11
CA GLU C 305 -19.82 -7.37 40.39
C GLU C 305 -18.85 -6.19 40.39
N ASN C 306 -19.40 -5.01 40.12
CA ASN C 306 -18.60 -3.78 40.07
C ASN C 306 -17.93 -3.51 41.41
N ARG C 307 -18.70 -3.16 42.43
CA ARG C 307 -18.14 -2.88 43.75
C ARG C 307 -17.08 -3.92 44.07
N GLU C 308 -17.27 -5.14 43.58
CA GLU C 308 -16.33 -6.21 43.82
C GLU C 308 -14.98 -5.89 43.20
N ILE C 309 -14.99 -5.54 41.92
CA ILE C 309 -13.75 -5.22 41.25
C ILE C 309 -13.05 -4.04 41.92
N LEU C 310 -13.81 -2.96 42.15
CA LEU C 310 -13.29 -1.75 42.78
C LEU C 310 -12.66 -2.01 44.14
N LYS C 311 -12.98 -3.17 44.72
CA LYS C 311 -12.45 -3.54 46.04
C LYS C 311 -10.94 -3.78 45.98
N GLU C 312 -10.50 -4.68 45.11
CA GLU C 312 -9.08 -5.00 44.97
C GLU C 312 -8.43 -4.03 44.01
N PRO C 313 -7.62 -3.09 44.53
CA PRO C 313 -6.92 -2.10 43.69
C PRO C 313 -5.96 -2.72 42.67
N VAL C 314 -5.70 -1.98 41.59
CA VAL C 314 -4.81 -2.45 40.54
C VAL C 314 -3.80 -1.37 40.17
N HIS C 315 -3.25 -1.47 38.96
CA HIS C 315 -2.27 -0.51 38.50
C HIS C 315 -2.06 -0.64 36.99
N GLY C 316 -1.75 0.48 36.33
CA GLY C 316 -1.50 0.45 34.90
C GLY C 316 -0.01 0.62 34.66
N VAL C 317 0.44 0.52 33.42
CA VAL C 317 1.86 0.68 33.15
C VAL C 317 2.15 1.72 32.09
N TYR C 318 3.39 2.20 32.06
CA TYR C 318 3.80 3.19 31.08
C TYR C 318 4.01 2.52 29.73
N TYR C 319 4.13 3.31 28.68
CA TYR C 319 4.29 2.82 27.31
C TYR C 319 5.73 2.60 26.88
N ASP C 320 6.01 1.54 26.12
CA ASP C 320 7.36 1.33 25.62
C ASP C 320 7.32 1.30 24.11
N PRO C 321 7.88 2.33 23.48
CA PRO C 321 7.97 2.55 22.03
C PRO C 321 8.19 1.31 21.19
N SER C 322 9.38 0.73 21.31
CA SER C 322 9.77 -0.47 20.56
C SER C 322 8.74 -1.60 20.56
N LYS C 323 8.32 -2.01 21.76
CA LYS C 323 7.36 -3.09 21.93
C LYS C 323 5.96 -2.69 21.46
N ASP C 324 5.58 -3.11 20.24
CA ASP C 324 4.27 -2.80 19.69
C ASP C 324 3.11 -3.03 20.66
N LEU C 325 1.93 -2.55 20.26
CA LEU C 325 0.74 -2.63 21.09
C LEU C 325 -0.27 -3.71 20.77
N ILE C 326 -0.87 -4.25 21.82
CA ILE C 326 -1.87 -5.28 21.64
C ILE C 326 -3.18 -4.92 22.34
N ALA C 327 -4.28 -5.22 21.65
CA ALA C 327 -5.61 -4.95 22.15
C ALA C 327 -6.39 -6.24 22.11
N GLU C 328 -6.85 -6.69 23.28
CA GLU C 328 -7.61 -7.93 23.38
C GLU C 328 -9.07 -7.59 23.66
N ILE C 329 -9.95 -8.07 22.80
CA ILE C 329 -11.37 -7.83 22.95
C ILE C 329 -12.03 -9.02 23.66
N GLN C 330 -13.06 -8.73 24.46
CA GLN C 330 -13.79 -9.77 25.17
C GLN C 330 -15.28 -9.58 24.90
N LYS C 331 -16.04 -10.66 24.97
CA LYS C 331 -17.48 -10.56 24.76
C LYS C 331 -18.08 -10.54 26.16
N GLN C 332 -19.13 -9.76 26.38
CA GLN C 332 -19.77 -9.67 27.69
C GLN C 332 -21.26 -9.92 27.58
N GLY C 333 -22.05 -9.09 28.27
CA GLY C 333 -23.50 -9.20 28.23
C GLY C 333 -23.98 -8.75 26.85
N GLN C 334 -25.28 -8.75 26.62
CA GLN C 334 -25.80 -8.35 25.31
C GLN C 334 -25.59 -6.86 25.01
N GLY C 335 -24.61 -6.59 24.16
CA GLY C 335 -24.27 -5.23 23.78
C GLY C 335 -22.92 -4.78 24.31
N GLN C 336 -22.56 -5.26 25.50
CA GLN C 336 -21.29 -4.91 26.13
C GLN C 336 -20.08 -5.73 25.66
N TRP C 337 -18.90 -5.11 25.72
CA TRP C 337 -17.64 -5.75 25.32
C TRP C 337 -16.54 -5.16 26.18
N THR C 338 -15.35 -5.77 26.19
CA THR C 338 -14.24 -5.26 27.00
C THR C 338 -12.91 -5.46 26.31
N TYR C 339 -11.93 -4.66 26.70
CA TYR C 339 -10.62 -4.76 26.07
C TYR C 339 -9.48 -4.36 26.98
N GLN C 340 -8.33 -4.98 26.75
CA GLN C 340 -7.16 -4.66 27.53
C GLN C 340 -6.05 -4.39 26.54
N ILE C 341 -5.56 -3.16 26.54
CA ILE C 341 -4.49 -2.79 25.65
C ILE C 341 -3.26 -2.95 26.48
N TYR C 342 -2.31 -3.74 25.98
CA TYR C 342 -1.06 -4.00 26.68
C TYR C 342 0.11 -4.29 25.75
N GLN C 343 1.29 -4.44 26.33
CA GLN C 343 2.50 -4.71 25.55
C GLN C 343 3.19 -5.99 26.01
N GLU C 344 3.23 -6.21 27.33
CA GLU C 344 3.85 -7.40 27.89
C GLU C 344 2.74 -8.39 28.23
N PRO C 345 3.08 -9.62 28.67
CA PRO C 345 2.05 -10.61 29.01
C PRO C 345 0.79 -10.10 29.71
N PHE C 346 0.94 -9.62 30.95
CA PHE C 346 -0.23 -9.13 31.66
C PHE C 346 -0.05 -7.77 32.32
N LYS C 347 0.61 -6.88 31.60
CA LYS C 347 0.84 -5.54 32.10
C LYS C 347 -0.10 -4.61 31.32
N ASN C 348 -1.27 -4.40 31.88
CA ASN C 348 -2.26 -3.53 31.25
C ASN C 348 -1.78 -2.09 31.09
N LEU C 349 -2.00 -1.53 29.91
CA LEU C 349 -1.66 -0.14 29.65
C LEU C 349 -2.92 0.62 29.99
N LYS C 350 -4.01 0.13 29.42
CA LYS C 350 -5.33 0.72 29.64
C LYS C 350 -6.35 -0.34 29.27
N THR C 351 -7.53 -0.24 29.88
CA THR C 351 -8.62 -1.17 29.65
C THR C 351 -9.89 -0.37 29.46
N GLY C 352 -10.91 -0.96 28.85
CA GLY C 352 -12.15 -0.24 28.67
C GLY C 352 -13.31 -1.10 28.22
N LYS C 353 -14.45 -0.48 27.93
CA LYS C 353 -15.62 -1.22 27.48
C LYS C 353 -16.39 -0.51 26.38
N TYR C 354 -16.91 -1.29 25.44
CA TYR C 354 -17.70 -0.78 24.33
C TYR C 354 -19.13 -1.27 24.55
N ALA C 355 -20.12 -0.39 24.38
CA ALA C 355 -21.52 -0.76 24.61
C ALA C 355 -22.49 -0.29 23.53
N ARG C 356 -22.20 0.85 22.92
CA ARG C 356 -23.06 1.42 21.88
C ARG C 356 -23.38 0.42 20.76
N MET C 357 -24.67 0.29 20.47
CA MET C 357 -25.16 -0.60 19.44
C MET C 357 -25.57 0.25 18.24
N ARG C 358 -24.73 0.28 17.20
CA ARG C 358 -25.03 1.09 16.01
C ARG C 358 -26.19 0.49 15.20
N GLY C 359 -27.33 1.19 15.20
CA GLY C 359 -28.48 0.73 14.45
C GLY C 359 -29.42 -0.11 15.29
N ALA C 360 -30.42 -0.71 14.63
CA ALA C 360 -31.41 -1.56 15.29
C ALA C 360 -31.11 -3.03 15.01
N HIS C 361 -31.19 -3.39 13.74
CA HIS C 361 -30.93 -4.77 13.35
C HIS C 361 -29.45 -4.98 13.15
N THR C 362 -28.77 -5.46 14.19
CA THR C 362 -27.34 -5.70 14.12
C THR C 362 -27.06 -7.16 14.44
N ASN C 363 -25.79 -7.53 14.52
CA ASN C 363 -25.42 -8.89 14.90
C ASN C 363 -24.18 -8.88 15.78
N ASP C 364 -23.23 -9.77 15.54
CA ASP C 364 -22.07 -9.76 16.39
C ASP C 364 -20.73 -9.59 15.75
N VAL C 365 -20.62 -9.77 14.44
CA VAL C 365 -19.30 -9.51 13.84
C VAL C 365 -19.31 -8.00 13.83
N LYS C 366 -20.41 -7.42 13.34
CA LYS C 366 -20.55 -5.99 13.30
C LYS C 366 -20.01 -5.35 14.58
N GLN C 367 -20.66 -5.64 15.72
CA GLN C 367 -20.20 -5.06 16.97
C GLN C 367 -18.70 -5.23 17.08
N LEU C 368 -18.18 -6.44 16.88
CA LEU C 368 -16.74 -6.61 16.99
C LEU C 368 -16.04 -5.66 16.03
N THR C 369 -16.51 -5.59 14.79
CA THR C 369 -15.92 -4.68 13.82
C THR C 369 -15.84 -3.35 14.56
N GLU C 370 -17.02 -2.80 14.85
CA GLU C 370 -17.13 -1.52 15.56
C GLU C 370 -16.21 -1.43 16.77
N ALA C 371 -16.13 -2.51 17.53
CA ALA C 371 -15.29 -2.52 18.71
C ALA C 371 -13.86 -2.22 18.30
N VAL C 372 -13.35 -2.97 17.32
CA VAL C 372 -11.99 -2.78 16.86
C VAL C 372 -11.84 -1.38 16.34
N GLN C 373 -12.74 -0.99 15.45
CA GLN C 373 -12.68 0.35 14.88
C GLN C 373 -12.42 1.39 15.96
N LYS C 374 -13.29 1.46 16.96
CA LYS C 374 -13.12 2.42 18.05
C LYS C 374 -11.77 2.23 18.74
N ILE C 375 -11.45 1.01 19.15
CA ILE C 375 -10.17 0.78 19.82
C ILE C 375 -9.01 1.38 19.04
N THR C 376 -8.98 1.16 17.73
CA THR C 376 -7.89 1.67 16.93
C THR C 376 -7.78 3.14 17.23
N THR C 377 -8.68 3.93 16.67
CA THR C 377 -8.70 5.36 16.90
C THR C 377 -8.21 5.75 18.31
N GLU C 378 -8.85 5.24 19.34
CA GLU C 378 -8.46 5.54 20.71
C GLU C 378 -6.95 5.29 20.97
N SER C 379 -6.35 4.41 20.19
CA SER C 379 -4.94 4.13 20.34
C SER C 379 -4.17 5.16 19.55
N ILE C 380 -4.62 5.40 18.33
CA ILE C 380 -3.97 6.40 17.49
C ILE C 380 -3.80 7.69 18.30
N VAL C 381 -4.85 8.04 19.03
CA VAL C 381 -4.84 9.25 19.82
C VAL C 381 -3.89 9.19 21.00
N ILE C 382 -3.69 8.01 21.54
CA ILE C 382 -2.82 7.91 22.70
C ILE C 382 -1.36 7.58 22.41
N TRP C 383 -1.14 6.73 21.41
CA TRP C 383 0.21 6.33 21.10
C TRP C 383 0.54 6.66 19.66
N GLY C 384 -0.46 7.12 18.90
CA GLY C 384 -0.22 7.47 17.51
C GLY C 384 0.16 6.30 16.64
N LYS C 385 -0.06 5.10 17.17
CA LYS C 385 0.23 3.86 16.45
C LYS C 385 -1.02 2.98 16.51
N THR C 386 -1.20 2.15 15.47
CA THR C 386 -2.33 1.22 15.40
C THR C 386 -1.90 -0.07 16.11
N PRO C 387 -2.76 -0.60 17.00
CA PRO C 387 -2.47 -1.81 17.77
C PRO C 387 -2.77 -3.13 17.07
N LYS C 388 -2.12 -4.19 17.53
CA LYS C 388 -2.32 -5.54 17.00
C LYS C 388 -3.45 -6.13 17.86
N PHE C 389 -4.43 -6.75 17.21
CA PHE C 389 -5.57 -7.31 17.91
C PHE C 389 -5.60 -8.81 18.12
N LYS C 390 -6.29 -9.20 19.19
CA LYS C 390 -6.52 -10.59 19.59
C LYS C 390 -8.03 -10.67 19.80
N LEU C 391 -8.72 -11.31 18.86
CA LEU C 391 -10.17 -11.37 18.94
C LEU C 391 -10.88 -12.72 19.03
N PRO C 392 -11.98 -12.76 19.82
CA PRO C 392 -12.80 -13.95 20.03
C PRO C 392 -13.62 -14.16 18.76
N ILE C 393 -12.97 -14.64 17.71
CA ILE C 393 -13.63 -14.91 16.46
C ILE C 393 -12.62 -15.64 15.62
N GLN C 394 -13.04 -16.76 15.05
CA GLN C 394 -12.13 -17.58 14.26
C GLN C 394 -11.99 -17.10 12.82
N LYS C 395 -10.75 -17.13 12.35
CA LYS C 395 -10.44 -16.71 11.01
C LYS C 395 -11.56 -17.13 10.06
N GLU C 396 -12.00 -18.38 10.20
CA GLU C 396 -13.07 -18.90 9.36
C GLU C 396 -14.27 -17.97 9.34
N THR C 397 -14.84 -17.75 10.53
CA THR C 397 -16.02 -16.89 10.69
C THR C 397 -15.88 -15.57 9.97
N TRP C 398 -14.74 -14.92 10.18
CA TRP C 398 -14.46 -13.64 9.55
C TRP C 398 -14.47 -13.83 8.04
N GLU C 399 -13.49 -14.58 7.52
CA GLU C 399 -13.34 -14.85 6.08
C GLU C 399 -14.64 -15.04 5.33
N THR C 400 -15.63 -15.60 6.01
CA THR C 400 -16.93 -15.84 5.40
C THR C 400 -17.76 -14.56 5.42
N TRP C 401 -17.69 -13.87 6.54
CA TRP C 401 -18.43 -12.63 6.72
C TRP C 401 -18.29 -11.65 5.59
N TRP C 402 -17.10 -11.07 5.50
CA TRP C 402 -16.84 -10.07 4.49
C TRP C 402 -16.94 -10.53 3.05
N THR C 403 -16.42 -11.72 2.78
CA THR C 403 -16.48 -12.24 1.43
C THR C 403 -17.93 -12.30 0.96
N GLU C 404 -18.85 -12.33 1.91
CA GLU C 404 -20.27 -12.38 1.57
C GLU C 404 -20.91 -10.98 1.64
N TYR C 405 -20.75 -10.30 2.77
CA TYR C 405 -21.34 -8.97 2.95
C TYR C 405 -21.16 -8.06 1.73
N TRP C 406 -22.24 -7.39 1.30
CA TRP C 406 -22.20 -6.50 0.14
C TRP C 406 -21.60 -5.14 0.49
N GLN C 407 -21.41 -4.93 1.78
CA GLN C 407 -20.84 -3.71 2.33
C GLN C 407 -19.35 -4.02 2.48
N ALA C 408 -18.48 -3.13 2.02
CA ALA C 408 -17.05 -3.39 2.15
C ALA C 408 -16.68 -3.23 3.62
N THR C 409 -15.67 -3.97 4.07
CA THR C 409 -15.22 -3.89 5.46
C THR C 409 -13.94 -4.65 5.66
N TRP C 410 -13.33 -4.47 6.84
CA TRP C 410 -12.08 -5.15 7.11
C TRP C 410 -11.63 -4.92 8.53
N ILE C 411 -10.56 -5.61 8.93
CA ILE C 411 -9.99 -5.48 10.26
C ILE C 411 -8.48 -5.57 10.09
N PRO C 412 -7.73 -4.78 10.87
CA PRO C 412 -6.27 -4.82 10.75
C PRO C 412 -5.65 -6.10 11.32
N GLU C 413 -4.35 -6.27 11.06
CA GLU C 413 -3.59 -7.41 11.54
C GLU C 413 -4.08 -7.86 12.92
N TRP C 414 -4.43 -9.15 13.01
CA TRP C 414 -4.94 -9.74 14.24
C TRP C 414 -4.79 -11.27 14.26
N GLU C 415 -5.03 -11.85 15.43
CA GLU C 415 -4.93 -13.29 15.61
C GLU C 415 -6.21 -13.71 16.31
N PHE C 416 -6.44 -15.01 16.44
CA PHE C 416 -7.62 -15.48 17.14
C PHE C 416 -7.23 -16.04 18.50
N VAL C 417 -7.87 -15.53 19.55
CA VAL C 417 -7.60 -16.04 20.88
C VAL C 417 -8.77 -16.98 21.21
N ASN C 418 -8.45 -18.22 21.56
CA ASN C 418 -9.48 -19.20 21.88
C ASN C 418 -9.88 -18.99 23.32
N THR C 419 -11.02 -18.33 23.52
CA THR C 419 -11.48 -18.09 24.87
C THR C 419 -12.90 -17.55 24.85
N PRO C 420 -13.87 -18.45 24.84
CA PRO C 420 -15.30 -18.11 24.81
C PRO C 420 -15.70 -17.21 25.97
N PRO C 421 -16.92 -16.67 25.91
CA PRO C 421 -17.87 -16.89 24.82
C PRO C 421 -17.30 -16.41 23.51
N LEU C 422 -17.32 -17.27 22.50
CA LEU C 422 -16.80 -16.87 21.19
C LEU C 422 -17.86 -16.20 20.32
N VAL C 423 -17.40 -15.51 19.28
CA VAL C 423 -18.29 -14.79 18.38
C VAL C 423 -18.36 -15.45 17.01
N LYS C 424 -19.58 -15.73 16.58
CA LYS C 424 -19.82 -16.34 15.28
C LYS C 424 -21.24 -16.08 14.82
N LEU C 425 -21.45 -16.23 13.51
CA LEU C 425 -22.75 -16.05 12.90
C LEU C 425 -23.62 -17.22 13.34
N TRP C 426 -24.81 -16.95 13.85
CA TRP C 426 -25.69 -18.02 14.31
C TRP C 426 -26.48 -18.74 13.22
N TYR C 427 -26.67 -18.10 12.08
CA TYR C 427 -27.38 -18.79 11.01
C TYR C 427 -26.79 -18.41 9.68
N GLN C 428 -27.42 -18.83 8.59
CA GLN C 428 -26.89 -18.51 7.27
C GLN C 428 -27.79 -18.90 6.12
N LEU C 429 -28.32 -17.92 5.39
CA LEU C 429 -29.19 -18.21 4.26
C LEU C 429 -28.51 -19.08 3.21
N GLU C 430 -29.30 -19.62 2.29
CA GLU C 430 -28.80 -20.48 1.24
C GLU C 430 -28.51 -19.66 0.00
N LYS C 431 -27.63 -20.17 -0.85
CA LYS C 431 -27.28 -19.48 -2.07
C LYS C 431 -28.22 -19.90 -3.19
N GLU C 432 -28.65 -21.16 -3.13
CA GLU C 432 -29.56 -21.71 -4.14
C GLU C 432 -30.84 -22.25 -3.52
N PRO C 433 -31.97 -22.14 -4.26
CA PRO C 433 -33.23 -22.64 -3.73
C PRO C 433 -33.04 -24.10 -3.36
N ILE C 434 -33.54 -24.48 -2.19
CA ILE C 434 -33.38 -25.84 -1.72
C ILE C 434 -34.51 -26.73 -2.25
N VAL C 435 -34.22 -28.02 -2.42
CA VAL C 435 -35.22 -28.96 -2.90
C VAL C 435 -35.64 -29.90 -1.77
N GLY C 436 -36.95 -30.05 -1.61
CA GLY C 436 -37.49 -30.89 -0.55
C GLY C 436 -38.12 -29.97 0.47
N ALA C 437 -38.50 -28.78 0.01
CA ALA C 437 -39.13 -27.76 0.85
C ALA C 437 -40.14 -26.92 0.08
N GLU C 438 -41.27 -26.62 0.73
CA GLU C 438 -42.34 -25.83 0.13
C GLU C 438 -41.81 -24.43 -0.19
N THR C 439 -42.21 -23.88 -1.32
CA THR C 439 -41.75 -22.54 -1.66
C THR C 439 -42.80 -21.49 -1.35
N PHE C 440 -42.94 -21.18 -0.05
CA PHE C 440 -43.89 -20.17 0.44
C PHE C 440 -43.82 -18.83 -0.29
N TYR C 441 -44.98 -18.21 -0.48
CA TYR C 441 -45.05 -16.92 -1.12
C TYR C 441 -45.65 -15.91 -0.14
N VAL C 442 -44.80 -15.31 0.70
CA VAL C 442 -45.30 -14.36 1.68
C VAL C 442 -45.63 -13.00 1.10
N ASP C 443 -46.31 -12.21 1.91
CA ASP C 443 -46.71 -10.85 1.59
C ASP C 443 -47.44 -10.22 2.77
N GLY C 444 -48.06 -9.07 2.52
CA GLY C 444 -48.78 -8.36 3.57
C GLY C 444 -49.06 -6.94 3.12
N ALA C 445 -49.89 -6.23 3.87
CA ALA C 445 -50.22 -4.84 3.53
C ALA C 445 -50.92 -4.19 4.72
N ALA C 446 -51.35 -2.93 4.52
CA ALA C 446 -52.03 -2.15 5.55
C ALA C 446 -52.51 -0.82 4.99
N ASN C 447 -53.37 -0.14 5.74
CA ASN C 447 -53.90 1.15 5.33
C ASN C 447 -53.51 2.21 6.36
N ARG C 448 -52.84 3.25 5.89
CA ARG C 448 -52.38 4.33 6.77
C ARG C 448 -53.56 4.96 7.49
N GLU C 449 -54.68 5.10 6.79
CA GLU C 449 -55.88 5.72 7.32
C GLU C 449 -56.59 4.84 8.35
N THR C 450 -56.29 3.55 8.37
CA THR C 450 -56.93 2.63 9.30
C THR C 450 -56.01 2.04 10.36
N LYS C 451 -54.72 1.93 10.04
CA LYS C 451 -53.72 1.36 10.95
C LYS C 451 -53.82 -0.16 11.00
N LEU C 452 -54.67 -0.71 10.14
CA LEU C 452 -54.91 -2.15 10.06
C LEU C 452 -54.58 -2.77 8.69
N GLY C 453 -54.37 -4.09 8.68
CA GLY C 453 -54.06 -4.80 7.46
C GLY C 453 -53.81 -6.26 7.78
N LYS C 454 -53.69 -7.09 6.75
CA LYS C 454 -53.45 -8.52 6.95
C LYS C 454 -52.13 -8.93 6.34
N ALA C 455 -51.75 -10.18 6.53
CA ALA C 455 -50.48 -10.66 5.98
C ALA C 455 -50.29 -12.16 6.09
N GLY C 456 -50.13 -12.82 4.94
CA GLY C 456 -49.92 -14.26 4.94
C GLY C 456 -49.46 -14.85 3.63
N TYR C 457 -49.13 -16.14 3.67
CA TYR C 457 -48.63 -16.88 2.51
C TYR C 457 -49.58 -17.72 1.64
N VAL C 458 -48.96 -18.45 0.72
CA VAL C 458 -49.64 -19.29 -0.25
C VAL C 458 -48.67 -20.30 -0.85
N THR C 459 -48.30 -21.35 -0.11
CA THR C 459 -47.37 -22.37 -0.65
C THR C 459 -47.76 -22.83 -2.07
N ASN C 460 -46.86 -23.59 -2.69
CA ASN C 460 -47.04 -24.12 -4.03
C ASN C 460 -47.99 -25.32 -4.02
N LYS C 461 -48.12 -25.93 -2.84
CA LYS C 461 -49.00 -27.08 -2.62
C LYS C 461 -50.46 -26.67 -2.47
N GLY C 462 -50.68 -25.42 -2.11
CA GLY C 462 -52.04 -24.92 -1.94
C GLY C 462 -52.26 -24.28 -0.58
N ARG C 463 -51.51 -24.72 0.44
CA ARG C 463 -51.64 -24.19 1.80
C ARG C 463 -51.81 -22.67 1.82
N GLN C 464 -52.43 -22.15 2.87
CA GLN C 464 -52.67 -20.71 3.00
C GLN C 464 -52.50 -20.28 4.45
N LYS C 465 -52.96 -19.06 4.71
CA LYS C 465 -52.92 -18.41 6.02
C LYS C 465 -53.11 -16.92 5.72
N VAL C 466 -53.62 -16.13 6.67
CA VAL C 466 -53.84 -14.68 6.48
C VAL C 466 -54.19 -13.97 7.79
N VAL C 467 -53.37 -14.19 8.82
CA VAL C 467 -53.59 -13.53 10.13
C VAL C 467 -53.85 -12.03 9.97
N PRO C 468 -54.80 -11.48 10.74
CA PRO C 468 -55.09 -10.05 10.63
C PRO C 468 -54.19 -9.29 11.60
N LEU C 469 -53.90 -8.03 11.27
CA LEU C 469 -53.03 -7.22 12.10
C LEU C 469 -53.62 -5.86 12.38
N THR C 470 -53.40 -5.37 13.59
CA THR C 470 -53.90 -4.06 14.01
C THR C 470 -52.76 -3.15 14.41
N ASN C 471 -52.82 -1.90 13.94
CA ASN C 471 -51.80 -0.93 14.25
C ASN C 471 -50.45 -1.50 13.82
N THR C 472 -50.15 -1.33 12.54
CA THR C 472 -48.90 -1.79 11.91
C THR C 472 -48.89 -1.20 10.51
N THR C 473 -47.73 -1.19 9.86
CA THR C 473 -47.70 -0.66 8.50
C THR C 473 -46.88 -1.50 7.56
N ASN C 474 -47.43 -1.69 6.35
CA ASN C 474 -46.83 -2.48 5.28
C ASN C 474 -45.53 -3.13 5.68
N GLN C 475 -44.52 -2.31 5.86
CA GLN C 475 -43.20 -2.78 6.26
C GLN C 475 -43.36 -3.76 7.41
N LYS C 476 -44.27 -3.47 8.31
CA LYS C 476 -44.51 -4.35 9.45
C LYS C 476 -45.05 -5.67 8.90
N THR C 477 -46.22 -5.60 8.25
CA THR C 477 -46.85 -6.78 7.69
C THR C 477 -45.98 -7.59 6.73
N GLU C 478 -45.44 -6.98 5.68
CA GLU C 478 -44.61 -7.75 4.75
C GLU C 478 -43.47 -8.41 5.52
N LEU C 479 -43.19 -7.86 6.69
CA LEU C 479 -42.14 -8.42 7.48
C LEU C 479 -42.78 -9.55 8.23
N GLN C 480 -44.04 -9.33 8.61
CA GLN C 480 -44.85 -10.30 9.36
C GLN C 480 -45.02 -11.62 8.60
N ALA C 481 -45.41 -11.54 7.32
CA ALA C 481 -45.56 -12.74 6.49
C ALA C 481 -44.34 -13.64 6.72
N ILE C 482 -43.17 -13.15 6.34
CA ILE C 482 -41.95 -13.91 6.51
C ILE C 482 -41.86 -14.56 7.90
N TYR C 483 -42.64 -14.08 8.87
CA TYR C 483 -42.57 -14.71 10.17
C TYR C 483 -43.33 -16.02 10.18
N LEU C 484 -44.56 -15.99 9.67
CA LEU C 484 -45.43 -17.17 9.58
C LEU C 484 -44.63 -18.30 8.94
N ALA C 485 -44.37 -18.15 7.64
CA ALA C 485 -43.60 -19.12 6.90
C ALA C 485 -42.42 -19.71 7.70
N LEU C 486 -42.05 -19.08 8.79
CA LEU C 486 -40.93 -19.57 9.58
C LEU C 486 -41.40 -20.20 10.87
N GLN C 487 -42.64 -20.65 10.85
CA GLN C 487 -43.28 -21.31 11.97
C GLN C 487 -44.05 -22.45 11.30
N ASP C 488 -44.85 -22.04 10.32
CA ASP C 488 -45.66 -22.94 9.55
C ASP C 488 -44.83 -23.48 8.40
N SER C 489 -43.80 -24.25 8.73
CA SER C 489 -42.95 -24.83 7.72
C SER C 489 -41.93 -25.75 8.38
N GLY C 490 -41.27 -26.56 7.56
CA GLY C 490 -40.29 -27.53 8.03
C GLY C 490 -38.94 -27.01 8.48
N LEU C 491 -37.93 -27.89 8.43
CA LEU C 491 -36.57 -27.53 8.80
C LEU C 491 -35.87 -27.06 7.55
N GLU C 492 -36.64 -26.96 6.47
CA GLU C 492 -36.16 -26.52 5.18
C GLU C 492 -37.32 -25.80 4.53
N VAL C 493 -37.03 -24.73 3.77
CA VAL C 493 -38.06 -23.96 3.11
C VAL C 493 -37.54 -22.82 2.25
N ASN C 494 -38.36 -22.43 1.28
CA ASN C 494 -38.06 -21.32 0.36
C ASN C 494 -39.09 -20.25 0.69
N ILE C 495 -38.74 -18.97 0.50
CA ILE C 495 -39.67 -17.89 0.79
C ILE C 495 -39.60 -16.84 -0.27
N VAL C 496 -40.67 -16.06 -0.43
CA VAL C 496 -40.62 -15.05 -1.45
C VAL C 496 -41.40 -13.78 -1.08
N THR C 497 -40.65 -12.67 -1.05
CA THR C 497 -41.21 -11.37 -0.70
C THR C 497 -41.03 -10.37 -1.81
N ASP C 498 -41.75 -9.27 -1.66
CA ASP C 498 -41.71 -8.18 -2.62
C ASP C 498 -41.08 -6.96 -1.93
N SER C 499 -40.66 -7.14 -0.67
CA SER C 499 -40.04 -6.06 0.12
C SER C 499 -38.52 -6.22 0.27
N GLN C 500 -37.79 -5.26 -0.29
CA GLN C 500 -36.35 -5.27 -0.19
C GLN C 500 -36.14 -5.02 1.29
N TYR C 501 -36.94 -4.11 1.83
CA TYR C 501 -36.86 -3.75 3.24
C TYR C 501 -36.63 -4.96 4.16
N ALA C 502 -37.63 -5.83 4.22
CA ALA C 502 -37.57 -7.03 5.04
C ALA C 502 -36.45 -7.90 4.52
N LEU C 503 -36.41 -8.05 3.20
CA LEU C 503 -35.39 -8.85 2.57
C LEU C 503 -33.99 -8.52 3.07
N GLY C 504 -33.60 -7.27 2.84
CA GLY C 504 -32.30 -6.79 3.25
C GLY C 504 -32.10 -7.08 4.72
N ILE C 505 -32.96 -6.51 5.55
CA ILE C 505 -32.85 -6.72 6.98
C ILE C 505 -32.34 -8.11 7.34
N ILE C 506 -32.89 -9.12 6.65
CA ILE C 506 -32.58 -10.52 6.88
C ILE C 506 -31.22 -10.93 6.35
N GLN C 507 -30.97 -10.64 5.07
CA GLN C 507 -29.70 -11.01 4.48
C GLN C 507 -28.51 -10.62 5.34
N ALA C 508 -28.60 -9.42 5.92
CA ALA C 508 -27.55 -8.88 6.78
C ALA C 508 -27.16 -9.85 7.88
N GLN C 509 -27.83 -11.00 7.93
CA GLN C 509 -27.55 -12.01 8.93
C GLN C 509 -27.71 -11.46 10.36
N PRO C 510 -28.77 -10.69 10.60
CA PRO C 510 -29.03 -10.10 11.93
C PRO C 510 -29.00 -11.17 13.00
N ASP C 511 -28.44 -10.84 14.15
CA ASP C 511 -28.34 -11.80 15.22
C ASP C 511 -28.93 -11.18 16.47
N LYS C 512 -29.58 -10.03 16.28
CA LYS C 512 -30.19 -9.29 17.37
C LYS C 512 -30.81 -8.00 16.82
N SER C 513 -31.86 -7.51 17.48
CA SER C 513 -32.50 -6.29 17.02
C SER C 513 -33.18 -5.54 18.15
N GLU C 514 -33.89 -4.48 17.79
CA GLU C 514 -34.59 -3.66 18.75
C GLU C 514 -36.01 -4.19 18.86
N SER C 515 -36.60 -4.55 17.71
CA SER C 515 -37.97 -5.08 17.67
C SER C 515 -37.98 -6.59 17.92
N GLU C 516 -39.01 -7.06 18.60
CA GLU C 516 -39.13 -8.48 18.91
C GLU C 516 -39.46 -9.29 17.66
N LEU C 517 -40.42 -8.82 16.87
CA LEU C 517 -40.82 -9.47 15.64
C LEU C 517 -39.61 -10.03 14.92
N VAL C 518 -38.68 -9.13 14.64
CA VAL C 518 -37.46 -9.46 13.93
C VAL C 518 -36.55 -10.26 14.83
N ASN C 519 -36.66 -10.08 16.14
CA ASN C 519 -35.84 -10.84 17.06
C ASN C 519 -36.36 -12.28 17.01
N GLN C 520 -37.66 -12.40 16.75
CA GLN C 520 -38.28 -13.70 16.67
C GLN C 520 -37.95 -14.27 15.30
N ILE C 521 -38.07 -13.47 14.24
CA ILE C 521 -37.74 -13.97 12.91
C ILE C 521 -36.28 -14.42 12.92
N ILE C 522 -35.53 -13.88 13.86
CA ILE C 522 -34.14 -14.25 14.02
C ILE C 522 -34.15 -15.63 14.64
N GLU C 523 -34.96 -15.79 15.68
CA GLU C 523 -35.07 -17.05 16.40
C GLU C 523 -35.49 -18.24 15.53
N GLN C 524 -36.33 -17.98 14.54
CA GLN C 524 -36.76 -19.04 13.64
C GLN C 524 -35.55 -19.48 12.82
N LEU C 525 -34.91 -18.51 12.16
CA LEU C 525 -33.75 -18.80 11.34
C LEU C 525 -32.70 -19.63 12.05
N ILE C 526 -32.43 -19.29 13.30
CA ILE C 526 -31.43 -20.05 14.03
C ILE C 526 -31.94 -21.45 14.34
N LYS C 527 -33.25 -21.57 14.53
CA LYS C 527 -33.90 -22.85 14.85
C LYS C 527 -33.85 -23.84 13.67
N LYS C 528 -34.37 -23.43 12.52
CA LYS C 528 -34.39 -24.28 11.34
C LYS C 528 -33.03 -24.82 10.92
N GLU C 529 -32.91 -25.35 9.71
CA GLU C 529 -31.65 -25.93 9.29
C GLU C 529 -31.40 -25.68 7.82
N LYS C 530 -32.20 -24.81 7.23
CA LYS C 530 -32.03 -24.46 5.82
C LYS C 530 -33.07 -23.50 5.28
N VAL C 531 -32.65 -22.26 5.05
CA VAL C 531 -33.56 -21.27 4.52
C VAL C 531 -33.00 -20.65 3.27
N TYR C 532 -33.88 -19.99 2.51
CA TYR C 532 -33.51 -19.34 1.28
C TYR C 532 -34.67 -18.43 0.93
N LEU C 533 -34.37 -17.16 0.65
CA LEU C 533 -35.39 -16.17 0.30
C LEU C 533 -35.05 -15.60 -1.05
N ALA C 534 -36.07 -15.20 -1.76
CA ALA C 534 -35.86 -14.61 -3.05
C ALA C 534 -36.76 -13.40 -3.06
N TRP C 535 -36.60 -12.59 -4.08
CA TRP C 535 -37.35 -11.36 -4.18
C TRP C 535 -38.04 -11.31 -5.53
N VAL C 536 -39.13 -10.55 -5.58
CA VAL C 536 -39.87 -10.35 -6.80
C VAL C 536 -40.57 -9.01 -6.73
N PRO C 537 -40.59 -8.27 -7.83
CA PRO C 537 -41.21 -6.95 -7.95
C PRO C 537 -42.72 -7.00 -7.77
N ALA C 538 -43.21 -6.68 -6.59
CA ALA C 538 -44.66 -6.71 -6.40
C ALA C 538 -45.41 -5.80 -7.39
N HIS C 539 -46.66 -6.09 -7.65
CA HIS C 539 -47.46 -5.28 -8.56
C HIS C 539 -47.00 -5.38 -10.02
N LYS C 540 -46.28 -6.46 -10.31
CA LYS C 540 -45.76 -6.72 -11.65
C LYS C 540 -46.49 -7.92 -12.29
N GLY C 541 -47.13 -8.73 -11.46
CA GLY C 541 -47.87 -9.87 -11.97
C GLY C 541 -47.06 -11.16 -11.98
N ILE C 542 -45.88 -11.13 -11.37
CA ILE C 542 -45.06 -12.32 -11.36
C ILE C 542 -45.78 -13.48 -10.69
N GLY C 543 -45.40 -14.68 -11.13
CA GLY C 543 -45.95 -15.94 -10.62
C GLY C 543 -46.73 -15.93 -9.32
N GLY C 544 -46.29 -16.73 -8.36
CA GLY C 544 -47.01 -16.84 -7.11
C GLY C 544 -47.17 -15.58 -6.28
N ASN C 545 -47.09 -14.42 -6.92
CA ASN C 545 -47.23 -13.17 -6.20
C ASN C 545 -48.70 -12.79 -6.12
N GLU C 546 -49.31 -12.62 -7.30
CA GLU C 546 -50.72 -12.25 -7.42
C GLU C 546 -51.54 -12.96 -6.36
N GLN C 547 -51.30 -14.27 -6.21
CA GLN C 547 -52.03 -15.03 -5.22
C GLN C 547 -52.05 -14.25 -3.90
N VAL C 548 -51.00 -14.36 -3.10
CA VAL C 548 -50.96 -13.67 -1.82
C VAL C 548 -51.34 -12.20 -1.89
N ASP C 549 -50.96 -11.53 -2.98
CA ASP C 549 -51.29 -10.11 -3.13
C ASP C 549 -52.79 -9.92 -2.92
N LYS C 550 -53.59 -10.54 -3.78
CA LYS C 550 -55.04 -10.44 -3.70
C LYS C 550 -55.50 -10.94 -2.34
N LEU C 551 -54.96 -12.07 -1.93
CA LEU C 551 -55.32 -12.67 -0.67
C LEU C 551 -55.14 -11.68 0.50
N VAL C 552 -54.33 -10.64 0.29
CA VAL C 552 -54.14 -9.67 1.36
C VAL C 552 -54.57 -8.26 0.94
N SER C 553 -55.02 -8.12 -0.32
CA SER C 553 -55.48 -6.83 -0.83
C SER C 553 -56.94 -6.52 -0.42
N ALA C 554 -57.38 -7.11 0.69
CA ALA C 554 -58.74 -6.87 1.23
C ALA C 554 -58.62 -5.59 2.07
N GLY C 555 -58.88 -4.45 1.43
CA GLY C 555 -58.72 -3.16 2.11
C GLY C 555 -57.43 -2.59 1.54
N ILE C 556 -57.54 -2.07 0.32
CA ILE C 556 -56.41 -1.51 -0.40
C ILE C 556 -56.67 -0.06 -0.79
N ARG C 557 -57.70 0.54 -0.19
CA ARG C 557 -58.03 1.94 -0.51
C ARG C 557 -59.11 2.50 0.41
N LYS C 558 -59.20 3.82 0.48
CA LYS C 558 -60.17 4.50 1.31
C LYS C 558 -60.00 4.12 2.77
N PRO D 1 6.89 38.08 1.69
CA PRO D 1 5.90 38.77 0.84
C PRO D 1 6.01 38.41 -0.65
N ILE D 2 6.28 37.12 -0.89
CA ILE D 2 6.43 36.51 -2.20
C ILE D 2 6.07 37.17 -3.52
N SER D 3 5.12 38.09 -3.59
CA SER D 3 4.80 38.68 -4.90
C SER D 3 4.13 40.06 -4.95
N PRO D 4 4.52 40.91 -5.93
CA PRO D 4 3.94 42.25 -6.05
C PRO D 4 2.47 42.18 -6.47
N ILE D 5 2.17 41.23 -7.34
CA ILE D 5 0.82 41.04 -7.87
C ILE D 5 -0.31 41.41 -6.89
N GLU D 6 -1.36 42.01 -7.45
CA GLU D 6 -2.53 42.47 -6.70
C GLU D 6 -3.43 41.30 -6.33
N THR D 7 -3.72 41.17 -5.05
CA THR D 7 -4.56 40.11 -4.52
C THR D 7 -6.01 40.19 -4.98
N VAL D 8 -6.56 39.09 -5.50
CA VAL D 8 -7.96 39.09 -5.95
C VAL D 8 -8.87 38.70 -4.78
N PRO D 9 -9.98 39.43 -4.62
CA PRO D 9 -11.00 39.26 -3.59
C PRO D 9 -11.87 38.01 -3.74
N VAL D 10 -12.11 37.34 -2.63
CA VAL D 10 -12.94 36.13 -2.58
C VAL D 10 -13.94 36.30 -1.45
N LYS D 11 -15.22 36.16 -1.76
CA LYS D 11 -16.26 36.30 -0.75
C LYS D 11 -17.19 35.09 -0.81
N LEU D 12 -17.14 34.25 0.24
CA LEU D 12 -17.95 33.04 0.30
C LEU D 12 -19.41 33.25 -0.03
N LYS D 13 -20.07 32.18 -0.46
CA LYS D 13 -21.49 32.21 -0.82
C LYS D 13 -22.23 32.95 0.29
N PRO D 14 -23.15 33.86 -0.08
CA PRO D 14 -23.91 34.62 0.90
C PRO D 14 -24.67 33.79 1.92
N GLY D 15 -24.75 34.29 3.15
CA GLY D 15 -25.47 33.59 4.19
C GLY D 15 -24.82 32.30 4.62
N MET D 16 -23.50 32.20 4.45
CA MET D 16 -22.74 31.01 4.86
C MET D 16 -21.43 31.48 5.47
N ASP D 17 -21.09 30.95 6.63
CA ASP D 17 -19.84 31.35 7.27
C ASP D 17 -18.71 30.41 6.89
N GLY D 18 -17.52 30.75 7.32
CA GLY D 18 -16.40 29.89 6.99
C GLY D 18 -16.52 28.50 7.57
N PRO D 19 -15.60 27.62 7.19
CA PRO D 19 -15.54 26.24 7.63
C PRO D 19 -15.17 26.18 9.08
N LYS D 20 -15.86 25.30 9.81
CA LYS D 20 -15.62 25.08 11.24
C LYS D 20 -15.55 23.59 11.50
N VAL D 21 -14.71 22.87 10.75
CA VAL D 21 -14.54 21.42 10.89
C VAL D 21 -13.49 20.99 11.92
N LYS D 22 -13.72 19.88 12.60
CA LYS D 22 -12.81 19.43 13.63
C LYS D 22 -11.64 18.63 13.10
N GLN D 23 -10.54 18.60 13.87
CA GLN D 23 -9.33 17.88 13.44
C GLN D 23 -9.25 16.45 13.92
N TRP D 24 -9.30 15.54 12.95
CA TRP D 24 -9.25 14.15 13.29
C TRP D 24 -7.90 13.65 13.73
N PRO D 25 -7.90 12.62 14.54
CA PRO D 25 -6.68 12.01 15.07
C PRO D 25 -5.73 11.74 13.94
N LEU D 26 -4.43 11.90 14.22
CA LEU D 26 -3.39 11.67 13.23
C LEU D 26 -2.32 10.82 13.87
N THR D 27 -1.77 9.91 13.07
CA THR D 27 -0.74 9.00 13.56
C THR D 27 0.63 9.67 13.49
N GLU D 28 1.47 9.42 14.50
CA GLU D 28 2.81 10.02 14.58
C GLU D 28 3.41 10.26 13.21
N GLU D 29 3.75 9.16 12.56
CA GLU D 29 4.32 9.18 11.23
C GLU D 29 3.82 10.39 10.43
N LYS D 30 2.51 10.65 10.48
CA LYS D 30 1.95 11.75 9.73
C LYS D 30 2.15 13.08 10.41
N ILE D 31 2.13 13.07 11.73
CA ILE D 31 2.32 14.30 12.48
C ILE D 31 3.73 14.76 12.24
N LYS D 32 4.68 13.94 12.72
CA LYS D 32 6.11 14.23 12.57
C LYS D 32 6.25 14.88 11.21
N ALA D 33 5.76 14.23 10.17
CA ALA D 33 5.85 14.78 8.82
C ALA D 33 5.14 16.11 8.68
N LEU D 34 3.87 16.12 9.03
CA LEU D 34 3.09 17.35 8.93
C LEU D 34 3.76 18.53 9.63
N VAL D 35 4.34 18.27 10.79
CA VAL D 35 5.04 19.32 11.56
C VAL D 35 6.14 19.91 10.69
N GLU D 36 7.16 19.11 10.38
CA GLU D 36 8.28 19.53 9.54
C GLU D 36 7.81 20.30 8.29
N ILE D 37 7.04 19.66 7.43
CA ILE D 37 6.60 20.35 6.23
C ILE D 37 5.84 21.65 6.56
N CYS D 38 5.35 21.79 7.79
CA CYS D 38 4.66 23.04 8.12
C CYS D 38 5.65 24.08 8.58
N THR D 39 6.57 23.67 9.45
CA THR D 39 7.59 24.57 9.97
C THR D 39 8.23 25.34 8.82
N GLU D 40 8.93 24.60 7.97
CA GLU D 40 9.61 25.21 6.85
C GLU D 40 8.68 25.99 5.93
N MET D 41 7.38 25.92 6.16
CA MET D 41 6.43 26.65 5.33
C MET D 41 6.18 28.03 5.93
N GLU D 42 6.30 28.05 7.26
CA GLU D 42 6.13 29.24 8.10
C GLU D 42 7.37 30.11 7.92
N LYS D 43 8.54 29.46 7.93
CA LYS D 43 9.78 30.20 7.77
C LYS D 43 9.65 31.03 6.52
N GLU D 44 9.64 30.40 5.34
CA GLU D 44 9.51 31.16 4.08
C GLU D 44 8.23 32.01 4.13
N GLY D 45 7.50 31.89 5.24
CA GLY D 45 6.29 32.67 5.41
C GLY D 45 5.15 32.51 4.42
N LYS D 46 4.90 31.29 4.00
CA LYS D 46 3.81 31.02 3.08
C LYS D 46 2.59 30.88 4.00
N ILE D 47 2.88 30.47 5.23
CA ILE D 47 1.89 30.24 6.25
C ILE D 47 2.22 31.10 7.45
N SER D 48 1.27 31.25 8.40
CA SER D 48 1.48 32.06 9.62
C SER D 48 0.85 31.42 10.87
N LYS D 49 1.51 31.52 12.01
CA LYS D 49 0.87 30.93 13.16
C LYS D 49 -0.30 31.83 13.51
N ILE D 50 -1.31 31.28 14.22
CA ILE D 50 -2.49 32.04 14.66
C ILE D 50 -3.03 31.34 15.89
N GLY D 51 -3.84 32.03 16.70
CA GLY D 51 -4.38 31.41 17.90
C GLY D 51 -5.89 31.14 18.00
N PRO D 52 -6.41 31.04 19.22
CA PRO D 52 -7.83 30.78 19.45
C PRO D 52 -8.72 31.80 18.77
N GLU D 53 -8.30 33.06 18.78
CA GLU D 53 -9.11 34.11 18.17
C GLU D 53 -9.71 33.86 16.79
N ASN D 54 -9.18 32.89 16.05
CA ASN D 54 -9.72 32.57 14.71
C ASN D 54 -10.66 31.39 14.91
N PRO D 55 -11.97 31.62 14.84
CA PRO D 55 -13.01 30.63 15.03
C PRO D 55 -13.23 29.64 13.91
N TYR D 56 -12.46 29.70 12.83
CA TYR D 56 -12.68 28.72 11.78
C TYR D 56 -11.66 27.62 11.84
N ASN D 57 -11.78 26.69 10.90
CA ASN D 57 -10.86 25.57 10.85
C ASN D 57 -11.10 24.60 9.70
N THR D 58 -10.18 23.66 9.54
CA THR D 58 -10.24 22.64 8.50
C THR D 58 -9.27 21.51 8.88
N PRO D 59 -9.55 20.31 8.42
CA PRO D 59 -8.59 19.29 8.84
C PRO D 59 -7.48 19.04 7.86
N VAL D 60 -6.38 18.57 8.42
CA VAL D 60 -5.25 18.23 7.59
C VAL D 60 -4.70 16.92 8.02
N PHE D 61 -3.98 16.33 7.10
CA PHE D 61 -3.33 15.08 7.34
C PHE D 61 -2.38 15.04 6.15
N ALA D 62 -1.46 14.09 6.16
CA ALA D 62 -0.48 13.97 5.08
C ALA D 62 -0.36 12.55 4.61
N ILE D 63 0.09 12.40 3.37
CA ILE D 63 0.23 11.08 2.77
C ILE D 63 1.58 10.89 2.14
N LYS D 64 2.29 9.84 2.55
CA LYS D 64 3.60 9.58 1.97
C LYS D 64 3.39 9.00 0.59
N LYS D 65 3.33 9.87 -0.42
CA LYS D 65 3.12 9.42 -1.79
C LYS D 65 4.06 8.30 -2.20
N LYS D 66 3.49 7.28 -2.85
CA LYS D 66 4.30 6.18 -3.35
C LYS D 66 4.86 6.67 -4.68
N ASP D 67 4.15 7.63 -5.26
CA ASP D 67 4.56 8.24 -6.53
C ASP D 67 6.00 8.71 -6.44
N SER D 68 6.36 9.33 -5.32
CA SER D 68 7.73 9.84 -5.15
C SER D 68 8.35 9.65 -3.77
N THR D 69 7.73 8.84 -2.92
CA THR D 69 8.24 8.60 -1.57
C THR D 69 8.46 9.86 -0.75
N LYS D 70 7.79 10.94 -1.13
CA LYS D 70 7.91 12.21 -0.43
C LYS D 70 6.54 12.62 0.11
N TRP D 71 6.47 12.91 1.42
CA TRP D 71 5.21 13.29 2.02
C TRP D 71 4.64 14.55 1.39
N ARG D 72 3.32 14.64 1.46
CA ARG D 72 2.60 15.77 0.89
C ARG D 72 1.52 16.14 1.90
N LYS D 73 1.56 17.39 2.38
CA LYS D 73 0.55 17.82 3.32
C LYS D 73 -0.75 17.81 2.55
N LEU D 74 -1.86 17.55 3.23
CA LEU D 74 -3.18 17.55 2.59
C LEU D 74 -4.25 18.21 3.46
N VAL D 75 -4.86 19.26 2.94
CA VAL D 75 -5.88 19.99 3.69
C VAL D 75 -7.24 19.65 3.06
N ASP D 76 -8.19 19.22 3.90
CA ASP D 76 -9.49 18.84 3.39
C ASP D 76 -10.42 20.03 3.10
N PHE D 77 -9.95 20.99 2.31
CA PHE D 77 -10.75 22.19 2.00
C PHE D 77 -12.09 21.97 1.28
N ARG D 78 -12.73 20.82 1.51
CA ARG D 78 -14.00 20.55 0.85
C ARG D 78 -15.11 21.50 1.30
N GLU D 79 -15.20 21.76 2.60
CA GLU D 79 -16.23 22.65 3.09
C GLU D 79 -16.00 24.00 2.50
N LEU D 80 -14.84 24.56 2.79
CA LEU D 80 -14.51 25.87 2.26
C LEU D 80 -14.71 25.88 0.76
N ASN D 81 -14.17 24.88 0.06
CA ASN D 81 -14.32 24.83 -1.39
C ASN D 81 -15.77 24.96 -1.76
N LYS D 82 -16.62 24.44 -0.89
CA LYS D 82 -18.06 24.48 -1.12
C LYS D 82 -18.58 25.86 -0.82
N ARG D 83 -18.20 26.37 0.33
CA ARG D 83 -18.63 27.67 0.79
C ARG D 83 -18.29 28.82 -0.16
N THR D 84 -17.39 28.60 -1.12
CA THR D 84 -16.97 29.65 -2.08
C THR D 84 -17.09 29.09 -3.49
N GLN D 85 -17.95 29.65 -4.34
CA GLN D 85 -18.10 29.05 -5.67
C GLN D 85 -18.61 29.85 -6.87
N ASP D 86 -19.02 31.09 -6.68
CA ASP D 86 -19.43 31.88 -7.83
C ASP D 86 -18.05 32.08 -8.43
N PHE D 87 -17.10 32.11 -7.49
CA PHE D 87 -15.70 32.30 -7.77
C PHE D 87 -15.08 31.45 -8.87
N TRP D 88 -14.91 30.16 -8.58
CA TRP D 88 -14.27 29.24 -9.51
C TRP D 88 -15.10 28.57 -10.62
N GLU D 89 -16.35 28.22 -10.38
CA GLU D 89 -17.14 27.55 -11.42
C GLU D 89 -17.77 28.54 -12.41
N VAL D 90 -18.21 29.68 -11.89
CA VAL D 90 -18.86 30.71 -12.69
C VAL D 90 -17.90 31.79 -13.19
N GLN D 91 -17.54 32.70 -12.30
CA GLN D 91 -16.66 33.80 -12.63
C GLN D 91 -15.39 33.44 -13.38
N LEU D 92 -14.69 32.40 -12.95
CA LEU D 92 -13.44 32.01 -13.60
C LEU D 92 -13.24 30.51 -13.77
N GLY D 93 -14.20 29.89 -14.47
CA GLY D 93 -14.11 28.46 -14.69
C GLY D 93 -13.07 28.12 -15.72
N ILE D 94 -12.34 27.04 -15.47
CA ILE D 94 -11.31 26.60 -16.38
C ILE D 94 -11.86 25.54 -17.35
N PRO D 95 -12.04 25.92 -18.64
CA PRO D 95 -12.55 25.12 -19.76
C PRO D 95 -12.06 23.67 -19.81
N HIS D 96 -12.81 22.82 -20.49
CA HIS D 96 -12.41 21.42 -20.57
C HIS D 96 -11.95 20.96 -21.95
N PRO D 97 -10.84 20.20 -22.00
CA PRO D 97 -10.28 19.66 -23.24
C PRO D 97 -11.18 18.54 -23.73
N ALA D 98 -12.05 18.86 -24.68
CA ALA D 98 -12.92 17.83 -25.20
C ALA D 98 -12.08 16.56 -25.44
N GLY D 99 -11.01 16.71 -26.20
CA GLY D 99 -10.18 15.56 -26.51
C GLY D 99 -9.16 15.03 -25.51
N LEU D 100 -9.06 15.59 -24.32
CA LEU D 100 -8.06 15.03 -23.41
C LEU D 100 -8.33 13.55 -23.30
N LYS D 101 -9.62 13.20 -23.27
CA LYS D 101 -10.07 11.80 -23.17
C LYS D 101 -9.66 10.98 -24.39
N LYS D 102 -9.60 11.65 -25.55
CA LYS D 102 -9.26 11.02 -26.82
C LYS D 102 -7.78 10.73 -27.03
N LYS D 103 -6.93 11.03 -26.05
CA LYS D 103 -5.50 10.75 -26.19
C LYS D 103 -5.18 9.31 -25.79
N LYS D 104 -4.01 8.82 -26.16
CA LYS D 104 -3.65 7.44 -25.82
C LYS D 104 -2.89 7.29 -24.52
N SER D 105 -2.09 8.29 -24.22
CA SER D 105 -1.33 8.28 -22.97
C SER D 105 -1.46 9.66 -22.36
N VAL D 106 -1.78 9.72 -21.07
CA VAL D 106 -1.92 10.99 -20.39
C VAL D 106 -1.28 10.88 -19.00
N THR D 107 -0.46 11.86 -18.63
CA THR D 107 0.20 11.88 -17.33
C THR D 107 -0.24 13.10 -16.53
N VAL D 108 -0.09 12.97 -15.21
CA VAL D 108 -0.44 14.01 -14.26
C VAL D 108 0.75 14.59 -13.51
N LEU D 109 0.81 15.91 -13.49
CA LEU D 109 1.87 16.60 -12.79
C LEU D 109 1.27 17.35 -11.60
N ASP D 110 1.91 17.18 -10.44
CA ASP D 110 1.41 17.84 -9.24
C ASP D 110 1.90 19.29 -9.21
N VAL D 111 1.34 20.15 -10.02
CA VAL D 111 1.81 21.53 -10.03
C VAL D 111 1.37 22.37 -8.82
N GLY D 112 1.45 21.76 -7.64
CA GLY D 112 1.05 22.42 -6.40
C GLY D 112 1.76 23.68 -5.94
N ASP D 113 3.08 23.61 -5.90
CA ASP D 113 3.91 24.73 -5.48
C ASP D 113 3.72 25.99 -6.30
N ALA D 114 3.26 25.82 -7.54
CA ALA D 114 3.03 26.94 -8.41
C ALA D 114 2.15 27.97 -7.70
N TYR D 115 1.48 27.53 -6.65
CA TYR D 115 0.60 28.39 -5.90
C TYR D 115 1.25 29.24 -4.81
N PHE D 116 2.29 28.70 -4.18
CA PHE D 116 2.95 29.41 -3.09
C PHE D 116 3.59 30.73 -3.48
N SER D 117 3.23 31.23 -4.64
CA SER D 117 3.80 32.46 -5.13
C SER D 117 2.75 33.46 -5.53
N VAL D 118 1.62 33.44 -4.83
CA VAL D 118 0.56 34.38 -5.14
C VAL D 118 -0.05 34.78 -3.84
N PRO D 119 -0.09 36.07 -3.57
CA PRO D 119 -0.68 36.45 -2.30
C PRO D 119 -2.18 36.16 -2.26
N LEU D 120 -2.61 35.57 -1.15
CA LEU D 120 -4.01 35.26 -0.95
C LEU D 120 -4.75 36.48 -0.40
N ASP D 121 -5.98 36.68 -0.84
CA ASP D 121 -6.76 37.82 -0.40
C ASP D 121 -6.65 38.10 1.10
N GLU D 122 -6.31 39.35 1.40
CA GLU D 122 -6.15 39.81 2.76
C GLU D 122 -7.18 39.30 3.75
N ASP D 123 -8.45 39.55 3.45
CA ASP D 123 -9.51 39.15 4.35
C ASP D 123 -9.75 37.67 4.37
N PHE D 124 -9.92 37.10 3.19
CA PHE D 124 -10.20 35.69 3.03
C PHE D 124 -9.27 34.71 3.67
N ARG D 125 -8.34 35.18 4.49
CA ARG D 125 -7.37 34.29 5.09
C ARG D 125 -7.78 33.59 6.33
N LYS D 126 -8.66 34.19 7.11
CA LYS D 126 -9.10 33.54 8.34
C LYS D 126 -9.67 32.15 8.04
N TYR D 127 -10.37 32.05 6.92
CA TYR D 127 -11.00 30.84 6.48
C TYR D 127 -10.13 29.60 6.25
N THR D 128 -8.87 29.77 5.93
CA THR D 128 -8.05 28.59 5.67
C THR D 128 -7.37 28.04 6.88
N ALA D 129 -7.65 28.60 8.04
CA ALA D 129 -7.00 28.12 9.25
C ALA D 129 -7.10 26.62 9.39
N PHE D 130 -6.06 26.00 9.97
CA PHE D 130 -6.04 24.56 10.22
C PHE D 130 -5.24 24.25 11.47
N THR D 131 -5.28 23.02 11.97
CA THR D 131 -4.57 22.71 13.21
C THR D 131 -3.78 21.41 13.19
N ILE D 132 -2.83 21.29 14.09
CA ILE D 132 -2.05 20.07 14.14
C ILE D 132 -2.17 19.42 15.48
N PRO D 133 -2.60 18.17 15.47
CA PRO D 133 -2.81 17.33 16.63
C PRO D 133 -1.53 17.13 17.36
N SER D 134 -1.66 16.62 18.57
CA SER D 134 -0.52 16.33 19.41
C SER D 134 -0.70 14.94 20.01
N ILE D 135 0.25 14.03 19.76
CA ILE D 135 0.12 12.68 20.31
C ILE D 135 -0.21 12.71 21.78
N ASN D 136 -1.11 11.82 22.17
CA ASN D 136 -1.60 11.73 23.54
C ASN D 136 -2.04 13.08 24.11
N ASN D 137 -2.22 14.07 23.23
CA ASN D 137 -2.64 15.39 23.67
C ASN D 137 -1.64 15.94 24.68
N GLU D 138 -0.37 15.90 24.30
CA GLU D 138 0.72 16.39 25.15
C GLU D 138 0.58 17.90 25.32
N THR D 139 0.21 18.57 24.25
CA THR D 139 0.08 20.02 24.25
C THR D 139 -1.06 20.41 23.33
N PRO D 140 -1.56 21.64 23.45
CA PRO D 140 -2.64 22.09 22.58
C PRO D 140 -2.29 21.91 21.12
N GLY D 141 -3.20 22.34 20.25
CA GLY D 141 -2.96 22.22 18.83
C GLY D 141 -2.14 23.38 18.36
N ILE D 142 -1.42 23.18 17.28
CA ILE D 142 -0.59 24.20 16.69
C ILE D 142 -1.39 24.73 15.51
N ARG D 143 -1.91 25.95 15.59
CA ARG D 143 -2.73 26.43 14.47
C ARG D 143 -1.98 27.32 13.51
N TYR D 144 -2.44 27.39 12.26
CA TYR D 144 -1.83 28.23 11.20
C TYR D 144 -2.88 28.70 10.19
N GLN D 145 -2.47 29.59 9.30
CA GLN D 145 -3.35 30.01 8.25
C GLN D 145 -2.57 30.42 6.99
N TYR D 146 -3.24 30.42 5.86
CA TYR D 146 -2.59 30.72 4.62
C TYR D 146 -2.47 32.20 4.30
N ASN D 147 -1.37 32.56 3.62
CA ASN D 147 -1.11 33.93 3.21
C ASN D 147 -1.04 34.01 1.70
N VAL D 148 -0.78 32.86 1.10
CA VAL D 148 -0.67 32.75 -0.34
C VAL D 148 -1.72 31.70 -0.77
N LEU D 149 -2.02 31.63 -2.06
CA LEU D 149 -3.00 30.67 -2.57
C LEU D 149 -2.64 29.32 -1.94
N PRO D 150 -3.63 28.66 -1.30
CA PRO D 150 -3.44 27.37 -0.64
C PRO D 150 -3.63 26.19 -1.56
N GLN D 151 -2.97 25.07 -1.25
CA GLN D 151 -3.05 23.86 -2.06
C GLN D 151 -4.34 23.10 -1.81
N GLY D 152 -5.07 22.79 -2.87
CA GLY D 152 -6.30 22.06 -2.71
C GLY D 152 -7.54 22.91 -2.46
N TRP D 153 -7.51 24.16 -2.88
CA TRP D 153 -8.65 25.03 -2.69
C TRP D 153 -9.12 25.47 -4.04
N LYS D 154 -10.28 25.00 -4.47
CA LYS D 154 -10.87 25.34 -5.76
C LYS D 154 -10.50 26.73 -6.28
N GLY D 155 -10.30 27.69 -5.36
CA GLY D 155 -9.95 29.07 -5.74
C GLY D 155 -8.58 29.26 -6.40
N SER D 156 -7.57 28.62 -5.83
CA SER D 156 -6.20 28.70 -6.32
C SER D 156 -6.12 28.58 -7.82
N PRO D 157 -6.29 27.38 -8.34
CA PRO D 157 -6.20 27.24 -9.80
C PRO D 157 -6.90 28.30 -10.59
N ALA D 158 -7.99 28.82 -10.05
CA ALA D 158 -8.76 29.83 -10.75
C ALA D 158 -8.02 31.13 -10.75
N ILE D 159 -7.50 31.45 -9.58
CA ILE D 159 -6.75 32.67 -9.40
C ILE D 159 -5.48 32.59 -10.21
N PHE D 160 -4.75 31.49 -10.07
CA PHE D 160 -3.49 31.26 -10.79
C PHE D 160 -3.70 31.00 -12.27
N GLN D 161 -4.91 30.59 -12.62
CA GLN D 161 -5.27 30.30 -14.00
C GLN D 161 -4.53 31.22 -14.97
N SER D 162 -4.54 32.51 -14.71
CA SER D 162 -3.88 33.44 -15.63
C SER D 162 -2.38 33.17 -15.76
N SER D 163 -1.64 33.35 -14.67
CA SER D 163 -0.21 33.08 -14.72
C SER D 163 0.11 31.66 -15.23
N MET D 164 -0.89 30.79 -15.33
CA MET D 164 -0.63 29.44 -15.82
C MET D 164 -0.87 29.32 -17.33
N THR D 165 -1.88 30.02 -17.82
CA THR D 165 -2.17 29.96 -19.24
C THR D 165 -0.92 30.46 -19.97
N LYS D 166 -0.28 31.49 -19.40
CA LYS D 166 0.91 32.05 -20.01
C LYS D 166 2.04 31.02 -20.00
N ILE D 167 2.42 30.55 -18.82
CA ILE D 167 3.50 29.58 -18.74
C ILE D 167 3.38 28.44 -19.76
N LEU D 168 2.16 28.09 -20.13
CA LEU D 168 1.99 26.99 -21.07
C LEU D 168 1.92 27.42 -22.53
N GLU D 169 1.61 28.69 -22.77
CA GLU D 169 1.48 29.22 -24.13
C GLU D 169 2.60 28.77 -25.08
N PRO D 170 3.87 28.91 -24.67
CA PRO D 170 4.95 28.49 -25.56
C PRO D 170 4.82 27.00 -25.89
N PHE D 171 5.10 26.19 -24.87
CA PHE D 171 5.06 24.74 -24.95
C PHE D 171 3.91 24.23 -25.75
N LYS D 172 2.79 24.94 -25.74
CA LYS D 172 1.62 24.51 -26.51
C LYS D 172 1.76 24.89 -27.99
N LYS D 173 2.37 26.02 -28.27
CA LYS D 173 2.54 26.43 -29.66
C LYS D 173 3.69 25.69 -30.35
N GLN D 174 4.53 25.01 -29.57
CA GLN D 174 5.66 24.24 -30.09
C GLN D 174 5.39 22.74 -29.95
N ASN D 175 4.14 22.39 -29.63
CA ASN D 175 3.72 21.00 -29.43
C ASN D 175 2.21 20.91 -29.52
N PRO D 176 1.62 21.53 -30.54
CA PRO D 176 0.17 21.51 -30.70
C PRO D 176 -0.53 20.17 -30.49
N ASP D 177 0.14 19.08 -30.82
CA ASP D 177 -0.49 17.78 -30.64
C ASP D 177 -0.80 17.43 -29.19
N ILE D 178 -0.05 17.99 -28.25
CA ILE D 178 -0.28 17.66 -26.85
C ILE D 178 -1.46 18.42 -26.25
N VAL D 179 -2.11 17.82 -25.26
CA VAL D 179 -3.22 18.48 -24.60
C VAL D 179 -2.98 18.53 -23.10
N ILE D 180 -3.22 19.74 -22.58
CA ILE D 180 -3.02 20.05 -21.19
C ILE D 180 -4.24 20.57 -20.46
N TYR D 181 -4.54 19.96 -19.33
CA TYR D 181 -5.68 20.34 -18.51
C TYR D 181 -5.20 20.48 -17.08
N GLN D 182 -5.77 21.46 -16.37
CA GLN D 182 -5.43 21.69 -14.97
C GLN D 182 -6.69 21.53 -14.11
N TYR D 183 -6.60 20.72 -13.08
CA TYR D 183 -7.73 20.56 -12.17
C TYR D 183 -7.08 20.72 -10.81
N MET D 184 -7.34 21.84 -10.14
CA MET D 184 -6.75 22.09 -8.82
C MET D 184 -5.23 21.88 -8.75
N ASP D 185 -4.76 21.04 -7.83
CA ASP D 185 -3.33 20.79 -7.74
C ASP D 185 -2.74 19.96 -8.87
N ASP D 186 -3.45 19.74 -9.97
CA ASP D 186 -2.87 18.91 -11.03
C ASP D 186 -2.90 19.40 -12.48
N LEU D 187 -2.01 18.80 -13.27
CA LEU D 187 -1.88 19.14 -14.68
C LEU D 187 -2.02 17.84 -15.42
N TYR D 188 -3.07 17.76 -16.22
CA TYR D 188 -3.34 16.56 -17.02
C TYR D 188 -2.74 16.80 -18.39
N VAL D 189 -1.67 16.06 -18.68
CA VAL D 189 -0.99 16.19 -19.96
C VAL D 189 -1.17 14.87 -20.69
N GLY D 190 -1.66 14.96 -21.92
CA GLY D 190 -1.86 13.74 -22.68
C GLY D 190 -1.38 13.85 -24.10
N SER D 191 -0.72 12.80 -24.59
CA SER D 191 -0.18 12.74 -25.96
C SER D 191 -0.56 11.51 -26.78
N ASP D 192 -0.22 11.56 -28.06
CA ASP D 192 -0.49 10.46 -28.99
C ASP D 192 0.80 9.77 -29.43
N LEU D 193 1.92 10.20 -28.88
CA LEU D 193 3.19 9.62 -29.25
C LEU D 193 3.40 8.31 -28.53
N GLU D 194 4.38 7.52 -28.99
CA GLU D 194 4.73 6.26 -28.35
C GLU D 194 4.87 6.56 -26.86
N ILE D 195 4.70 5.56 -26.01
CA ILE D 195 4.83 5.78 -24.57
C ILE D 195 6.22 6.31 -24.29
N GLY D 196 7.20 5.78 -25.02
CA GLY D 196 8.58 6.19 -24.84
C GLY D 196 8.76 7.65 -25.15
N GLN D 197 8.11 8.14 -26.21
CA GLN D 197 8.26 9.54 -26.53
C GLN D 197 7.49 10.42 -25.55
N HIS D 198 6.27 10.01 -25.23
CA HIS D 198 5.45 10.72 -24.27
C HIS D 198 6.33 10.89 -23.03
N ARG D 199 6.60 9.77 -22.36
CA ARG D 199 7.45 9.77 -21.18
C ARG D 199 8.44 10.92 -21.28
N THR D 200 9.11 11.03 -22.42
CA THR D 200 10.09 12.10 -22.65
C THR D 200 9.41 13.47 -22.72
N LYS D 201 8.56 13.68 -23.73
CA LYS D 201 7.85 14.94 -23.90
C LYS D 201 7.29 15.49 -22.57
N ILE D 202 7.03 14.59 -21.61
CA ILE D 202 6.53 15.03 -20.32
C ILE D 202 7.72 15.57 -19.55
N GLU D 203 8.73 14.72 -19.42
CA GLU D 203 9.94 15.08 -18.73
C GLU D 203 10.55 16.34 -19.35
N GLU D 204 10.06 16.74 -20.53
CA GLU D 204 10.54 17.94 -21.21
C GLU D 204 9.66 19.10 -20.77
N LEU D 205 8.39 18.81 -20.53
CA LEU D 205 7.50 19.85 -20.07
C LEU D 205 7.95 20.25 -18.66
N ARG D 206 8.42 19.27 -17.89
CA ARG D 206 8.89 19.48 -16.54
C ARG D 206 9.91 20.59 -16.52
N GLN D 207 10.78 20.59 -17.53
CA GLN D 207 11.80 21.61 -17.63
C GLN D 207 11.16 22.96 -17.90
N HIS D 208 10.45 23.08 -19.02
CA HIS D 208 9.80 24.33 -19.37
C HIS D 208 9.16 24.93 -18.15
N LEU D 209 8.69 24.08 -17.25
CA LEU D 209 8.08 24.55 -16.02
C LEU D 209 9.16 25.08 -15.13
N LEU D 210 10.14 24.23 -14.77
CA LEU D 210 11.22 24.67 -13.91
C LEU D 210 11.87 25.97 -14.42
N ARG D 211 11.93 26.14 -15.74
CA ARG D 211 12.50 27.36 -16.33
C ARG D 211 11.60 28.53 -15.96
N TRP D 212 10.62 28.27 -15.09
CA TRP D 212 9.67 29.29 -14.73
C TRP D 212 9.33 29.33 -13.25
N GLY D 213 10.09 28.60 -12.43
CA GLY D 213 9.85 28.59 -11.00
C GLY D 213 9.01 27.42 -10.51
N LEU D 214 8.05 26.98 -11.33
CA LEU D 214 7.20 25.87 -10.96
C LEU D 214 7.97 24.57 -10.83
N THR D 215 8.26 24.21 -9.59
CA THR D 215 8.97 22.99 -9.32
C THR D 215 7.94 21.89 -9.19
N THR D 216 8.09 20.83 -10.00
CA THR D 216 7.17 19.69 -9.94
C THR D 216 7.87 18.52 -9.26
N PRO D 217 7.13 17.71 -8.50
CA PRO D 217 7.63 16.54 -7.77
C PRO D 217 8.49 15.61 -8.59
N ASP D 218 9.36 14.87 -7.89
CA ASP D 218 10.28 13.94 -8.53
C ASP D 218 9.87 12.50 -8.34
N LYS D 219 9.22 11.96 -9.38
CA LYS D 219 8.72 10.58 -9.39
C LYS D 219 9.86 9.59 -9.45
N LYS D 220 9.75 8.47 -8.75
CA LYS D 220 10.82 7.47 -8.78
C LYS D 220 10.42 6.16 -9.44
N HIS D 221 11.29 5.64 -10.29
CA HIS D 221 11.07 4.39 -11.01
C HIS D 221 12.07 3.40 -10.44
N GLN D 222 11.61 2.26 -9.89
CA GLN D 222 12.57 1.30 -9.32
C GLN D 222 12.92 0.23 -10.32
N LYS D 223 14.10 -0.35 -10.17
CA LYS D 223 14.54 -1.36 -11.08
C LYS D 223 14.16 -2.74 -10.59
N GLU D 224 13.65 -2.79 -9.36
CA GLU D 224 13.21 -4.05 -8.78
C GLU D 224 11.82 -4.36 -9.33
N PRO D 225 11.50 -5.65 -9.44
CA PRO D 225 10.26 -6.25 -9.93
C PRO D 225 8.99 -5.45 -10.30
N PRO D 226 7.99 -5.36 -9.39
CA PRO D 226 6.77 -4.63 -9.76
C PRO D 226 7.04 -3.22 -10.26
N PHE D 227 7.14 -3.07 -11.57
CA PHE D 227 7.45 -1.78 -12.17
C PHE D 227 6.26 -0.83 -12.16
N LEU D 228 5.79 -0.59 -10.93
CA LEU D 228 4.65 0.27 -10.68
C LEU D 228 4.71 1.55 -11.49
N TRP D 229 5.91 2.12 -11.58
CA TRP D 229 6.10 3.36 -12.31
C TRP D 229 5.68 3.25 -13.77
N MET D 230 5.39 2.01 -14.19
CA MET D 230 4.96 1.80 -15.56
C MET D 230 3.53 2.24 -15.73
N GLY D 231 2.82 2.37 -14.61
CA GLY D 231 1.41 2.78 -14.65
C GLY D 231 1.17 4.27 -14.58
N TYR D 232 2.17 5.01 -14.12
CA TYR D 232 2.07 6.45 -14.01
C TYR D 232 1.19 7.09 -15.09
N GLU D 233 1.31 6.59 -16.32
CA GLU D 233 0.52 7.16 -17.39
C GLU D 233 -0.88 6.62 -17.33
N LEU D 234 -1.79 7.33 -17.97
CA LEU D 234 -3.18 6.92 -18.02
C LEU D 234 -3.44 6.67 -19.49
N HIS D 235 -4.35 5.75 -19.79
CA HIS D 235 -4.71 5.43 -21.16
C HIS D 235 -6.21 5.39 -21.31
N PRO D 236 -6.79 6.44 -21.88
CA PRO D 236 -8.23 6.62 -22.12
C PRO D 236 -8.77 5.69 -23.24
N ASP D 237 -8.34 4.44 -23.21
CA ASP D 237 -8.79 3.47 -24.21
C ASP D 237 -9.24 2.19 -23.52
N LYS D 238 -8.44 1.70 -22.58
CA LYS D 238 -8.81 0.50 -21.82
C LYS D 238 -9.95 0.95 -20.91
N TRP D 239 -10.62 2.01 -21.36
CA TRP D 239 -11.74 2.62 -20.69
C TRP D 239 -13.00 2.22 -21.46
N THR D 240 -13.43 0.97 -21.25
CA THR D 240 -14.62 0.40 -21.92
C THR D 240 -15.85 0.38 -21.05
N VAL D 241 -16.99 0.73 -21.64
CA VAL D 241 -18.24 0.75 -20.91
C VAL D 241 -18.57 -0.69 -20.50
N GLN D 242 -19.41 -0.84 -19.48
CA GLN D 242 -19.80 -2.16 -18.98
C GLN D 242 -21.31 -2.38 -19.01
N PRO D 243 -21.84 -2.86 -20.14
CA PRO D 243 -23.28 -3.10 -20.26
C PRO D 243 -23.73 -4.30 -19.46
N ILE D 244 -25.04 -4.39 -19.22
CA ILE D 244 -25.60 -5.50 -18.47
C ILE D 244 -25.94 -6.62 -19.44
N VAL D 245 -25.82 -7.85 -18.97
CA VAL D 245 -26.15 -9.00 -19.81
C VAL D 245 -27.02 -9.96 -19.04
N LEU D 246 -27.97 -10.57 -19.74
CA LEU D 246 -28.90 -11.52 -19.14
C LEU D 246 -28.26 -12.89 -19.22
N PRO D 247 -28.31 -13.66 -18.12
CA PRO D 247 -27.73 -15.01 -18.03
C PRO D 247 -27.95 -15.91 -19.25
N GLU D 248 -27.41 -17.11 -19.17
CA GLU D 248 -27.57 -18.08 -20.24
C GLU D 248 -27.59 -19.52 -19.72
N LYS D 249 -28.80 -19.98 -19.46
CA LYS D 249 -29.05 -21.33 -18.98
C LYS D 249 -29.58 -22.17 -20.15
N ASP D 250 -29.51 -23.48 -20.00
CA ASP D 250 -30.00 -24.44 -20.99
C ASP D 250 -31.42 -24.85 -20.55
N SER D 251 -31.58 -25.01 -19.23
CA SER D 251 -32.85 -25.37 -18.58
C SER D 251 -33.05 -24.35 -17.44
N TRP D 252 -34.17 -23.62 -17.48
CA TRP D 252 -34.46 -22.59 -16.49
C TRP D 252 -35.40 -22.96 -15.35
N THR D 253 -34.86 -23.16 -14.15
CA THR D 253 -35.72 -23.49 -13.02
C THR D 253 -36.65 -22.29 -12.79
N VAL D 254 -37.65 -22.47 -11.93
CA VAL D 254 -38.58 -21.39 -11.62
C VAL D 254 -37.73 -20.24 -11.13
N ASN D 255 -37.03 -20.50 -10.04
CA ASN D 255 -36.12 -19.55 -9.40
C ASN D 255 -35.49 -18.70 -10.49
N ASP D 256 -34.66 -19.37 -11.30
CA ASP D 256 -33.94 -18.74 -12.40
C ASP D 256 -34.81 -17.86 -13.28
N ILE D 257 -36.10 -18.15 -13.34
CA ILE D 257 -36.98 -17.35 -14.19
C ILE D 257 -37.28 -16.00 -13.60
N GLN D 258 -37.52 -15.99 -12.29
CA GLN D 258 -37.84 -14.75 -11.59
C GLN D 258 -36.65 -13.79 -11.65
N LYS D 259 -35.50 -14.26 -11.21
CA LYS D 259 -34.29 -13.47 -11.24
C LYS D 259 -34.36 -12.69 -12.54
N LEU D 260 -34.23 -13.40 -13.67
CA LEU D 260 -34.29 -12.76 -14.98
C LEU D 260 -35.50 -11.86 -15.20
N VAL D 261 -36.57 -12.08 -14.45
CA VAL D 261 -37.74 -11.23 -14.61
C VAL D 261 -37.47 -9.92 -13.91
N GLY D 262 -36.90 -10.02 -12.71
CA GLY D 262 -36.56 -8.82 -11.97
C GLY D 262 -35.62 -7.96 -12.79
N LYS D 263 -34.41 -8.45 -13.01
CA LYS D 263 -33.42 -7.73 -13.79
C LYS D 263 -34.08 -7.12 -15.01
N LEU D 264 -34.60 -7.95 -15.88
CA LEU D 264 -35.24 -7.42 -17.07
C LEU D 264 -36.19 -6.29 -16.68
N ASN D 265 -36.80 -6.40 -15.49
CA ASN D 265 -37.74 -5.39 -15.02
C ASN D 265 -37.04 -4.11 -14.66
N TRP D 266 -36.03 -4.22 -13.81
CA TRP D 266 -35.25 -3.06 -13.36
C TRP D 266 -34.73 -2.31 -14.58
N ALA D 267 -33.93 -3.01 -15.38
CA ALA D 267 -33.34 -2.47 -16.60
C ALA D 267 -34.38 -1.71 -17.43
N SER D 268 -35.64 -2.13 -17.33
CA SER D 268 -36.70 -1.48 -18.08
C SER D 268 -36.66 0.03 -17.85
N GLN D 269 -36.15 0.43 -16.67
CA GLN D 269 -36.07 1.84 -16.29
C GLN D 269 -35.01 2.51 -17.13
N ILE D 270 -33.92 1.80 -17.37
CA ILE D 270 -32.83 2.30 -18.18
C ILE D 270 -33.40 2.40 -19.60
N TYR D 271 -33.48 1.25 -20.28
CA TYR D 271 -34.02 1.16 -21.65
C TYR D 271 -35.48 0.72 -21.55
N PRO D 272 -36.42 1.48 -22.15
CA PRO D 272 -37.85 1.19 -22.14
C PRO D 272 -38.33 0.01 -23.01
N GLY D 273 -37.48 -0.44 -23.92
CA GLY D 273 -37.87 -1.55 -24.78
C GLY D 273 -37.74 -2.93 -24.16
N ILE D 274 -37.94 -3.03 -22.84
CA ILE D 274 -37.84 -4.31 -22.17
C ILE D 274 -39.24 -4.77 -21.77
N LYS D 275 -39.69 -5.86 -22.39
CA LYS D 275 -41.01 -6.41 -22.07
C LYS D 275 -40.79 -7.70 -21.28
N VAL D 276 -41.68 -7.97 -20.34
CA VAL D 276 -41.53 -9.16 -19.49
C VAL D 276 -42.76 -10.08 -19.50
N ARG D 277 -43.93 -9.50 -19.77
CA ARG D 277 -45.19 -10.26 -19.78
C ARG D 277 -45.08 -11.60 -20.50
N GLN D 278 -44.93 -11.55 -21.82
CA GLN D 278 -44.84 -12.75 -22.62
C GLN D 278 -43.76 -13.70 -22.09
N LEU D 279 -42.85 -13.18 -21.29
CA LEU D 279 -41.76 -14.01 -20.74
C LEU D 279 -41.99 -14.39 -19.29
N SER D 280 -42.88 -13.69 -18.62
CA SER D 280 -43.17 -13.98 -17.22
C SER D 280 -44.35 -14.91 -17.08
N LYS D 281 -45.21 -14.92 -18.11
CA LYS D 281 -46.40 -15.77 -18.12
C LYS D 281 -46.01 -17.19 -17.67
N LEU D 282 -44.86 -17.66 -18.16
CA LEU D 282 -44.34 -18.98 -17.81
C LEU D 282 -44.47 -19.27 -16.32
N LEU D 283 -44.63 -18.22 -15.54
CA LEU D 283 -44.81 -18.35 -14.10
C LEU D 283 -46.20 -17.81 -13.89
N ARG D 284 -47.19 -18.70 -13.91
CA ARG D 284 -48.55 -18.25 -13.75
C ARG D 284 -49.16 -18.57 -12.39
N GLY D 285 -48.79 -19.68 -11.79
CA GLY D 285 -49.39 -20.00 -10.50
C GLY D 285 -48.44 -20.47 -9.43
N THR D 286 -48.87 -20.37 -8.18
CA THR D 286 -48.04 -20.76 -7.04
C THR D 286 -47.30 -22.12 -7.10
N LYS D 287 -46.15 -22.14 -7.76
CA LYS D 287 -45.36 -23.37 -7.89
C LYS D 287 -43.99 -23.38 -7.20
N ALA D 288 -43.46 -24.57 -6.95
CA ALA D 288 -42.17 -24.70 -6.30
C ALA D 288 -41.14 -23.94 -7.11
N LEU D 289 -40.02 -23.61 -6.46
CA LEU D 289 -38.97 -22.87 -7.14
C LEU D 289 -38.12 -23.78 -8.00
N THR D 290 -37.60 -24.83 -7.38
CA THR D 290 -36.73 -25.75 -8.07
C THR D 290 -37.32 -26.40 -9.34
N GLU D 291 -38.56 -26.07 -9.67
CA GLU D 291 -39.25 -26.67 -10.83
C GLU D 291 -38.88 -26.19 -12.25
N VAL D 292 -38.23 -27.07 -13.01
CA VAL D 292 -37.83 -26.74 -14.38
C VAL D 292 -39.02 -26.20 -15.17
N ILE D 293 -38.73 -25.37 -16.16
CA ILE D 293 -39.76 -24.77 -16.98
C ILE D 293 -39.29 -24.74 -18.43
N PRO D 294 -40.18 -25.11 -19.34
CA PRO D 294 -39.80 -25.09 -20.76
C PRO D 294 -40.06 -23.71 -21.35
N LEU D 295 -38.99 -23.08 -21.80
CA LEU D 295 -39.12 -21.77 -22.39
C LEU D 295 -39.99 -21.85 -23.64
N THR D 296 -41.07 -21.08 -23.66
CA THR D 296 -41.97 -21.06 -24.81
C THR D 296 -41.34 -20.37 -26.03
N GLU D 297 -41.73 -20.79 -27.23
CA GLU D 297 -41.19 -20.19 -28.44
C GLU D 297 -41.61 -18.73 -28.45
N GLU D 298 -42.61 -18.42 -27.65
CA GLU D 298 -43.12 -17.05 -27.53
C GLU D 298 -42.36 -16.34 -26.41
N ALA D 299 -41.69 -17.14 -25.58
CA ALA D 299 -40.89 -16.62 -24.46
C ALA D 299 -39.44 -16.43 -24.91
N GLU D 300 -38.71 -17.54 -25.08
CA GLU D 300 -37.33 -17.52 -25.54
C GLU D 300 -37.24 -16.56 -26.72
N LEU D 301 -38.41 -16.21 -27.27
CA LEU D 301 -38.50 -15.28 -28.39
C LEU D 301 -37.98 -13.91 -27.98
N GLU D 302 -38.51 -13.38 -26.88
CA GLU D 302 -38.07 -12.06 -26.43
C GLU D 302 -36.88 -12.06 -25.49
N LEU D 303 -36.59 -13.20 -24.88
CA LEU D 303 -35.43 -13.28 -24.00
C LEU D 303 -34.23 -12.85 -24.82
N ALA D 304 -33.88 -13.68 -25.80
CA ALA D 304 -32.75 -13.41 -26.67
C ALA D 304 -32.99 -12.13 -27.48
N GLU D 305 -34.20 -11.57 -27.38
CA GLU D 305 -34.49 -10.34 -28.09
C GLU D 305 -34.19 -9.16 -27.20
N ASN D 306 -34.64 -9.23 -25.94
CA ASN D 306 -34.41 -8.16 -24.99
C ASN D 306 -32.90 -7.94 -24.87
N ARG D 307 -32.16 -9.04 -24.76
CA ARG D 307 -30.70 -8.96 -24.64
C ARG D 307 -30.09 -8.18 -25.80
N GLU D 308 -30.72 -8.26 -26.96
CA GLU D 308 -30.21 -7.54 -28.12
C GLU D 308 -30.22 -6.04 -27.78
N ILE D 309 -31.14 -5.64 -26.90
CA ILE D 309 -31.29 -4.23 -26.51
C ILE D 309 -30.29 -3.80 -25.45
N LEU D 310 -29.62 -4.77 -24.83
CA LEU D 310 -28.65 -4.48 -23.80
C LEU D 310 -27.22 -4.59 -24.33
N LYS D 311 -26.93 -3.86 -25.42
CA LYS D 311 -25.60 -3.89 -26.01
C LYS D 311 -25.20 -2.55 -26.63
N GLU D 312 -26.01 -1.52 -26.40
CA GLU D 312 -25.72 -0.20 -26.96
C GLU D 312 -25.89 0.97 -25.97
N PRO D 313 -25.60 2.22 -26.44
CA PRO D 313 -25.73 3.40 -25.58
C PRO D 313 -27.19 3.73 -25.30
N VAL D 314 -27.45 4.15 -24.06
CA VAL D 314 -28.79 4.48 -23.61
C VAL D 314 -29.59 5.48 -24.48
N HIS D 315 -30.88 5.58 -24.17
CA HIS D 315 -31.89 6.42 -24.84
C HIS D 315 -31.56 7.91 -24.97
N GLY D 316 -30.56 8.25 -25.78
CA GLY D 316 -30.18 9.64 -25.96
C GLY D 316 -29.75 10.33 -24.67
N VAL D 317 -28.57 9.98 -24.18
CA VAL D 317 -28.05 10.57 -22.94
C VAL D 317 -27.25 11.82 -23.21
N TYR D 318 -27.39 12.81 -22.35
CA TYR D 318 -26.68 14.08 -22.47
C TYR D 318 -26.04 14.47 -21.15
N TYR D 319 -24.85 15.05 -21.22
CA TYR D 319 -24.16 15.47 -20.02
C TYR D 319 -24.34 16.98 -19.89
N ASP D 320 -24.94 17.42 -18.79
CA ASP D 320 -25.14 18.84 -18.56
C ASP D 320 -24.09 19.33 -17.58
N PRO D 321 -23.10 20.09 -18.08
CA PRO D 321 -21.99 20.65 -17.30
C PRO D 321 -22.46 21.58 -16.19
N SER D 322 -23.76 21.82 -16.16
CA SER D 322 -24.32 22.70 -15.15
C SER D 322 -24.77 21.90 -13.93
N LYS D 323 -25.02 20.61 -14.12
CA LYS D 323 -25.48 19.75 -13.03
C LYS D 323 -24.32 19.05 -12.31
N ASP D 324 -24.59 18.44 -11.16
CA ASP D 324 -23.55 17.73 -10.41
C ASP D 324 -23.28 16.36 -10.98
N LEU D 325 -22.43 15.61 -10.29
CA LEU D 325 -22.09 14.30 -10.81
C LEU D 325 -22.13 13.27 -9.72
N ILE D 326 -22.74 12.13 -10.03
CA ILE D 326 -22.84 11.07 -9.04
C ILE D 326 -22.28 9.76 -9.52
N ALA D 327 -21.73 9.02 -8.57
CA ALA D 327 -21.13 7.74 -8.88
C ALA D 327 -21.45 6.73 -7.80
N GLU D 328 -21.80 5.52 -8.24
CA GLU D 328 -22.13 4.45 -7.33
C GLU D 328 -21.15 3.31 -7.53
N ILE D 329 -20.85 2.67 -6.41
CA ILE D 329 -19.92 1.56 -6.38
C ILE D 329 -20.53 0.40 -5.61
N GLN D 330 -20.59 -0.76 -6.25
CA GLN D 330 -21.14 -1.94 -5.62
C GLN D 330 -20.10 -3.03 -5.55
N LYS D 331 -19.83 -3.48 -4.33
CA LYS D 331 -18.83 -4.51 -4.10
C LYS D 331 -19.32 -5.75 -4.81
N GLN D 332 -18.78 -6.02 -5.98
CA GLN D 332 -19.25 -7.20 -6.68
C GLN D 332 -18.77 -8.50 -6.06
N GLY D 333 -17.56 -8.50 -5.53
CA GLY D 333 -17.03 -9.71 -4.92
C GLY D 333 -15.71 -10.16 -5.53
N GLN D 334 -14.89 -10.81 -4.71
CA GLN D 334 -13.57 -11.28 -5.12
C GLN D 334 -12.78 -10.18 -5.82
N GLY D 335 -12.66 -9.06 -5.10
CA GLY D 335 -11.91 -7.93 -5.60
C GLY D 335 -12.52 -7.10 -6.72
N GLN D 336 -13.58 -7.59 -7.36
CA GLN D 336 -14.19 -6.82 -8.44
C GLN D 336 -15.20 -5.80 -7.91
N TRP D 337 -15.29 -4.65 -8.57
CA TRP D 337 -16.20 -3.58 -8.14
C TRP D 337 -16.77 -2.96 -9.39
N THR D 338 -17.95 -2.37 -9.27
CA THR D 338 -18.54 -1.73 -10.42
C THR D 338 -19.02 -0.34 -10.09
N TYR D 339 -19.19 0.46 -11.12
CA TYR D 339 -19.60 1.83 -10.90
C TYR D 339 -20.36 2.43 -12.06
N GLN D 340 -21.22 3.38 -11.73
CA GLN D 340 -21.99 4.09 -12.74
C GLN D 340 -21.86 5.54 -12.36
N ILE D 341 -21.76 6.38 -13.37
CA ILE D 341 -21.60 7.80 -13.18
C ILE D 341 -22.83 8.38 -13.85
N TYR D 342 -23.67 9.06 -13.09
CA TYR D 342 -24.86 9.66 -13.68
C TYR D 342 -25.11 11.00 -13.09
N GLN D 343 -25.87 11.80 -13.83
CA GLN D 343 -26.22 13.11 -13.36
C GLN D 343 -27.65 13.01 -12.93
N GLU D 344 -28.43 12.28 -13.71
CA GLU D 344 -29.84 12.06 -13.41
C GLU D 344 -30.06 10.58 -13.22
N PRO D 345 -31.03 10.19 -12.37
CA PRO D 345 -31.34 8.79 -12.10
C PRO D 345 -31.72 7.96 -13.32
N PHE D 346 -31.05 6.83 -13.45
CA PHE D 346 -31.28 5.89 -14.54
C PHE D 346 -30.87 6.39 -15.92
N LYS D 347 -30.15 7.50 -15.94
CA LYS D 347 -29.65 8.06 -17.19
C LYS D 347 -28.14 8.03 -17.03
N ASN D 348 -27.60 6.84 -16.77
CA ASN D 348 -26.17 6.70 -16.57
C ASN D 348 -25.40 7.36 -17.70
N LEU D 349 -24.25 7.94 -17.34
CA LEU D 349 -23.37 8.61 -18.30
C LEU D 349 -22.21 7.70 -18.60
N LYS D 350 -21.95 6.79 -17.67
CA LYS D 350 -20.87 5.84 -17.85
C LYS D 350 -20.98 4.73 -16.80
N THR D 351 -20.72 3.51 -17.25
CA THR D 351 -20.73 2.32 -16.41
C THR D 351 -19.43 1.59 -16.67
N GLY D 352 -18.84 1.03 -15.64
CA GLY D 352 -17.60 0.33 -15.86
C GLY D 352 -17.31 -0.60 -14.71
N LYS D 353 -16.15 -1.22 -14.75
CA LYS D 353 -15.81 -2.13 -13.69
C LYS D 353 -14.33 -2.11 -13.36
N TYR D 354 -14.00 -1.47 -12.25
CA TYR D 354 -12.63 -1.40 -11.77
C TYR D 354 -12.31 -2.83 -11.33
N ALA D 355 -11.40 -3.47 -12.07
CA ALA D 355 -10.99 -4.84 -11.79
C ALA D 355 -10.31 -4.92 -10.43
N ARG D 356 -8.98 -4.78 -10.41
CA ARG D 356 -8.24 -4.83 -9.16
C ARG D 356 -6.74 -4.63 -9.36
N MET D 357 -6.11 -3.98 -8.39
CA MET D 357 -4.66 -3.79 -8.42
C MET D 357 -4.12 -4.94 -7.59
N ARG D 358 -3.14 -5.66 -8.13
CA ARG D 358 -2.56 -6.81 -7.44
C ARG D 358 -2.13 -6.50 -6.01
N GLY D 359 -2.10 -5.20 -5.69
CA GLY D 359 -1.74 -4.77 -4.35
C GLY D 359 -2.98 -4.51 -3.52
N ALA D 360 -4.02 -5.30 -3.74
CA ALA D 360 -5.28 -5.15 -3.01
C ALA D 360 -5.19 -5.72 -1.59
N HIS D 361 -4.20 -6.56 -1.36
CA HIS D 361 -3.98 -7.16 -0.04
C HIS D 361 -5.25 -7.72 0.59
N THR D 362 -6.23 -8.05 -0.26
CA THR D 362 -7.51 -8.56 0.23
C THR D 362 -8.09 -7.58 1.23
N ASN D 363 -8.13 -6.29 0.84
CA ASN D 363 -8.66 -5.26 1.70
C ASN D 363 -9.67 -4.36 0.97
N ASP D 364 -10.96 -4.66 1.16
CA ASP D 364 -12.05 -3.94 0.52
C ASP D 364 -11.89 -2.43 0.71
N VAL D 365 -11.56 -2.03 1.94
CA VAL D 365 -11.38 -0.63 2.26
C VAL D 365 -10.40 -0.10 1.25
N LYS D 366 -9.18 -0.63 1.34
CA LYS D 366 -8.11 -0.25 0.45
C LYS D 366 -8.58 -0.27 -1.00
N GLN D 367 -9.24 -1.35 -1.39
CA GLN D 367 -9.73 -1.47 -2.75
C GLN D 367 -10.72 -0.35 -3.10
N LEU D 368 -11.69 -0.16 -2.21
CA LEU D 368 -12.72 0.84 -2.46
C LEU D 368 -12.12 2.20 -2.74
N THR D 369 -11.28 2.67 -1.81
CA THR D 369 -10.63 3.96 -1.97
C THR D 369 -10.01 4.01 -3.37
N GLU D 370 -9.17 3.02 -3.67
CA GLU D 370 -8.53 2.98 -4.97
C GLU D 370 -9.57 3.11 -6.08
N ALA D 371 -10.72 2.48 -5.87
CA ALA D 371 -11.79 2.53 -6.85
C ALA D 371 -12.32 3.95 -6.93
N VAL D 372 -12.46 4.58 -5.78
CA VAL D 372 -12.94 5.96 -5.71
C VAL D 372 -11.99 6.80 -6.53
N GLN D 373 -10.73 6.79 -6.08
CA GLN D 373 -9.69 7.55 -6.73
C GLN D 373 -9.74 7.30 -8.23
N LYS D 374 -9.56 6.03 -8.63
CA LYS D 374 -9.59 5.67 -10.04
C LYS D 374 -10.79 6.29 -10.73
N ILE D 375 -11.97 5.95 -10.22
CA ILE D 375 -13.19 6.48 -10.80
C ILE D 375 -13.07 7.99 -10.92
N THR D 376 -12.69 8.64 -9.83
CA THR D 376 -12.57 10.08 -9.80
C THR D 376 -11.70 10.57 -10.95
N THR D 377 -10.48 10.06 -10.98
CA THR D 377 -9.53 10.45 -12.02
C THR D 377 -10.21 10.43 -13.40
N GLU D 378 -10.89 9.32 -13.70
CA GLU D 378 -11.55 9.20 -14.99
C GLU D 378 -12.50 10.38 -15.22
N SER D 379 -13.22 10.75 -14.18
CA SER D 379 -14.19 11.83 -14.28
C SER D 379 -13.59 13.17 -14.69
N ILE D 380 -12.46 13.49 -14.06
CA ILE D 380 -11.77 14.75 -14.30
C ILE D 380 -11.36 14.84 -15.77
N VAL D 381 -10.79 13.75 -16.26
CA VAL D 381 -10.36 13.64 -17.63
C VAL D 381 -11.57 13.81 -18.54
N ILE D 382 -12.49 12.87 -18.39
CA ILE D 382 -13.70 12.79 -19.20
C ILE D 382 -14.66 13.97 -19.23
N TRP D 383 -15.12 14.43 -18.07
CA TRP D 383 -16.07 15.56 -18.06
C TRP D 383 -15.43 16.76 -17.43
N GLY D 384 -14.38 16.49 -16.63
CA GLY D 384 -13.68 17.56 -15.96
C GLY D 384 -14.46 18.07 -14.78
N LYS D 385 -14.88 17.14 -13.93
CA LYS D 385 -15.64 17.49 -12.74
C LYS D 385 -15.61 16.31 -11.75
N THR D 386 -15.71 16.58 -10.47
CA THR D 386 -15.69 15.47 -9.55
C THR D 386 -17.10 15.03 -9.15
N PRO D 387 -17.35 13.72 -9.16
CA PRO D 387 -18.67 13.20 -8.81
C PRO D 387 -18.84 12.95 -7.32
N LYS D 388 -20.07 13.04 -6.84
CA LYS D 388 -20.39 12.80 -5.43
C LYS D 388 -20.47 11.30 -5.36
N PHE D 389 -19.87 10.72 -4.32
CA PHE D 389 -19.84 9.27 -4.21
C PHE D 389 -20.76 8.60 -3.20
N LYS D 390 -21.49 7.59 -3.65
CA LYS D 390 -22.36 6.84 -2.74
C LYS D 390 -21.52 5.64 -2.32
N LEU D 391 -20.80 5.79 -1.22
CA LEU D 391 -19.90 4.75 -0.76
C LEU D 391 -20.47 3.55 -0.04
N PRO D 392 -20.45 2.39 -0.69
CA PRO D 392 -20.95 1.12 -0.16
C PRO D 392 -20.17 0.66 1.06
N ILE D 393 -20.19 1.44 2.12
CA ILE D 393 -19.45 1.08 3.34
C ILE D 393 -19.98 1.85 4.53
N GLN D 394 -19.66 1.41 5.74
CA GLN D 394 -20.13 2.08 6.95
C GLN D 394 -19.21 3.24 7.32
N LYS D 395 -19.79 4.45 7.36
CA LYS D 395 -19.02 5.63 7.70
C LYS D 395 -17.92 5.33 8.72
N GLU D 396 -18.32 4.92 9.91
CA GLU D 396 -17.36 4.63 10.97
C GLU D 396 -16.15 3.83 10.52
N THR D 397 -16.30 2.99 9.51
CA THR D 397 -15.15 2.22 9.05
C THR D 397 -14.33 3.02 8.07
N TRP D 398 -14.99 3.51 7.01
CA TRP D 398 -14.34 4.31 6.00
C TRP D 398 -13.59 5.49 6.58
N GLU D 399 -14.16 6.10 7.61
CA GLU D 399 -13.51 7.23 8.23
C GLU D 399 -12.27 6.77 8.99
N THR D 400 -12.21 5.49 9.33
CA THR D 400 -11.06 5.00 10.06
C THR D 400 -9.80 4.74 9.24
N TRP D 401 -9.93 4.43 7.94
CA TRP D 401 -8.70 4.20 7.17
C TRP D 401 -8.67 4.69 5.75
N TRP D 402 -9.67 5.45 5.31
CA TRP D 402 -9.62 5.89 3.93
C TRP D 402 -8.31 6.64 3.63
N THR D 403 -7.77 7.35 4.62
CA THR D 403 -6.53 8.08 4.39
C THR D 403 -5.34 7.15 4.10
N GLU D 404 -5.09 6.22 5.01
CA GLU D 404 -3.99 5.27 4.83
C GLU D 404 -3.73 4.81 3.39
N TYR D 405 -4.79 4.57 2.64
CA TYR D 405 -4.61 4.06 1.29
C TYR D 405 -4.79 5.13 0.25
N TRP D 406 -5.05 6.36 0.70
CA TRP D 406 -5.26 7.48 -0.20
C TRP D 406 -3.98 8.04 -0.80
N GLN D 407 -4.05 8.49 -2.05
CA GLN D 407 -2.90 9.02 -2.76
C GLN D 407 -3.30 10.08 -3.80
N ALA D 408 -3.96 11.16 -3.39
CA ALA D 408 -4.39 12.20 -4.34
C ALA D 408 -4.28 13.61 -3.77
N THR D 409 -4.09 14.58 -4.65
CA THR D 409 -3.98 15.95 -4.20
C THR D 409 -5.36 16.41 -3.77
N TRP D 410 -6.40 15.86 -4.40
CA TRP D 410 -7.76 16.25 -4.08
C TRP D 410 -8.52 15.25 -3.28
N ILE D 411 -9.75 15.63 -2.93
CA ILE D 411 -10.63 14.76 -2.20
C ILE D 411 -12.03 15.04 -2.72
N PRO D 412 -12.74 13.97 -3.10
CA PRO D 412 -14.09 14.03 -3.63
C PRO D 412 -15.05 14.03 -2.47
N GLU D 413 -16.29 14.43 -2.75
CA GLU D 413 -17.35 14.49 -1.76
C GLU D 413 -18.07 13.14 -1.71
N TRP D 414 -18.31 12.63 -0.51
CA TRP D 414 -18.97 11.36 -0.41
C TRP D 414 -20.05 11.24 0.66
N GLU D 415 -20.81 10.14 0.60
CA GLU D 415 -21.88 9.79 1.55
C GLU D 415 -21.98 8.27 1.68
N PHE D 416 -22.73 7.79 2.66
CA PHE D 416 -22.86 6.35 2.84
C PHE D 416 -24.19 5.71 2.51
N VAL D 417 -24.13 4.43 2.15
CA VAL D 417 -25.32 3.69 1.76
C VAL D 417 -25.30 2.22 2.10
N ASN D 418 -26.37 1.74 2.72
CA ASN D 418 -26.49 0.33 3.04
C ASN D 418 -27.66 -0.21 2.22
N THR D 419 -27.45 -0.25 0.90
CA THR D 419 -28.46 -0.73 -0.03
C THR D 419 -27.99 -2.09 -0.50
N PRO D 420 -28.64 -3.16 -0.01
CA PRO D 420 -28.35 -4.56 -0.32
C PRO D 420 -28.40 -4.89 -1.81
N PRO D 421 -27.94 -6.10 -2.17
CA PRO D 421 -27.91 -6.60 -3.55
C PRO D 421 -29.29 -6.64 -4.18
N LEU D 422 -29.76 -5.47 -4.61
CA LEU D 422 -31.06 -5.32 -5.24
C LEU D 422 -31.27 -6.49 -6.16
N VAL D 423 -30.58 -6.43 -7.29
CA VAL D 423 -30.60 -7.47 -8.31
C VAL D 423 -29.17 -7.39 -8.84
N LYS D 424 -28.67 -8.49 -9.38
CA LYS D 424 -27.34 -8.50 -9.96
C LYS D 424 -27.42 -7.61 -11.20
N LEU D 425 -28.14 -6.51 -11.06
CA LEU D 425 -28.35 -5.54 -12.14
C LEU D 425 -27.06 -5.29 -12.89
N TRP D 426 -26.03 -4.90 -12.15
CA TRP D 426 -24.71 -4.64 -12.71
C TRP D 426 -23.95 -5.95 -12.61
N TYR D 427 -24.06 -6.67 -13.73
CA TYR D 427 -23.55 -8.02 -13.92
C TYR D 427 -22.20 -8.59 -13.46
N GLN D 428 -22.33 -9.73 -12.79
CA GLN D 428 -21.22 -10.51 -12.30
C GLN D 428 -21.38 -11.89 -12.93
N LEU D 429 -20.36 -12.34 -13.67
CA LEU D 429 -20.38 -13.65 -14.33
C LEU D 429 -18.94 -14.15 -14.56
N ASP E 1 22.10 -11.78 -4.21
CA ASP E 1 22.71 -13.09 -3.88
C ASP E 1 21.66 -14.19 -3.73
N ILE E 2 20.68 -14.18 -4.63
CA ILE E 2 19.62 -15.17 -4.66
C ILE E 2 20.20 -16.32 -5.47
N GLN E 3 20.54 -17.43 -4.83
CA GLN E 3 21.10 -18.55 -5.56
C GLN E 3 20.09 -19.22 -6.50
N MET E 4 20.43 -19.28 -7.78
CA MET E 4 19.58 -19.95 -8.76
C MET E 4 20.28 -21.27 -9.05
N THR E 5 19.52 -22.36 -9.01
CA THR E 5 20.09 -23.67 -9.24
C THR E 5 19.39 -24.47 -10.33
N GLN E 6 20.22 -25.12 -11.13
CA GLN E 6 19.78 -25.99 -12.20
C GLN E 6 20.55 -27.25 -11.85
N THR E 7 19.84 -28.19 -11.25
CA THR E 7 20.45 -29.45 -10.83
C THR E 7 20.93 -30.26 -12.01
N THR E 8 20.11 -30.27 -13.06
CA THR E 8 20.42 -31.01 -14.27
C THR E 8 21.47 -30.30 -15.15
N SER E 9 22.71 -30.74 -14.99
CA SER E 9 23.85 -30.18 -15.73
C SER E 9 23.91 -30.63 -17.19
N SER E 10 24.36 -31.87 -17.43
CA SER E 10 24.49 -32.42 -18.78
C SER E 10 23.36 -33.41 -19.08
N LEU E 11 22.43 -32.99 -19.94
CA LEU E 11 21.28 -33.82 -20.33
C LEU E 11 21.24 -34.16 -21.82
N SER E 12 21.26 -35.46 -22.15
CA SER E 12 21.22 -35.89 -23.56
C SER E 12 19.86 -36.44 -24.02
N ALA E 13 19.41 -36.00 -25.19
CA ALA E 13 18.14 -36.43 -25.77
C ALA E 13 18.25 -36.62 -27.28
N SER E 14 17.12 -36.80 -27.98
CA SER E 14 17.17 -37.03 -29.42
C SER E 14 16.14 -36.24 -30.20
N LEU E 15 16.38 -36.01 -31.48
CA LEU E 15 15.46 -35.21 -32.27
C LEU E 15 14.09 -35.74 -32.06
N GLY E 16 13.09 -34.87 -32.24
CA GLY E 16 11.71 -35.29 -32.02
C GLY E 16 11.29 -35.35 -30.56
N ASP E 17 12.24 -35.59 -29.66
CA ASP E 17 11.93 -35.69 -28.24
C ASP E 17 11.24 -34.43 -27.72
N ARG E 18 11.02 -34.40 -26.41
CA ARG E 18 10.37 -33.29 -25.70
C ARG E 18 11.11 -33.21 -24.37
N VAL E 19 11.68 -32.05 -24.03
CA VAL E 19 12.41 -31.98 -22.77
C VAL E 19 12.00 -30.84 -21.87
N THR E 20 12.29 -31.03 -20.59
CA THR E 20 11.96 -30.08 -19.53
C THR E 20 13.15 -29.88 -18.60
N ILE E 21 13.61 -28.62 -18.46
CA ILE E 21 14.74 -28.34 -17.58
C ILE E 21 14.30 -27.55 -16.33
N SER E 22 14.90 -27.91 -15.19
CA SER E 22 14.58 -27.28 -13.91
C SER E 22 15.52 -26.17 -13.43
N CYS E 23 14.91 -25.06 -13.01
CA CYS E 23 15.63 -23.89 -12.49
C CYS E 23 14.99 -23.56 -11.15
N SER E 24 15.69 -23.83 -10.06
CA SER E 24 15.17 -23.55 -8.73
C SER E 24 15.79 -22.25 -8.24
N ALA E 25 15.16 -21.63 -7.24
CA ALA E 25 15.67 -20.39 -6.69
C ALA E 25 16.12 -20.60 -5.26
N SER E 26 16.02 -19.55 -4.44
CA SER E 26 16.37 -19.59 -3.02
C SER E 26 15.28 -18.88 -2.25
N GLN E 27 14.33 -18.32 -3.00
CA GLN E 27 13.21 -17.61 -2.40
C GLN E 27 12.19 -17.25 -3.46
N ASP E 28 10.92 -17.22 -3.05
CA ASP E 28 9.83 -16.90 -3.96
C ASP E 28 10.23 -15.69 -4.80
N ILE E 29 10.46 -15.90 -6.09
CA ILE E 29 10.85 -14.80 -6.95
C ILE E 29 9.69 -14.33 -7.80
N SER E 30 8.50 -14.69 -7.35
CA SER E 30 7.27 -14.28 -7.99
C SER E 30 7.27 -14.24 -9.51
N SER E 31 7.75 -15.32 -10.13
CA SER E 31 7.78 -15.45 -11.59
C SER E 31 8.63 -14.42 -12.32
N TYR E 32 9.71 -14.01 -11.68
CA TYR E 32 10.63 -13.05 -12.28
C TYR E 32 11.87 -13.82 -12.73
N LEU E 33 11.65 -14.72 -13.69
CA LEU E 33 12.72 -15.54 -14.21
C LEU E 33 12.72 -15.44 -15.73
N ASN E 34 13.92 -15.48 -16.30
CA ASN E 34 14.09 -15.43 -17.74
C ASN E 34 14.92 -16.63 -18.20
N TRP E 35 14.69 -17.03 -19.46
CA TRP E 35 15.37 -18.18 -20.06
C TRP E 35 16.24 -17.81 -21.28
N TYR E 36 17.52 -18.16 -21.19
CA TYR E 36 18.49 -17.88 -22.26
C TYR E 36 19.09 -19.12 -22.94
N GLN E 37 19.27 -19.02 -24.26
CA GLN E 37 19.84 -20.12 -25.08
C GLN E 37 21.23 -19.79 -25.62
N GLN E 38 22.27 -20.48 -25.13
CA GLN E 38 23.61 -20.22 -25.64
C GLN E 38 24.13 -21.38 -26.50
N LYS E 39 24.10 -21.17 -27.82
CA LYS E 39 24.54 -22.17 -28.79
C LYS E 39 26.03 -22.46 -28.65
N PRO E 40 26.48 -23.62 -29.14
CA PRO E 40 27.91 -23.94 -29.01
C PRO E 40 28.80 -22.84 -29.56
N GLU E 41 28.31 -22.14 -30.59
CA GLU E 41 29.06 -21.04 -31.19
C GLU E 41 29.45 -20.11 -30.05
N GLY E 42 28.42 -19.55 -29.41
CA GLY E 42 28.61 -18.63 -28.30
C GLY E 42 27.52 -17.57 -28.16
N THR E 43 26.82 -17.28 -29.24
CA THR E 43 25.77 -16.28 -29.18
C THR E 43 24.78 -16.68 -28.11
N VAL E 44 24.14 -15.68 -27.50
CA VAL E 44 23.14 -15.90 -26.45
C VAL E 44 21.82 -15.25 -26.84
N LYS E 45 20.76 -16.04 -26.87
CA LYS E 45 19.46 -15.49 -27.25
C LYS E 45 18.42 -15.55 -26.12
N LEU E 46 17.36 -14.75 -26.27
CA LEU E 46 16.28 -14.68 -25.28
C LEU E 46 15.11 -15.55 -25.69
N LEU E 47 14.85 -16.60 -24.92
CA LEU E 47 13.74 -17.49 -25.23
C LEU E 47 12.48 -17.04 -24.53
N ILE E 48 12.52 -17.06 -23.20
CA ILE E 48 11.37 -16.66 -22.41
C ILE E 48 11.70 -15.68 -21.30
N TYR E 49 10.78 -14.74 -21.10
CA TYR E 49 10.89 -13.71 -20.08
C TYR E 49 9.60 -13.72 -19.27
N TYR E 50 9.71 -13.56 -17.96
CA TYR E 50 8.55 -13.59 -17.07
C TYR E 50 8.05 -15.04 -17.04
N THR E 51 9.03 -15.91 -16.77
CA THR E 51 8.85 -17.35 -16.67
C THR E 51 7.96 -18.07 -17.68
N SER E 52 7.07 -17.37 -18.37
CA SER E 52 6.19 -18.04 -19.30
C SER E 52 5.85 -17.33 -20.60
N SER E 53 6.41 -16.14 -20.79
CA SER E 53 6.14 -15.40 -22.01
C SER E 53 7.24 -15.57 -23.08
N LEU E 54 6.83 -15.87 -24.31
CA LEU E 54 7.79 -16.09 -25.40
C LEU E 54 8.33 -14.82 -26.05
N HIS E 55 9.63 -14.80 -26.31
CA HIS E 55 10.24 -13.66 -26.96
C HIS E 55 9.93 -13.66 -28.43
N SER E 56 9.67 -12.50 -29.01
CA SER E 56 9.34 -12.44 -30.44
C SER E 56 10.29 -13.24 -31.31
N GLY E 57 9.73 -13.87 -32.32
CA GLY E 57 10.56 -14.65 -33.22
C GLY E 57 11.22 -15.83 -32.53
N VAL E 58 10.41 -16.63 -31.84
CA VAL E 58 10.95 -17.81 -31.17
C VAL E 58 9.98 -18.93 -31.43
N PRO E 59 10.50 -20.09 -31.82
CA PRO E 59 9.69 -21.27 -32.12
C PRO E 59 8.61 -21.53 -31.08
N SER E 60 7.38 -21.69 -31.55
CA SER E 60 6.25 -21.99 -30.65
C SER E 60 6.47 -23.27 -29.85
N ARG E 61 7.45 -24.07 -30.25
CA ARG E 61 7.72 -25.31 -29.53
C ARG E 61 8.47 -25.02 -28.24
N PHE E 62 8.41 -23.76 -27.82
CA PHE E 62 9.07 -23.32 -26.60
C PHE E 62 8.10 -22.82 -25.54
N SER E 63 8.27 -23.32 -24.32
CA SER E 63 7.43 -22.94 -23.19
C SER E 63 8.09 -23.34 -21.88
N GLY E 64 7.92 -22.48 -20.89
CA GLY E 64 8.50 -22.75 -19.58
C GLY E 64 7.47 -22.26 -18.60
N SER E 65 7.61 -22.68 -17.36
CA SER E 65 6.68 -22.26 -16.34
C SER E 65 7.29 -22.50 -14.97
N GLY E 66 6.52 -22.21 -13.93
CA GLY E 66 6.99 -22.39 -12.58
C GLY E 66 6.29 -21.37 -11.70
N SER E 67 6.62 -21.41 -10.42
CA SER E 67 6.05 -20.49 -9.43
C SER E 67 6.79 -20.52 -8.11
N GLY E 68 6.94 -19.36 -7.51
CA GLY E 68 7.63 -19.28 -6.24
C GLY E 68 9.09 -19.66 -6.22
N THR E 69 9.38 -20.95 -6.19
CA THR E 69 10.77 -21.37 -6.15
C THR E 69 11.14 -22.39 -7.21
N ASP E 70 10.12 -23.02 -7.80
CA ASP E 70 10.36 -24.01 -8.82
C ASP E 70 9.87 -23.56 -10.19
N TYR E 71 10.79 -23.58 -11.16
CA TYR E 71 10.49 -23.18 -12.52
C TYR E 71 11.18 -24.10 -13.51
N SER E 72 10.48 -24.42 -14.60
CA SER E 72 11.03 -25.29 -15.61
C SER E 72 10.68 -24.95 -17.06
N LEU E 73 11.69 -25.13 -17.92
CA LEU E 73 11.55 -24.88 -19.35
C LEU E 73 11.39 -26.21 -20.06
N THR E 74 10.46 -26.23 -21.01
CA THR E 74 10.13 -27.42 -21.79
C THR E 74 10.11 -27.19 -23.31
N ILE E 75 11.13 -27.72 -24.00
CA ILE E 75 11.20 -27.58 -25.44
C ILE E 75 10.33 -28.66 -26.03
N SER E 76 9.30 -28.22 -26.78
CA SER E 76 8.33 -29.11 -27.40
C SER E 76 8.92 -30.36 -27.99
N ASN E 77 9.19 -30.33 -29.29
CA ASN E 77 9.79 -31.49 -29.94
C ASN E 77 11.04 -31.15 -30.72
N LEU E 78 12.16 -31.42 -30.04
CA LEU E 78 13.48 -31.18 -30.56
C LEU E 78 13.70 -31.03 -32.05
N GLU E 79 14.65 -30.16 -32.36
CA GLU E 79 15.09 -29.87 -33.71
C GLU E 79 16.59 -29.97 -33.55
N PRO E 80 17.34 -29.85 -34.65
CA PRO E 80 18.80 -29.95 -34.55
C PRO E 80 19.53 -28.74 -33.94
N GLU E 81 18.83 -27.62 -33.75
CA GLU E 81 19.46 -26.44 -33.18
C GLU E 81 19.33 -26.51 -31.68
N ASP E 82 18.09 -26.75 -31.24
CA ASP E 82 17.79 -26.82 -29.83
C ASP E 82 18.91 -27.45 -28.98
N ILE E 83 19.60 -28.42 -29.54
CA ILE E 83 20.66 -29.07 -28.79
C ILE E 83 21.74 -28.02 -28.42
N ALA E 84 21.60 -27.41 -27.25
CA ALA E 84 22.56 -26.39 -26.78
C ALA E 84 22.50 -26.15 -25.27
N THR E 85 23.25 -25.17 -24.77
CA THR E 85 23.24 -24.85 -23.34
C THR E 85 22.12 -23.85 -22.99
N TYR E 86 21.49 -24.03 -21.82
CA TYR E 86 20.40 -23.16 -21.39
C TYR E 86 20.58 -22.49 -20.04
N TYR E 87 20.21 -21.22 -19.98
CA TYR E 87 20.35 -20.49 -18.74
C TYR E 87 19.09 -19.76 -18.33
N CYS E 88 18.88 -19.71 -17.01
CA CYS E 88 17.73 -19.03 -16.45
C CYS E 88 18.26 -17.92 -15.58
N GLN E 89 17.65 -16.74 -15.73
CA GLN E 89 18.06 -15.56 -14.98
C GLN E 89 16.92 -15.03 -14.10
N GLN E 90 17.27 -14.78 -12.85
CA GLN E 90 16.35 -14.29 -11.82
C GLN E 90 16.48 -12.77 -11.73
N TYR E 91 15.40 -12.04 -11.99
CA TYR E 91 15.51 -10.57 -11.91
C TYR E 91 14.56 -9.96 -10.91
N SER E 92 14.30 -10.72 -9.86
CA SER E 92 13.40 -10.28 -8.82
C SER E 92 14.11 -9.36 -7.84
N LYS E 93 15.44 -9.38 -7.90
CA LYS E 93 16.20 -8.56 -6.97
C LYS E 93 17.69 -8.56 -7.30
N PHE E 94 18.27 -7.37 -7.50
CA PHE E 94 19.70 -7.28 -7.80
C PHE E 94 20.43 -7.69 -6.52
N PRO E 95 21.59 -8.34 -6.67
CA PRO E 95 22.22 -8.69 -7.95
C PRO E 95 21.44 -9.71 -8.76
N TRP E 96 21.41 -9.53 -10.08
CA TRP E 96 20.75 -10.46 -10.97
C TRP E 96 21.51 -11.78 -10.90
N THR E 97 20.89 -12.87 -11.34
CA THR E 97 21.55 -14.15 -11.32
C THR E 97 21.04 -15.14 -12.34
N PHE E 98 21.95 -16.00 -12.76
CA PHE E 98 21.67 -17.04 -13.74
C PHE E 98 21.93 -18.39 -13.08
N GLY E 99 21.42 -19.45 -13.71
CA GLY E 99 21.67 -20.78 -13.17
C GLY E 99 23.12 -21.20 -13.41
N GLY E 100 23.33 -22.51 -13.59
CA GLY E 100 24.66 -23.03 -13.84
C GLY E 100 24.61 -23.59 -15.25
N GLY E 101 23.48 -23.29 -15.89
CA GLY E 101 23.22 -23.72 -17.25
C GLY E 101 22.95 -25.20 -17.38
N THR E 102 22.22 -25.56 -18.42
CA THR E 102 21.91 -26.95 -18.67
C THR E 102 22.24 -27.24 -20.14
N LYS E 103 23.29 -28.05 -20.33
CA LYS E 103 23.76 -28.48 -21.67
C LYS E 103 22.81 -29.52 -22.19
N LEU E 104 22.22 -29.26 -23.36
CA LEU E 104 21.28 -30.20 -23.96
C LEU E 104 21.99 -30.87 -25.13
N GLU E 105 22.39 -32.12 -24.94
CA GLU E 105 23.11 -32.85 -25.98
C GLU E 105 22.32 -33.84 -26.83
N ILE E 106 23.02 -34.75 -27.51
CA ILE E 106 22.33 -35.71 -28.35
C ILE E 106 22.78 -37.13 -28.09
N LYS E 107 21.80 -38.00 -27.85
CA LYS E 107 22.01 -39.41 -27.54
C LYS E 107 22.51 -40.19 -28.75
N ARG E 108 23.63 -40.88 -28.55
CA ARG E 108 24.25 -41.67 -29.60
C ARG E 108 24.76 -43.00 -29.07
N ALA E 109 24.41 -44.08 -29.75
CA ALA E 109 24.86 -45.41 -29.34
C ALA E 109 26.32 -45.44 -28.89
N ASP E 110 26.52 -45.68 -27.61
CA ASP E 110 27.85 -45.73 -26.99
C ASP E 110 28.94 -46.24 -27.93
N ALA E 111 30.18 -45.86 -27.65
CA ALA E 111 31.31 -46.26 -28.49
C ALA E 111 32.60 -46.14 -27.68
N ALA E 112 33.57 -46.99 -27.99
CA ALA E 112 34.81 -46.97 -27.20
C ALA E 112 35.95 -46.11 -27.66
N PRO E 113 36.67 -45.56 -26.68
CA PRO E 113 37.82 -44.68 -26.88
C PRO E 113 38.96 -45.31 -27.68
N THR E 114 39.08 -44.88 -28.93
CA THR E 114 40.14 -45.36 -29.81
C THR E 114 41.45 -44.69 -29.37
N VAL E 115 42.12 -45.32 -28.42
CA VAL E 115 43.36 -44.80 -27.85
C VAL E 115 44.58 -44.80 -28.75
N SER E 116 45.56 -43.97 -28.41
CA SER E 116 46.79 -43.86 -29.20
C SER E 116 47.83 -43.08 -28.40
N ILE E 117 48.90 -43.76 -27.99
CA ILE E 117 49.95 -43.11 -27.21
C ILE E 117 51.12 -42.72 -28.10
N PHE E 118 51.92 -41.73 -27.70
CA PHE E 118 53.05 -41.29 -28.50
C PHE E 118 54.32 -40.94 -27.77
N PRO E 119 55.47 -41.23 -28.40
CA PRO E 119 56.80 -40.96 -27.85
C PRO E 119 57.19 -39.48 -27.95
N PRO E 120 58.06 -39.03 -27.04
CA PRO E 120 58.50 -37.64 -27.10
C PRO E 120 59.28 -37.36 -28.36
N SER E 121 58.62 -36.77 -29.35
CA SER E 121 59.24 -36.45 -30.64
C SER E 121 60.69 -36.06 -30.45
N SER E 122 61.54 -36.57 -31.34
CA SER E 122 62.95 -36.28 -31.23
C SER E 122 63.17 -34.81 -30.94
N GLU E 123 62.78 -33.96 -31.87
CA GLU E 123 62.95 -32.51 -31.74
C GLU E 123 62.64 -31.99 -30.35
N GLN E 124 61.56 -32.48 -29.75
CA GLN E 124 61.19 -32.02 -28.42
C GLN E 124 62.32 -32.38 -27.45
N LEU E 125 62.78 -33.61 -27.53
CA LEU E 125 63.86 -34.10 -26.69
C LEU E 125 65.16 -33.38 -27.02
N THR E 126 65.27 -32.93 -28.26
CA THR E 126 66.46 -32.21 -28.72
C THR E 126 66.66 -30.91 -27.95
N SER E 127 65.54 -30.28 -27.60
CA SER E 127 65.55 -29.02 -26.87
C SER E 127 65.63 -29.20 -25.35
N GLY E 128 65.46 -30.44 -24.89
CA GLY E 128 65.55 -30.73 -23.47
C GLY E 128 64.23 -30.91 -22.74
N GLY E 129 63.27 -31.56 -23.40
CA GLY E 129 61.98 -31.80 -22.78
C GLY E 129 61.29 -33.03 -23.33
N ALA E 130 60.24 -33.50 -22.67
CA ALA E 130 59.56 -34.69 -23.13
C ALA E 130 58.11 -34.76 -22.71
N SER E 131 57.23 -34.82 -23.70
CA SER E 131 55.82 -34.91 -23.44
C SER E 131 55.37 -36.28 -23.91
N VAL E 132 54.23 -36.74 -23.43
CA VAL E 132 53.76 -38.05 -23.86
C VAL E 132 52.28 -38.00 -24.17
N VAL E 133 51.99 -37.55 -25.38
CA VAL E 133 50.60 -37.40 -25.83
C VAL E 133 49.86 -38.74 -25.88
N CYS E 134 48.55 -38.72 -25.65
CA CYS E 134 47.72 -39.93 -25.72
C CYS E 134 46.26 -39.58 -26.09
N PHE E 135 45.94 -39.72 -27.38
CA PHE E 135 44.59 -39.40 -27.88
C PHE E 135 43.50 -40.43 -27.65
N LEU E 136 42.44 -40.04 -26.98
CA LEU E 136 41.33 -40.94 -26.74
C LEU E 136 40.20 -40.40 -27.59
N ASN E 137 39.98 -41.01 -28.76
CA ASN E 137 38.96 -40.48 -29.66
C ASN E 137 37.59 -41.11 -29.90
N ASN E 138 36.70 -40.23 -30.38
CA ASN E 138 35.34 -40.54 -30.76
C ASN E 138 34.56 -41.48 -29.84
N PHE E 139 34.72 -41.35 -28.53
CA PHE E 139 34.01 -42.23 -27.60
C PHE E 139 32.69 -41.62 -27.12
N TYR E 140 31.86 -42.43 -26.47
CA TYR E 140 30.58 -41.95 -25.95
C TYR E 140 30.13 -42.84 -24.79
N PRO E 141 29.58 -42.23 -23.74
CA PRO E 141 29.36 -40.79 -23.57
C PRO E 141 30.63 -40.10 -23.09
N LYS E 142 30.49 -38.85 -22.66
CA LYS E 142 31.62 -38.07 -22.22
C LYS E 142 32.35 -38.56 -20.97
N ASP E 143 31.61 -39.12 -20.03
CA ASP E 143 32.19 -39.60 -18.77
C ASP E 143 33.31 -40.62 -18.95
N ILE E 144 34.52 -40.20 -19.30
CA ILE E 144 35.59 -41.18 -19.46
C ILE E 144 36.58 -40.93 -18.35
N ASN E 145 37.76 -41.55 -18.42
CA ASN E 145 38.77 -41.37 -17.39
C ASN E 145 40.14 -41.95 -17.74
N VAL E 146 41.16 -41.11 -17.64
CA VAL E 146 42.54 -41.50 -17.94
C VAL E 146 43.37 -41.82 -16.71
N LYS E 147 44.39 -42.65 -16.90
CA LYS E 147 45.29 -43.06 -15.84
C LYS E 147 46.68 -43.22 -16.44
N TRP E 148 47.67 -42.61 -15.79
CA TRP E 148 49.05 -42.71 -16.26
C TRP E 148 49.89 -43.60 -15.36
N LYS E 149 50.70 -44.46 -15.97
CA LYS E 149 51.55 -45.38 -15.22
C LYS E 149 52.92 -45.51 -15.87
N ILE E 150 53.97 -45.18 -15.11
CA ILE E 150 55.34 -45.30 -15.60
C ILE E 150 56.02 -46.44 -14.85
N ASP E 151 56.40 -47.48 -15.60
CA ASP E 151 57.01 -48.65 -14.99
C ASP E 151 56.06 -49.05 -13.88
N GLY E 152 54.82 -49.37 -14.27
CA GLY E 152 53.80 -49.77 -13.33
C GLY E 152 53.44 -48.74 -12.27
N SER E 153 54.40 -47.89 -11.93
CA SER E 153 54.19 -46.85 -10.92
C SER E 153 53.37 -45.68 -11.47
N GLU E 154 52.27 -45.37 -10.79
CA GLU E 154 51.39 -44.28 -11.22
C GLU E 154 52.07 -42.91 -11.08
N ARG E 155 51.68 -41.97 -11.94
CA ARG E 155 52.25 -40.61 -11.94
C ARG E 155 51.13 -39.56 -12.04
N GLN E 156 51.31 -38.44 -11.35
CA GLN E 156 50.32 -37.37 -11.36
C GLN E 156 50.93 -36.04 -11.83
N ASN E 157 52.25 -35.89 -11.65
CA ASN E 157 52.95 -34.66 -12.06
C ASN E 157 53.16 -34.60 -13.58
N GLY E 158 52.67 -33.53 -14.21
CA GLY E 158 52.82 -33.36 -15.65
C GLY E 158 51.65 -33.85 -16.49
N VAL E 159 50.60 -34.30 -15.82
CA VAL E 159 49.42 -34.81 -16.50
C VAL E 159 48.41 -33.71 -16.83
N LEU E 160 48.36 -33.32 -18.10
CA LEU E 160 47.43 -32.29 -18.54
C LEU E 160 46.35 -32.97 -19.35
N ASN E 161 45.17 -32.37 -19.41
CA ASN E 161 44.09 -32.98 -20.17
C ASN E 161 43.28 -31.94 -20.94
N SER E 162 42.47 -32.39 -21.89
CA SER E 162 41.65 -31.49 -22.69
C SER E 162 40.47 -32.25 -23.28
N TRP E 163 39.27 -31.78 -23.01
CA TRP E 163 38.07 -32.44 -23.51
C TRP E 163 37.44 -31.60 -24.60
N THR E 164 37.05 -32.25 -25.68
CA THR E 164 36.41 -31.55 -26.78
C THR E 164 34.93 -31.60 -26.55
N ASP E 165 34.22 -30.78 -27.31
CA ASP E 165 32.76 -30.69 -27.24
C ASP E 165 32.15 -31.82 -28.07
N GLN E 166 30.84 -32.02 -27.95
CA GLN E 166 30.19 -33.07 -28.72
C GLN E 166 30.42 -32.64 -30.15
N ASP E 167 30.89 -33.56 -30.98
CA ASP E 167 31.13 -33.29 -32.41
C ASP E 167 29.73 -33.24 -33.03
N SER E 168 29.36 -32.13 -33.65
CA SER E 168 27.99 -32.05 -34.16
C SER E 168 27.58 -33.05 -35.25
N LYS E 169 28.54 -33.81 -35.74
CA LYS E 169 28.28 -34.78 -36.80
C LYS E 169 28.10 -36.22 -36.30
N ASP E 170 29.11 -36.76 -35.61
CA ASP E 170 29.03 -38.12 -35.12
C ASP E 170 28.75 -38.20 -33.61
N SER E 171 28.37 -37.08 -33.04
CA SER E 171 28.03 -36.98 -31.62
C SER E 171 28.96 -37.71 -30.66
N THR E 172 30.25 -37.56 -30.80
CA THR E 172 31.14 -38.23 -29.87
C THR E 172 32.06 -37.23 -29.18
N TYR E 173 32.97 -37.73 -28.36
CA TYR E 173 33.91 -36.89 -27.63
C TYR E 173 35.31 -37.42 -27.79
N SER E 174 36.28 -36.53 -27.71
CA SER E 174 37.67 -36.92 -27.86
C SER E 174 38.35 -36.31 -26.67
N MET E 175 39.56 -36.74 -26.35
CA MET E 175 40.25 -36.20 -25.18
C MET E 175 41.76 -36.36 -25.16
N SER E 176 42.48 -35.32 -25.54
CA SER E 176 43.94 -35.39 -25.51
C SER E 176 44.35 -35.41 -24.04
N SER E 177 45.54 -35.92 -23.77
CA SER E 177 46.07 -35.99 -22.42
C SER E 177 47.58 -36.07 -22.55
N THR E 178 48.29 -35.13 -21.94
CA THR E 178 49.73 -35.11 -22.08
C THR E 178 50.51 -35.23 -20.80
N LEU E 179 51.57 -36.04 -20.84
CA LEU E 179 52.44 -36.24 -19.69
C LEU E 179 53.73 -35.47 -19.95
N THR E 180 53.94 -34.41 -19.18
CA THR E 180 55.11 -33.57 -19.35
C THR E 180 56.21 -33.78 -18.32
N LEU E 181 57.28 -34.44 -18.74
CA LEU E 181 58.41 -34.71 -17.86
C LEU E 181 59.63 -34.03 -18.44
N THR E 182 60.71 -34.01 -17.68
CA THR E 182 61.95 -33.40 -18.15
C THR E 182 62.61 -34.42 -19.06
N LYS E 183 63.67 -34.00 -19.75
CA LYS E 183 64.38 -34.91 -20.65
C LYS E 183 65.09 -36.02 -19.86
N ASP E 184 65.93 -35.61 -18.92
CA ASP E 184 66.68 -36.55 -18.09
C ASP E 184 65.77 -37.58 -17.44
N GLU E 185 64.59 -37.16 -17.00
CA GLU E 185 63.66 -38.09 -16.37
C GLU E 185 63.08 -39.02 -17.43
N TYR E 186 62.91 -38.52 -18.65
CA TYR E 186 62.40 -39.37 -19.72
C TYR E 186 63.45 -40.44 -19.90
N GLU E 187 64.72 -40.02 -19.92
CA GLU E 187 65.82 -40.95 -20.07
C GLU E 187 66.20 -41.61 -18.74
N ARG E 188 65.24 -41.68 -17.82
CA ARG E 188 65.44 -42.28 -16.51
C ARG E 188 64.36 -43.32 -16.25
N HIS E 189 63.81 -43.83 -17.33
CA HIS E 189 62.75 -44.83 -17.28
C HIS E 189 62.69 -45.54 -18.62
N ASN E 190 61.62 -46.32 -18.82
CA ASN E 190 61.45 -47.07 -20.05
C ASN E 190 59.98 -47.27 -20.44
N SER E 191 59.13 -47.55 -19.44
CA SER E 191 57.71 -47.78 -19.70
C SER E 191 56.75 -46.66 -19.29
N TYR E 192 55.91 -46.26 -20.23
CA TYR E 192 54.91 -45.22 -20.02
C TYR E 192 53.57 -45.76 -20.50
N THR E 193 52.59 -45.80 -19.60
CA THR E 193 51.28 -46.34 -19.96
C THR E 193 50.10 -45.37 -19.88
N CYS E 194 49.17 -45.55 -20.80
CA CYS E 194 47.98 -44.72 -20.85
C CYS E 194 46.80 -45.67 -20.67
N GLU E 195 46.04 -45.50 -19.60
CA GLU E 195 44.88 -46.36 -19.35
C GLU E 195 43.58 -45.59 -19.46
N ALA E 196 42.71 -46.03 -20.34
CA ALA E 196 41.46 -45.33 -20.52
C ALA E 196 40.32 -46.15 -19.97
N THR E 197 39.74 -45.69 -18.89
CA THR E 197 38.64 -46.41 -18.27
C THR E 197 37.30 -45.87 -18.77
N HIS E 198 36.64 -46.58 -19.69
CA HIS E 198 35.36 -46.11 -20.20
C HIS E 198 34.23 -47.00 -19.70
N LYS E 199 32.99 -46.52 -19.79
CA LYS E 199 31.86 -47.30 -19.34
C LYS E 199 31.55 -48.45 -20.29
N THR E 200 32.54 -48.88 -21.07
CA THR E 200 32.33 -49.96 -22.00
C THR E 200 32.97 -51.28 -21.59
N SER E 201 34.29 -51.29 -21.46
CA SER E 201 34.98 -52.51 -21.07
C SER E 201 35.42 -52.47 -19.61
N THR E 202 35.06 -53.51 -18.88
CA THR E 202 35.40 -53.65 -17.48
C THR E 202 36.91 -53.47 -17.33
N SER E 203 37.62 -53.83 -18.39
CA SER E 203 39.08 -53.72 -18.41
C SER E 203 39.53 -52.42 -19.06
N PRO E 204 40.37 -51.64 -18.36
CA PRO E 204 40.86 -50.37 -18.89
C PRO E 204 41.62 -50.57 -20.20
N ILE E 205 41.11 -50.00 -21.28
CA ILE E 205 41.78 -50.11 -22.56
C ILE E 205 43.15 -49.48 -22.37
N VAL E 206 44.19 -50.25 -22.67
CA VAL E 206 45.55 -49.77 -22.50
C VAL E 206 46.32 -49.73 -23.80
N LYS E 207 47.27 -48.82 -23.87
CA LYS E 207 48.14 -48.63 -25.03
C LYS E 207 49.43 -48.09 -24.41
N SER E 208 50.56 -48.69 -24.73
CA SER E 208 51.82 -48.24 -24.14
C SER E 208 53.04 -48.49 -24.99
N PHE E 209 54.21 -48.18 -24.45
CA PHE E 209 55.47 -48.37 -25.17
C PHE E 209 56.69 -48.29 -24.26
N ASN E 210 57.86 -48.59 -24.82
CA ASN E 210 59.12 -48.55 -24.09
C ASN E 210 60.25 -48.05 -24.97
N ARG E 211 60.86 -46.93 -24.55
CA ARG E 211 61.96 -46.31 -25.27
C ARG E 211 63.13 -47.26 -25.54
N GLN F 1 16.85 -4.71 -36.07
CA GLN F 1 17.80 -3.62 -36.44
C GLN F 1 18.63 -3.21 -35.23
N ILE F 2 18.42 -3.86 -34.09
CA ILE F 2 19.19 -3.50 -32.89
C ILE F 2 20.43 -4.36 -32.82
N THR F 3 21.57 -3.76 -32.50
CA THR F 3 22.83 -4.49 -32.43
C THR F 3 23.79 -3.85 -31.49
N LEU F 4 24.62 -4.67 -30.86
CA LEU F 4 25.65 -4.18 -29.94
C LEU F 4 26.97 -4.88 -30.22
N LYS F 5 28.07 -4.16 -30.11
CA LYS F 5 29.36 -4.79 -30.35
C LYS F 5 30.35 -4.41 -29.25
N GLU F 6 30.83 -5.40 -28.50
CA GLU F 6 31.80 -5.13 -27.43
C GLU F 6 33.15 -4.80 -28.08
N SER F 7 33.88 -3.87 -27.49
CA SER F 7 35.20 -3.45 -28.00
C SER F 7 36.13 -3.65 -26.81
N GLY F 8 37.43 -3.78 -27.03
CA GLY F 8 38.31 -3.96 -25.87
C GLY F 8 39.78 -4.15 -26.13
N PRO F 9 40.56 -4.60 -25.14
CA PRO F 9 41.97 -4.79 -25.38
C PRO F 9 42.25 -6.29 -25.41
N GLY F 10 41.21 -7.08 -25.23
CA GLY F 10 41.37 -8.53 -25.26
C GLY F 10 42.47 -9.17 -24.41
N ILE F 11 43.52 -8.40 -24.11
CA ILE F 11 44.61 -8.90 -23.30
C ILE F 11 45.19 -7.81 -22.41
N VAL F 12 45.16 -8.06 -21.11
CA VAL F 12 45.62 -7.10 -20.14
C VAL F 12 46.62 -7.67 -19.15
N GLN F 13 47.52 -6.82 -18.70
CA GLN F 13 48.52 -7.26 -17.75
C GLN F 13 47.90 -7.23 -16.41
N PRO F 14 48.29 -8.16 -15.54
CA PRO F 14 47.78 -8.29 -14.18
C PRO F 14 47.89 -6.96 -13.45
N SER F 15 46.86 -6.63 -12.69
CA SER F 15 46.84 -5.40 -11.91
C SER F 15 46.81 -4.13 -12.73
N GLN F 16 46.22 -4.19 -13.91
CA GLN F 16 46.09 -3.02 -14.77
C GLN F 16 44.61 -2.93 -15.10
N PRO F 17 44.16 -1.76 -15.52
CA PRO F 17 42.73 -1.64 -15.84
C PRO F 17 42.44 -1.80 -17.31
N PHE F 18 41.20 -2.15 -17.62
CA PHE F 18 40.76 -2.32 -18.99
C PHE F 18 39.36 -1.76 -19.11
N ARG F 19 39.09 -1.12 -20.24
CA ARG F 19 37.83 -0.46 -20.46
C ARG F 19 37.05 -0.93 -21.70
N LEU F 20 36.06 -1.79 -21.48
CA LEU F 20 35.22 -2.33 -22.54
C LEU F 20 34.25 -1.29 -23.09
N THR F 21 34.00 -1.35 -24.40
CA THR F 21 33.07 -0.42 -25.04
C THR F 21 31.94 -1.11 -25.81
N CYS F 22 30.71 -0.74 -25.49
CA CYS F 22 29.53 -1.30 -26.14
C CYS F 22 28.95 -0.29 -27.09
N THR F 23 29.25 -0.43 -28.37
CA THR F 23 28.73 0.50 -29.38
C THR F 23 27.50 -0.18 -29.92
N PHE F 24 26.36 0.46 -29.73
CA PHE F 24 25.08 -0.10 -30.16
C PHE F 24 24.33 0.81 -31.09
N SER F 25 23.21 0.30 -31.60
CA SER F 25 22.35 1.09 -32.49
C SER F 25 21.01 0.38 -32.48
N GLY F 26 19.96 1.13 -32.81
CA GLY F 26 18.64 0.54 -32.82
C GLY F 26 17.78 0.98 -31.66
N PHE F 27 18.37 1.70 -30.72
CA PHE F 27 17.65 2.18 -29.56
C PHE F 27 18.51 3.21 -28.88
N SER F 28 17.90 4.13 -28.15
CA SER F 28 18.68 5.13 -27.43
C SER F 28 18.75 4.77 -25.96
N LEU F 29 19.77 5.28 -25.28
CA LEU F 29 19.89 5.02 -23.86
C LEU F 29 19.19 6.19 -23.14
N SER F 30 18.31 6.86 -23.87
CA SER F 30 17.55 7.98 -23.34
C SER F 30 16.10 7.55 -23.10
N THR F 31 15.60 6.65 -23.96
CA THR F 31 14.22 6.18 -23.85
C THR F 31 13.95 5.37 -22.59
N SER F 32 13.00 5.88 -21.82
CA SER F 32 12.58 5.36 -20.53
C SER F 32 12.99 3.98 -20.04
N GLY F 33 12.48 2.90 -20.64
CA GLY F 33 12.82 1.58 -20.13
C GLY F 33 14.26 1.06 -20.29
N ILE F 34 14.86 1.43 -21.40
CA ILE F 34 16.19 1.00 -21.79
C ILE F 34 17.32 1.06 -20.78
N GLY F 35 18.36 0.29 -21.08
CA GLY F 35 19.56 0.22 -20.26
C GLY F 35 20.52 -0.75 -20.93
N VAL F 36 21.76 -0.81 -20.46
CA VAL F 36 22.70 -1.73 -21.05
C VAL F 36 23.24 -2.55 -19.90
N THR F 37 23.49 -3.83 -20.13
CA THR F 37 23.97 -4.69 -19.06
C THR F 37 25.26 -5.35 -19.48
N TRP F 38 26.11 -5.69 -18.53
CA TRP F 38 27.39 -6.34 -18.86
C TRP F 38 27.51 -7.71 -18.22
N ILE F 39 27.41 -8.75 -19.04
CA ILE F 39 27.51 -10.13 -18.57
C ILE F 39 28.93 -10.60 -18.84
N ARG F 40 29.42 -11.48 -17.99
CA ARG F 40 30.76 -12.02 -18.12
C ARG F 40 30.62 -13.53 -18.27
N GLN F 41 31.66 -14.22 -18.74
CA GLN F 41 31.61 -15.68 -18.88
C GLN F 41 33.02 -16.21 -18.97
N PRO F 42 33.54 -16.73 -17.85
CA PRO F 42 34.90 -17.27 -17.86
C PRO F 42 35.00 -18.40 -18.85
N SER F 43 36.23 -18.78 -19.15
CA SER F 43 36.52 -19.85 -20.08
C SER F 43 35.92 -21.17 -19.57
N GLY F 44 34.81 -21.60 -20.18
CA GLY F 44 34.16 -22.84 -19.78
C GLY F 44 33.04 -22.77 -18.75
N LYS F 45 33.18 -21.93 -17.73
CA LYS F 45 32.14 -21.82 -16.70
C LYS F 45 30.84 -21.19 -17.18
N GLY F 46 29.92 -20.92 -16.26
CA GLY F 46 28.64 -20.33 -16.65
C GLY F 46 28.55 -18.82 -16.65
N LEU F 47 27.39 -18.30 -17.01
CA LEU F 47 27.16 -16.86 -17.04
C LEU F 47 27.18 -16.15 -15.69
N GLU F 48 27.68 -14.91 -15.69
CA GLU F 48 27.78 -14.07 -14.49
C GLU F 48 27.21 -12.69 -14.82
N TRP F 49 26.74 -11.96 -13.80
CA TRP F 49 26.20 -10.62 -14.03
C TRP F 49 27.19 -9.58 -13.50
N LEU F 50 27.61 -8.64 -14.34
CA LEU F 50 28.56 -7.65 -13.87
C LEU F 50 27.90 -6.39 -13.40
N ALA F 51 27.15 -5.74 -14.27
CA ALA F 51 26.47 -4.53 -13.87
C ALA F 51 25.52 -4.06 -14.93
N THR F 52 24.58 -3.22 -14.54
CA THR F 52 23.64 -2.73 -15.51
C THR F 52 23.51 -1.23 -15.37
N ILE F 53 23.65 -0.54 -16.48
CA ILE F 53 23.58 0.90 -16.53
C ILE F 53 22.18 1.22 -17.03
N TRP F 54 21.49 2.13 -16.36
CA TRP F 54 20.13 2.48 -16.78
C TRP F 54 20.07 3.89 -17.32
N TRP F 55 19.00 4.23 -18.02
CA TRP F 55 18.85 5.56 -18.60
C TRP F 55 18.90 6.66 -17.56
N ASP F 56 18.34 6.40 -16.37
CA ASP F 56 18.34 7.39 -15.30
C ASP F 56 19.66 7.38 -14.54
N ASP F 57 20.58 6.54 -14.95
CA ASP F 57 21.89 6.45 -14.29
C ASP F 57 21.81 5.93 -12.87
N ASP F 58 20.84 5.04 -12.62
CA ASP F 58 20.66 4.41 -11.32
C ASP F 58 21.37 3.05 -11.34
N ASN F 59 22.48 3.01 -12.07
CA ASN F 59 23.31 1.82 -12.24
C ASN F 59 23.38 0.91 -11.00
N ARG F 60 23.47 -0.40 -11.27
CA ARG F 60 23.57 -1.41 -10.22
C ARG F 60 24.81 -2.27 -10.47
N TYR F 61 25.57 -2.60 -9.41
CA TYR F 61 26.80 -3.41 -9.55
C TYR F 61 26.78 -4.75 -8.83
N ASN F 62 27.46 -5.74 -9.41
CA ASN F 62 27.56 -7.04 -8.77
C ASN F 62 28.32 -6.82 -7.47
N PRO F 63 27.64 -6.96 -6.34
CA PRO F 63 28.24 -6.77 -5.02
C PRO F 63 29.62 -7.37 -4.89
N SER F 64 29.90 -8.45 -5.60
CA SER F 64 31.22 -9.05 -5.47
C SER F 64 32.36 -8.24 -6.06
N LEU F 65 32.05 -7.38 -7.03
CA LEU F 65 33.08 -6.58 -7.69
C LEU F 65 32.84 -5.08 -7.79
N LYS F 66 31.94 -4.54 -6.97
CA LYS F 66 31.67 -3.10 -7.03
C LYS F 66 32.95 -2.32 -6.84
N SER F 67 33.84 -2.82 -6.00
CA SER F 67 35.10 -2.16 -5.75
C SER F 67 36.01 -2.04 -6.96
N ARG F 68 35.82 -2.89 -7.97
CA ARG F 68 36.66 -2.84 -9.14
C ARG F 68 35.89 -2.50 -10.42
N LEU F 69 34.58 -2.27 -10.29
CA LEU F 69 33.78 -1.96 -11.44
C LEU F 69 33.38 -0.52 -11.50
N THR F 70 32.86 -0.11 -12.65
CA THR F 70 32.40 1.25 -12.89
C THR F 70 31.81 1.30 -14.27
N VAL F 71 30.55 1.69 -14.32
CA VAL F 71 29.80 1.75 -15.56
C VAL F 71 29.56 3.18 -15.98
N SER F 72 29.29 3.39 -17.27
CA SER F 72 29.03 4.72 -17.78
C SER F 72 28.57 4.71 -19.22
N LYS F 73 28.26 5.89 -19.74
CA LYS F 73 27.77 5.97 -21.09
C LYS F 73 28.22 7.23 -21.83
N ASP F 74 27.62 7.44 -23.00
CA ASP F 74 27.86 8.58 -23.86
C ASP F 74 26.66 8.46 -24.77
N THR F 75 25.52 8.83 -24.22
CA THR F 75 24.25 8.72 -24.91
C THR F 75 24.26 9.16 -26.35
N SER F 76 24.97 10.24 -26.64
CA SER F 76 25.04 10.77 -27.99
C SER F 76 25.75 9.84 -28.98
N ASN F 77 26.77 9.14 -28.50
CA ASN F 77 27.53 8.24 -29.33
C ASN F 77 27.02 6.83 -29.26
N ASN F 78 25.95 6.63 -28.50
CA ASN F 78 25.36 5.31 -28.37
C ASN F 78 26.36 4.30 -27.87
N GLN F 79 27.27 4.73 -27.02
CA GLN F 79 28.23 3.78 -26.53
C GLN F 79 27.97 3.58 -25.07
N ALA F 80 28.44 2.47 -24.52
CA ALA F 80 28.29 2.23 -23.11
C ALA F 80 29.62 1.65 -22.68
N PHE F 81 30.13 2.05 -21.52
CA PHE F 81 31.42 1.55 -21.12
C PHE F 81 31.37 0.84 -19.84
N LEU F 82 32.41 0.05 -19.61
CA LEU F 82 32.57 -0.71 -18.39
C LEU F 82 34.06 -0.71 -18.11
N ASN F 83 34.45 -0.21 -16.95
CA ASN F 83 35.86 -0.16 -16.57
C ASN F 83 36.14 -1.08 -15.42
N MET F 84 37.24 -1.83 -15.50
CA MET F 84 37.59 -2.72 -14.41
C MET F 84 38.97 -2.35 -13.90
N MET F 85 39.08 -2.11 -12.60
CA MET F 85 40.35 -1.73 -12.02
C MET F 85 41.03 -2.92 -11.40
N THR F 86 42.37 -2.89 -11.40
CA THR F 86 43.14 -3.97 -10.82
C THR F 86 42.56 -5.33 -11.16
N VAL F 87 42.88 -5.80 -12.36
CA VAL F 87 42.41 -7.08 -12.85
C VAL F 87 43.29 -8.23 -12.41
N GLU F 88 42.74 -9.42 -12.41
CA GLU F 88 43.48 -10.62 -12.04
C GLU F 88 43.17 -11.72 -13.03
N THR F 89 44.07 -12.69 -13.11
CA THR F 89 43.90 -13.82 -14.01
C THR F 89 42.43 -14.30 -14.01
N ALA F 90 41.86 -14.36 -12.81
CA ALA F 90 40.49 -14.80 -12.66
C ALA F 90 39.48 -13.98 -13.48
N ASP F 91 39.90 -12.80 -13.92
CA ASP F 91 39.02 -11.93 -14.70
C ASP F 91 39.05 -12.29 -16.18
N THR F 92 39.99 -13.14 -16.56
CA THR F 92 40.11 -13.54 -17.95
C THR F 92 38.81 -14.21 -18.31
N ALA F 93 38.09 -13.68 -19.30
CA ALA F 93 36.82 -14.25 -19.75
C ALA F 93 36.28 -13.50 -20.95
N ILE F 94 35.06 -13.83 -21.36
CA ILE F 94 34.45 -13.17 -22.49
C ILE F 94 33.37 -12.27 -21.91
N TYR F 95 33.39 -11.00 -22.29
CA TYR F 95 32.43 -10.05 -21.78
C TYR F 95 31.32 -9.71 -22.76
N TYR F 96 30.08 -9.80 -22.31
CA TYR F 96 28.96 -9.47 -23.19
C TYR F 96 28.26 -8.24 -22.69
N CYS F 97 27.84 -7.39 -23.62
CA CYS F 97 27.10 -6.22 -23.24
C CYS F 97 25.82 -6.46 -23.98
N ALA F 98 24.72 -6.55 -23.25
CA ALA F 98 23.44 -6.79 -23.85
C ALA F 98 22.48 -5.66 -23.56
N GLN F 99 21.59 -5.42 -24.51
CA GLN F 99 20.59 -4.37 -24.40
C GLN F 99 19.46 -4.80 -23.51
N SER F 100 19.45 -4.28 -22.30
CA SER F 100 18.43 -4.62 -21.32
C SER F 100 17.32 -3.58 -21.41
N ALA F 101 16.08 -4.00 -21.15
CA ALA F 101 14.97 -3.07 -21.24
C ALA F 101 13.79 -3.54 -20.43
N ILE F 102 13.21 -2.61 -19.66
CA ILE F 102 12.04 -2.91 -18.84
C ILE F 102 10.84 -2.58 -19.73
N THR F 103 10.11 -3.62 -20.13
CA THR F 103 8.96 -3.44 -21.02
C THR F 103 7.68 -3.00 -20.32
N SER F 104 7.29 -3.73 -19.29
CA SER F 104 6.07 -3.40 -18.56
C SER F 104 6.18 -3.59 -17.05
N VAL F 105 5.03 -3.52 -16.40
CA VAL F 105 4.95 -3.66 -14.95
C VAL F 105 5.53 -4.95 -14.43
N THR F 106 5.79 -5.90 -15.33
CA THR F 106 6.31 -7.21 -14.94
C THR F 106 7.46 -7.79 -15.75
N ASP F 107 7.66 -7.27 -16.96
CA ASP F 107 8.70 -7.80 -17.82
C ASP F 107 9.98 -6.94 -17.96
N SER F 108 11.10 -7.53 -17.60
CA SER F 108 12.39 -6.87 -17.71
C SER F 108 13.41 -7.92 -18.08
N ALA F 109 13.93 -7.84 -19.31
CA ALA F 109 14.92 -8.81 -19.75
C ALA F 109 15.98 -8.30 -20.74
N MET F 110 17.06 -9.08 -20.84
CA MET F 110 18.17 -8.77 -21.73
C MET F 110 17.80 -9.22 -23.14
N ASP F 111 16.93 -8.43 -23.78
CA ASP F 111 16.44 -8.70 -25.11
C ASP F 111 17.43 -9.01 -26.21
N HIS F 112 18.55 -8.29 -26.26
CA HIS F 112 19.53 -8.54 -27.31
C HIS F 112 20.94 -8.57 -26.78
N TRP F 113 21.70 -9.55 -27.24
CA TRP F 113 23.07 -9.64 -26.76
C TRP F 113 24.07 -9.32 -27.86
N GLY F 114 25.31 -9.17 -27.43
CA GLY F 114 26.41 -8.89 -28.34
C GLY F 114 27.12 -10.20 -28.55
N GLN F 115 28.28 -10.16 -29.19
CA GLN F 115 29.03 -11.37 -29.44
C GLN F 115 30.06 -11.57 -28.36
N GLY F 116 30.39 -10.46 -27.67
CA GLY F 116 31.37 -10.49 -26.59
C GLY F 116 32.82 -10.24 -26.98
N THR F 117 33.64 -9.84 -26.01
CA THR F 117 35.05 -9.58 -26.24
C THR F 117 35.82 -10.56 -25.39
N SER F 118 36.97 -11.02 -25.89
CA SER F 118 37.75 -11.95 -25.12
C SER F 118 38.87 -11.22 -24.42
N VAL F 119 38.66 -10.95 -23.14
CA VAL F 119 39.68 -10.28 -22.35
C VAL F 119 40.37 -11.35 -21.53
N THR F 120 41.70 -11.33 -21.55
CA THR F 120 42.51 -12.32 -20.84
C THR F 120 43.66 -11.64 -20.12
N VAL F 121 43.84 -11.96 -18.85
CA VAL F 121 44.90 -11.36 -18.05
C VAL F 121 46.12 -12.28 -18.03
N SER F 122 47.28 -11.78 -18.44
CA SER F 122 48.47 -12.62 -18.45
C SER F 122 49.74 -11.81 -18.69
N SER F 123 50.66 -11.92 -17.75
CA SER F 123 51.91 -11.20 -17.85
C SER F 123 52.71 -11.69 -19.06
N ALA F 124 52.32 -12.85 -19.56
CA ALA F 124 52.98 -13.49 -20.70
C ALA F 124 53.37 -12.54 -21.83
N LYS F 125 54.48 -12.87 -22.49
CA LYS F 125 54.98 -12.07 -23.59
C LYS F 125 54.79 -12.82 -24.92
N THR F 126 53.99 -12.26 -25.81
CA THR F 126 53.72 -12.88 -27.10
C THR F 126 54.86 -13.75 -27.64
N THR F 127 54.72 -15.06 -27.52
CA THR F 127 55.74 -15.98 -28.04
C THR F 127 55.12 -17.07 -28.94
N PRO F 128 55.79 -17.36 -30.07
CA PRO F 128 55.37 -18.34 -31.07
C PRO F 128 55.51 -19.72 -30.47
N PRO F 129 54.85 -20.71 -31.08
CA PRO F 129 54.90 -22.08 -30.58
C PRO F 129 56.01 -22.87 -31.26
N SER F 130 56.33 -24.01 -30.66
CA SER F 130 57.33 -24.93 -31.19
C SER F 130 56.51 -26.16 -31.54
N VAL F 131 56.56 -26.59 -32.80
CA VAL F 131 55.76 -27.75 -33.21
C VAL F 131 56.51 -29.08 -33.21
N TYR F 132 55.82 -30.12 -32.78
CA TYR F 132 56.42 -31.44 -32.74
C TYR F 132 55.42 -32.45 -33.27
N PRO F 133 55.89 -33.33 -34.16
CA PRO F 133 55.08 -34.38 -34.78
C PRO F 133 54.77 -35.53 -33.83
N LEU F 134 53.82 -36.37 -34.22
CA LEU F 134 53.45 -37.52 -33.39
C LEU F 134 53.28 -38.77 -34.27
N ALA F 135 54.29 -39.63 -34.29
CA ALA F 135 54.25 -40.84 -35.09
C ALA F 135 54.36 -42.07 -34.19
N PRO F 136 53.48 -43.07 -34.38
CA PRO F 136 53.49 -44.30 -33.56
C PRO F 136 54.74 -45.16 -33.77
N GLY F 137 55.14 -45.85 -32.71
CA GLY F 137 56.31 -46.72 -32.76
C GLY F 137 56.17 -47.85 -31.75
N SER F 138 56.94 -48.93 -31.93
CA SER F 138 56.88 -50.11 -31.03
C SER F 138 55.48 -50.75 -31.08
N ALA F 139 54.77 -50.40 -32.15
CA ALA F 139 53.40 -50.80 -32.51
C ALA F 139 53.31 -50.20 -33.93
N ALA F 140 54.40 -50.41 -34.66
CA ALA F 140 54.61 -49.96 -36.03
C ALA F 140 53.45 -49.48 -36.91
N GLN F 141 52.79 -50.36 -37.65
CA GLN F 141 51.68 -49.96 -38.54
C GLN F 141 50.74 -51.11 -38.90
N THR F 142 49.46 -50.79 -38.91
CA THR F 142 48.38 -51.73 -39.22
C THR F 142 47.76 -51.67 -40.63
N ASN F 143 47.38 -52.81 -41.16
CA ASN F 143 46.72 -52.82 -42.46
C ASN F 143 45.34 -52.16 -42.30
N SER F 144 45.22 -51.30 -41.30
CA SER F 144 43.97 -50.58 -41.00
C SER F 144 44.09 -49.05 -40.99
N MET F 145 43.68 -48.45 -39.88
CA MET F 145 43.68 -47.01 -39.70
C MET F 145 44.77 -46.60 -38.72
N VAL F 146 45.45 -45.50 -39.02
CA VAL F 146 46.51 -45.02 -38.17
C VAL F 146 46.15 -43.58 -37.76
N THR F 147 46.58 -43.18 -36.57
CA THR F 147 46.29 -41.84 -36.12
C THR F 147 47.57 -41.04 -35.93
N LEU F 148 47.74 -39.99 -36.73
CA LEU F 148 48.91 -39.14 -36.63
C LEU F 148 48.58 -37.90 -35.81
N GLY F 149 49.52 -37.47 -34.98
CA GLY F 149 49.25 -36.29 -34.18
C GLY F 149 50.26 -35.18 -34.35
N CYS F 150 49.88 -34.00 -33.87
CA CYS F 150 50.75 -32.85 -33.93
C CYS F 150 50.70 -32.19 -32.57
N LEU F 151 51.82 -31.63 -32.13
CA LEU F 151 51.85 -30.99 -30.83
C LEU F 151 52.32 -29.55 -30.96
N VAL F 152 51.50 -28.64 -30.44
CA VAL F 152 51.84 -27.21 -30.46
C VAL F 152 52.03 -26.83 -29.00
N LYS F 153 53.28 -26.58 -28.59
CA LYS F 153 53.58 -26.28 -27.20
C LYS F 153 54.24 -24.93 -26.92
N GLY F 154 53.76 -24.29 -25.85
CA GLY F 154 54.29 -23.00 -25.39
C GLY F 154 54.15 -21.72 -26.22
N TYR F 155 52.91 -21.32 -26.54
CA TYR F 155 52.69 -20.11 -27.33
C TYR F 155 51.73 -19.16 -26.64
N PHE F 156 51.85 -17.88 -26.97
CA PHE F 156 51.00 -16.84 -26.39
C PHE F 156 50.89 -15.65 -27.33
N PRO F 157 49.67 -15.16 -27.53
CA PRO F 157 48.49 -15.71 -26.89
C PRO F 157 47.68 -16.50 -27.89
N GLU F 158 46.51 -16.97 -27.45
CA GLU F 158 45.61 -17.69 -28.33
C GLU F 158 45.30 -16.74 -29.49
N PRO F 159 44.87 -17.27 -30.64
CA PRO F 159 44.65 -18.69 -30.90
C PRO F 159 45.71 -19.19 -31.89
N VAL F 160 45.43 -20.36 -32.48
CA VAL F 160 46.31 -20.97 -33.45
C VAL F 160 45.48 -21.55 -34.56
N THR F 161 46.04 -21.55 -35.77
CA THR F 161 45.33 -22.09 -36.92
C THR F 161 46.07 -23.35 -37.30
N VAL F 162 45.41 -24.49 -37.08
CA VAL F 162 45.99 -25.77 -37.40
C VAL F 162 45.17 -26.55 -38.41
N THR F 163 45.87 -27.05 -39.43
CA THR F 163 45.25 -27.82 -40.50
C THR F 163 46.15 -28.95 -40.98
N TRP F 164 45.58 -29.91 -41.68
CA TRP F 164 46.40 -31.01 -42.15
C TRP F 164 46.56 -31.02 -43.66
N ASN F 165 47.82 -31.13 -44.08
CA ASN F 165 48.16 -31.11 -45.48
C ASN F 165 47.47 -29.89 -46.06
N SER F 166 47.95 -28.71 -45.67
CA SER F 166 47.40 -27.42 -46.14
C SER F 166 45.92 -27.43 -46.53
N GLY F 167 45.09 -28.00 -45.67
CA GLY F 167 43.65 -28.05 -45.92
C GLY F 167 43.16 -29.29 -46.60
N SER F 168 44.04 -30.01 -47.29
CA SER F 168 43.70 -31.23 -48.02
C SER F 168 42.98 -32.28 -47.17
N LEU F 169 43.49 -32.48 -45.95
CA LEU F 169 42.94 -33.46 -45.01
C LEU F 169 42.01 -32.77 -44.01
N SER F 170 40.86 -33.37 -43.73
CA SER F 170 39.94 -32.76 -42.78
C SER F 170 38.82 -33.63 -42.20
N SER F 171 38.78 -34.91 -42.54
CA SER F 171 37.70 -35.75 -42.04
C SER F 171 37.91 -36.40 -40.67
N GLY F 172 39.11 -36.90 -40.44
CA GLY F 172 39.38 -37.54 -39.16
C GLY F 172 40.32 -36.69 -38.32
N VAL F 173 40.16 -35.38 -38.40
CA VAL F 173 41.01 -34.48 -37.64
C VAL F 173 40.35 -34.06 -36.35
N HIS F 174 41.17 -33.92 -35.30
CA HIS F 174 40.73 -33.49 -33.97
C HIS F 174 41.75 -32.54 -33.40
N THR F 175 41.38 -31.27 -33.38
CA THR F 175 42.24 -30.25 -32.84
C THR F 175 41.62 -29.99 -31.48
N PHE F 176 42.40 -30.20 -30.42
CA PHE F 176 41.89 -30.00 -29.07
C PHE F 176 42.10 -28.60 -28.54
N PRO F 177 41.21 -28.15 -27.67
CA PRO F 177 41.30 -26.82 -27.06
C PRO F 177 42.59 -26.79 -26.23
N ALA F 178 43.27 -25.64 -26.22
CA ALA F 178 44.54 -25.48 -25.52
C ALA F 178 44.36 -25.44 -24.03
N VAL F 179 45.47 -25.35 -23.33
CA VAL F 179 45.49 -25.27 -21.88
C VAL F 179 46.70 -24.45 -21.46
N LEU F 180 46.68 -24.00 -20.23
CA LEU F 180 47.76 -23.20 -19.71
C LEU F 180 48.79 -24.04 -18.97
N GLN F 181 50.04 -23.81 -19.33
CA GLN F 181 51.16 -24.51 -18.70
C GLN F 181 52.25 -23.48 -18.47
N SER F 182 52.50 -23.16 -17.21
CA SER F 182 53.52 -22.19 -16.85
C SER F 182 53.21 -20.89 -17.58
N ASP F 183 51.95 -20.47 -17.45
CA ASP F 183 51.49 -19.25 -18.08
C ASP F 183 51.97 -19.24 -19.53
N LEU F 184 51.47 -20.21 -20.29
CA LEU F 184 51.79 -20.40 -21.71
C LEU F 184 50.88 -21.46 -22.31
N TYR F 185 50.36 -21.18 -23.49
CA TYR F 185 49.43 -22.10 -24.13
C TYR F 185 50.03 -23.33 -24.83
N THR F 186 49.36 -24.46 -24.70
CA THR F 186 49.78 -25.71 -25.30
C THR F 186 48.60 -26.51 -25.81
N LEU F 187 48.73 -27.07 -27.01
CA LEU F 187 47.65 -27.88 -27.58
C LEU F 187 48.12 -28.79 -28.70
N SER F 188 47.29 -29.80 -28.95
CA SER F 188 47.57 -30.80 -29.96
C SER F 188 46.36 -31.17 -30.81
N SER F 189 46.63 -31.73 -31.97
CA SER F 189 45.59 -32.14 -32.88
C SER F 189 45.96 -33.54 -33.33
N SER F 190 44.95 -34.35 -33.66
CA SER F 190 45.23 -35.70 -34.09
C SER F 190 44.40 -36.02 -35.29
N VAL F 191 45.08 -36.30 -36.39
CA VAL F 191 44.44 -36.66 -37.64
C VAL F 191 44.52 -38.17 -37.83
N THR F 192 43.49 -38.75 -38.41
CA THR F 192 43.47 -40.18 -38.63
C THR F 192 43.18 -40.59 -40.07
N VAL F 193 44.15 -41.30 -40.64
CA VAL F 193 44.08 -41.76 -42.02
C VAL F 193 44.28 -43.27 -42.11
N PRO F 194 43.74 -43.89 -43.17
CA PRO F 194 43.89 -45.34 -43.36
C PRO F 194 45.37 -45.61 -43.63
N SER F 195 45.87 -46.72 -43.14
CA SER F 195 47.28 -47.01 -43.33
C SER F 195 47.65 -47.00 -44.80
N SER F 196 46.75 -47.48 -45.63
CA SER F 196 47.02 -47.53 -47.06
C SER F 196 47.57 -46.21 -47.60
N THR F 197 47.43 -45.15 -46.82
CA THR F 197 47.91 -43.82 -47.24
C THR F 197 49.23 -43.36 -46.65
N TRP F 198 49.33 -43.37 -45.33
CA TRP F 198 50.56 -42.96 -44.70
C TRP F 198 51.41 -44.20 -44.42
N PRO F 199 52.73 -44.14 -44.63
CA PRO F 199 53.63 -43.07 -45.12
C PRO F 199 53.55 -42.78 -46.62
N SER F 200 53.11 -43.78 -47.37
CA SER F 200 52.95 -43.71 -48.83
C SER F 200 52.79 -42.29 -49.36
N GLU F 201 51.83 -41.59 -48.78
CA GLU F 201 51.51 -40.22 -49.19
C GLU F 201 51.69 -39.25 -48.03
N THR F 202 52.77 -38.47 -48.08
CA THR F 202 53.12 -37.47 -47.07
C THR F 202 51.95 -36.88 -46.28
N VAL F 203 52.23 -36.57 -45.02
CA VAL F 203 51.22 -35.95 -44.14
C VAL F 203 51.93 -34.87 -43.34
N THR F 204 51.40 -33.66 -43.43
CA THR F 204 52.01 -32.54 -42.74
C THR F 204 51.05 -31.74 -41.86
N CYS F 205 51.61 -31.23 -40.77
CA CYS F 205 50.90 -30.43 -39.79
C CYS F 205 51.07 -28.95 -40.09
N ASN F 206 49.95 -28.26 -40.31
CA ASN F 206 49.98 -26.84 -40.60
C ASN F 206 49.66 -26.02 -39.36
N VAL F 207 50.65 -25.32 -38.81
CA VAL F 207 50.42 -24.51 -37.62
C VAL F 207 50.69 -23.04 -37.84
N ALA F 208 49.67 -22.22 -37.55
CA ALA F 208 49.74 -20.78 -37.68
C ALA F 208 49.41 -20.04 -36.37
N HIS F 209 50.20 -19.02 -36.08
CA HIS F 209 50.05 -18.21 -34.88
C HIS F 209 50.08 -16.74 -35.26
N PRO F 210 48.93 -16.18 -35.65
CA PRO F 210 48.81 -14.78 -36.04
C PRO F 210 49.73 -13.88 -35.25
N ALA F 211 49.41 -13.71 -33.98
CA ALA F 211 50.16 -12.86 -33.06
C ALA F 211 51.65 -12.75 -33.25
N SER F 212 52.32 -13.87 -33.49
CA SER F 212 53.78 -13.83 -33.67
C SER F 212 54.20 -13.73 -35.12
N SER F 213 53.19 -13.72 -36.00
CA SER F 213 53.40 -13.65 -37.44
C SER F 213 54.27 -14.82 -37.87
N THR F 214 53.88 -16.02 -37.43
CA THR F 214 54.63 -17.22 -37.76
C THR F 214 53.74 -18.29 -38.37
N LYS F 215 54.33 -19.05 -39.27
CA LYS F 215 53.64 -20.14 -39.95
C LYS F 215 54.69 -21.22 -39.98
N VAL F 216 54.27 -22.46 -39.75
CA VAL F 216 55.22 -23.55 -39.77
C VAL F 216 54.52 -24.87 -40.04
N ASP F 217 55.18 -25.72 -40.83
CA ASP F 217 54.66 -27.02 -41.20
C ASP F 217 55.58 -28.10 -40.66
N LYS F 218 55.00 -29.22 -40.24
CA LYS F 218 55.80 -30.33 -39.73
C LYS F 218 55.46 -31.64 -40.42
N LYS F 219 56.46 -32.29 -41.02
CA LYS F 219 56.23 -33.55 -41.73
C LYS F 219 56.22 -34.72 -40.76
N ILE F 220 55.15 -35.52 -40.79
CA ILE F 220 55.04 -36.66 -39.89
C ILE F 220 55.81 -37.85 -40.45
N VAL F 221 57.10 -37.92 -40.12
CA VAL F 221 57.92 -39.03 -40.57
C VAL F 221 57.67 -40.18 -39.60
N PRO F 222 57.42 -41.38 -40.14
CA PRO F 222 57.17 -42.56 -39.31
C PRO F 222 58.29 -42.85 -38.31
N ALA F 223 57.95 -43.60 -37.27
CA ALA F 223 58.90 -43.96 -36.23
C ALA F 223 60.06 -44.78 -36.77
N ASP F 224 61.28 -44.43 -36.38
CA ASP F 224 62.48 -45.12 -36.83
C ASP F 224 62.65 -46.55 -36.25
N CYS F 225 62.68 -46.67 -34.93
CA CYS F 225 62.84 -47.98 -34.27
C CYS F 225 61.51 -48.66 -33.93
MG MG G . -46.81 -5.84 -1.16
#